data_2LDR
#
_entry.id   2LDR
#
loop_
_entity.id
_entity.type
_entity.pdbx_description
1 polymer 'E3 ubiquitin-protein ligase CBL-B'
2 non-polymer 'ZINC ION'
#
_entity_poly.entity_id   1
_entity_poly.type   'polypeptide(L)'
_entity_poly.pdbx_seq_one_letter_code
;GPHMGSDHIKVTQEQYEL(PTR)CEMGSTFQLCKICAENDKDVKIEPCGHLMCTSCLTAWQESDGQGCPFCRCEIKGTEP
IIVDPF
;
_entity_poly.pdbx_strand_id   A
#
loop_
_chem_comp.id
_chem_comp.type
_chem_comp.name
_chem_comp.formula
ZN non-polymer 'ZINC ION' 'Zn 2'
#
# COMPACT_ATOMS: atom_id res chain seq x y z
N GLY A 1 -9.24 -2.07 -14.59
CA GLY A 1 -10.45 -2.73 -15.08
C GLY A 1 -10.62 -4.10 -14.44
N PRO A 2 -9.59 -4.97 -14.67
CA PRO A 2 -9.61 -6.32 -14.13
C PRO A 2 -9.32 -6.31 -12.63
N HIS A 3 -9.36 -7.50 -12.04
CA HIS A 3 -9.11 -7.64 -10.62
C HIS A 3 -10.28 -7.05 -9.83
N MET A 4 -11.48 -7.42 -10.24
CA MET A 4 -12.68 -6.95 -9.59
C MET A 4 -12.56 -7.04 -8.06
N GLY A 5 -12.68 -8.27 -7.57
CA GLY A 5 -12.57 -8.52 -6.14
C GLY A 5 -11.24 -8.02 -5.60
N SER A 6 -11.07 -8.18 -4.29
CA SER A 6 -9.85 -7.76 -3.63
C SER A 6 -8.85 -8.91 -3.59
N ASP A 7 -7.61 -8.59 -3.92
CA ASP A 7 -6.55 -9.59 -3.92
C ASP A 7 -6.09 -9.85 -2.48
N HIS A 8 -5.21 -10.82 -2.34
CA HIS A 8 -4.69 -11.18 -1.04
C HIS A 8 -3.16 -11.28 -1.11
N ILE A 9 -2.51 -10.55 -0.22
CA ILE A 9 -1.06 -10.53 -0.16
C ILE A 9 -0.60 -11.22 1.12
N LYS A 10 0.57 -11.86 1.03
CA LYS A 10 1.13 -12.55 2.18
C LYS A 10 2.40 -11.83 2.64
N VAL A 11 2.48 -11.63 3.95
CA VAL A 11 3.63 -10.95 4.53
C VAL A 11 4.72 -11.98 4.84
N THR A 12 5.96 -11.52 4.75
CA THR A 12 7.09 -12.39 5.02
C THR A 12 7.83 -11.93 6.28
N GLN A 13 8.43 -12.90 6.96
CA GLN A 13 9.17 -12.60 8.18
C GLN A 13 10.16 -11.47 7.94
N GLU A 14 10.69 -11.44 6.72
CA GLU A 14 11.66 -10.42 6.35
C GLU A 14 11.05 -9.03 6.56
N GLN A 15 9.88 -8.83 5.99
CA GLN A 15 9.20 -7.55 6.09
C GLN A 15 9.00 -7.18 7.56
N TYR A 16 8.17 -7.97 8.24
CA TYR A 16 7.89 -7.73 9.65
C TYR A 16 9.17 -7.44 10.42
N GLU A 17 10.19 -8.25 10.15
CA GLU A 17 11.48 -8.08 10.81
C GLU A 17 12.07 -6.72 10.47
N LEU A 18 11.97 -6.36 9.21
CA LEU A 18 12.48 -5.08 8.74
C LEU A 18 11.78 -3.94 9.48
N PTR A 19 10.45 -4.02 9.49
CA PTR A 19 9.63 -3.01 10.16
C PTR A 19 9.67 -3.20 11.67
O PTR A 19 9.26 -2.29 12.39
CB PTR A 19 8.19 -3.10 9.65
CG PTR A 19 7.95 -2.32 8.38
CD1 PTR A 19 8.65 -2.62 7.22
CD2 PTR A 19 7.02 -1.28 8.33
CE1 PTR A 19 8.44 -1.91 6.05
CE2 PTR A 19 6.80 -0.57 7.17
CZ PTR A 19 7.51 -0.89 6.03
OH PTR A 19 7.28 -0.15 4.82
P PTR A 19 5.79 -0.05 4.19
O1P PTR A 19 5.44 1.44 4.17
O2P PTR A 19 4.89 -0.85 5.11
O3P PTR A 19 5.88 -0.65 2.80
H PTR A 19 10.02 -4.78 9.04
HA PTR A 19 10.04 -2.05 9.91
HB2 PTR A 19 7.94 -4.13 9.47
HB3 PTR A 19 7.53 -2.70 10.41
HD1 PTR A 19 9.37 -3.42 7.24
HD2 PTR A 19 6.47 -1.04 9.23
HE1 PTR A 19 8.98 -2.16 5.16
HE2 PTR A 19 6.08 0.23 7.15
N CYS A 20 10.14 -4.36 12.11
CA CYS A 20 10.22 -4.64 13.53
C CYS A 20 11.22 -3.67 14.16
N GLU A 21 12.26 -3.38 13.41
CA GLU A 21 13.30 -2.48 13.88
C GLU A 21 12.75 -1.05 13.96
N MET A 22 11.55 -0.88 13.46
CA MET A 22 10.90 0.42 13.48
C MET A 22 9.78 0.47 14.53
N GLY A 23 9.12 -0.66 14.69
CA GLY A 23 8.04 -0.76 15.66
C GLY A 23 6.69 -0.41 15.01
N SER A 24 6.46 -0.99 13.85
CA SER A 24 5.23 -0.74 13.12
C SER A 24 4.76 -2.02 12.42
N THR A 25 3.71 -1.88 11.65
CA THR A 25 3.15 -3.01 10.92
C THR A 25 3.05 -2.69 9.43
N PHE A 26 3.35 -3.69 8.61
CA PHE A 26 3.28 -3.52 7.17
C PHE A 26 1.89 -3.06 6.73
N GLN A 27 0.94 -3.98 6.83
CA GLN A 27 -0.42 -3.68 6.45
C GLN A 27 -0.80 -2.26 6.87
N LEU A 28 -0.18 -1.81 7.95
CA LEU A 28 -0.42 -0.47 8.46
C LEU A 28 0.20 0.56 7.52
N CYS A 29 -0.64 1.46 7.03
CA CYS A 29 -0.20 2.51 6.12
C CYS A 29 0.87 3.37 6.76
N LYS A 30 1.94 3.65 6.01
CA LYS A 30 3.02 4.46 6.52
C LYS A 30 2.83 5.91 6.06
N ILE A 31 1.57 6.30 5.93
CA ILE A 31 1.24 7.64 5.49
C ILE A 31 0.55 8.39 6.64
N CYS A 32 -0.56 7.85 7.08
CA CYS A 32 -1.31 8.44 8.17
C CYS A 32 -1.15 7.58 9.42
N ALA A 33 -0.64 6.37 9.19
CA ALA A 33 -0.43 5.44 10.28
C ALA A 33 -1.68 5.38 11.14
N GLU A 34 -2.83 5.36 10.47
CA GLU A 34 -4.10 5.31 11.17
C GLU A 34 -4.90 4.09 10.71
N ASN A 35 -4.86 3.85 9.41
CA ASN A 35 -5.58 2.72 8.84
C ASN A 35 -4.60 1.86 8.04
N ASP A 36 -5.09 0.70 7.62
CA ASP A 36 -4.27 -0.22 6.84
C ASP A 36 -4.17 0.28 5.40
N LYS A 37 -3.38 -0.42 4.62
CA LYS A 37 -3.19 -0.06 3.22
C LYS A 37 -4.44 -0.43 2.42
N ASP A 38 -4.72 -1.72 2.40
CA ASP A 38 -5.88 -2.22 1.68
C ASP A 38 -5.77 -1.85 0.21
N VAL A 39 -4.52 -1.69 -0.23
CA VAL A 39 -4.25 -1.35 -1.61
C VAL A 39 -2.82 -1.74 -1.96
N LYS A 40 -2.51 -1.64 -3.25
CA LYS A 40 -1.18 -1.99 -3.73
C LYS A 40 -0.89 -1.23 -5.02
N ILE A 41 0.35 -0.79 -5.16
CA ILE A 41 0.77 -0.05 -6.34
C ILE A 41 1.61 -0.96 -7.23
N GLU A 42 1.29 -0.92 -8.52
CA GLU A 42 2.01 -1.74 -9.49
C GLU A 42 2.29 -0.93 -10.76
N PRO A 43 3.28 -1.43 -11.55
CA PRO A 43 3.98 -2.65 -11.19
C PRO A 43 4.98 -2.39 -10.06
N CYS A 44 5.11 -1.11 -9.71
CA CYS A 44 6.02 -0.70 -8.65
C CYS A 44 6.04 -1.72 -7.52
N GLY A 45 5.00 -1.70 -6.69
CA GLY A 45 4.90 -2.62 -5.58
C GLY A 45 4.88 -1.88 -4.24
N HIS A 46 4.24 -0.72 -4.27
CA HIS A 46 4.14 0.11 -3.07
C HIS A 46 2.71 0.02 -2.52
N LEU A 47 2.63 -0.23 -1.22
CA LEU A 47 1.34 -0.34 -0.55
C LEU A 47 1.06 0.96 0.19
N MET A 48 -0.23 1.20 0.42
CA MET A 48 -0.66 2.40 1.12
C MET A 48 -2.17 2.37 1.40
N CYS A 49 -2.62 3.39 2.11
CA CYS A 49 -4.02 3.49 2.45
C CYS A 49 -4.72 4.35 1.39
N THR A 50 -5.62 3.71 0.65
CA THR A 50 -6.35 4.41 -0.40
C THR A 50 -6.92 5.72 0.13
N SER A 51 -7.70 5.61 1.19
CA SER A 51 -8.31 6.78 1.80
C SER A 51 -7.27 7.89 1.95
N CYS A 52 -6.01 7.48 2.04
CA CYS A 52 -4.92 8.43 2.18
C CYS A 52 -4.47 8.87 0.79
N LEU A 53 -4.39 7.88 -0.11
CA LEU A 53 -3.98 8.15 -1.47
C LEU A 53 -4.76 9.35 -2.01
N THR A 54 -6.08 9.23 -1.93
CA THR A 54 -6.95 10.30 -2.41
C THR A 54 -6.45 11.65 -1.92
N ALA A 55 -5.93 11.66 -0.70
CA ALA A 55 -5.41 12.88 -0.11
C ALA A 55 -4.23 13.39 -0.94
N TRP A 56 -3.42 12.45 -1.39
CA TRP A 56 -2.26 12.77 -2.20
C TRP A 56 -2.75 13.27 -3.56
N GLN A 57 -3.60 12.46 -4.18
CA GLN A 57 -4.15 12.81 -5.47
C GLN A 57 -4.98 14.09 -5.38
N GLU A 58 -5.33 14.43 -4.14
CA GLU A 58 -6.12 15.62 -3.90
C GLU A 58 -5.21 16.85 -3.76
N SER A 59 -3.93 16.58 -3.66
CA SER A 59 -2.95 17.65 -3.53
C SER A 59 -2.08 17.72 -4.79
N ASP A 60 -2.02 16.61 -5.50
CA ASP A 60 -1.24 16.53 -6.72
C ASP A 60 -1.84 15.46 -7.64
N GLY A 61 -1.37 14.24 -7.45
CA GLY A 61 -1.85 13.12 -8.25
C GLY A 61 -0.78 12.65 -9.24
N GLN A 62 0.46 12.78 -8.80
CA GLN A 62 1.59 12.37 -9.64
C GLN A 62 1.95 10.91 -9.36
N GLY A 63 1.17 10.02 -9.95
CA GLY A 63 1.40 8.60 -9.78
C GLY A 63 1.69 8.26 -8.32
N CYS A 64 2.32 7.11 -8.12
CA CYS A 64 2.66 6.67 -6.78
C CYS A 64 3.51 7.76 -6.10
N PRO A 65 3.04 8.19 -4.90
CA PRO A 65 3.73 9.23 -4.16
C PRO A 65 4.99 8.67 -3.50
N PHE A 66 5.20 7.37 -3.68
CA PHE A 66 6.36 6.70 -3.11
C PHE A 66 7.54 6.75 -4.08
N CYS A 67 7.23 6.60 -5.35
CA CYS A 67 8.26 6.62 -6.38
C CYS A 67 7.93 7.76 -7.36
N ARG A 68 6.97 8.58 -6.96
CA ARG A 68 6.56 9.71 -7.78
C ARG A 68 6.56 9.31 -9.26
N CYS A 69 5.92 8.19 -9.54
CA CYS A 69 5.84 7.69 -10.90
C CYS A 69 4.41 7.18 -11.14
N GLU A 70 3.97 7.29 -12.38
CA GLU A 70 2.64 6.85 -12.76
C GLU A 70 2.42 5.41 -12.31
N ILE A 71 1.15 5.05 -12.19
CA ILE A 71 0.78 3.70 -11.77
C ILE A 71 0.09 2.99 -12.93
N LYS A 72 0.31 1.67 -12.99
CA LYS A 72 -0.29 0.86 -14.03
C LYS A 72 -1.29 -0.11 -13.41
N GLY A 73 -0.86 -0.73 -12.30
CA GLY A 73 -1.70 -1.68 -11.60
C GLY A 73 -2.14 -1.13 -10.24
N THR A 74 -3.45 -1.17 -10.02
CA THR A 74 -4.01 -0.67 -8.77
C THR A 74 -5.36 -1.34 -8.50
N GLU A 75 -5.55 -1.73 -7.25
CA GLU A 75 -6.79 -2.38 -6.85
C GLU A 75 -6.83 -2.56 -5.33
N PRO A 76 -8.07 -2.66 -4.79
CA PRO A 76 -8.25 -2.84 -3.37
C PRO A 76 -7.92 -4.28 -2.94
N ILE A 77 -6.73 -4.42 -2.37
CA ILE A 77 -6.28 -5.73 -1.92
C ILE A 77 -6.41 -5.80 -0.39
N ILE A 78 -6.26 -7.02 0.12
CA ILE A 78 -6.36 -7.25 1.55
C ILE A 78 -4.99 -7.70 2.08
N VAL A 79 -4.38 -6.83 2.87
CA VAL A 79 -3.08 -7.14 3.45
C VAL A 79 -3.27 -8.10 4.63
N ASP A 80 -2.38 -9.09 4.67
CA ASP A 80 -2.43 -10.09 5.73
C ASP A 80 -1.03 -10.26 6.33
N PRO A 81 -0.98 -10.23 7.69
CA PRO A 81 0.28 -10.38 8.39
C PRO A 81 0.75 -11.84 8.37
N PHE A 82 1.93 -12.05 8.94
CA PHE A 82 2.49 -13.39 8.99
C PHE A 82 2.51 -13.92 10.43
ZN ZN B . -4.46 5.35 6.24
ZN ZN C . 5.40 3.46 -5.69
N GLY A 1 -4.16 -1.89 -16.60
CA GLY A 1 -3.31 -2.85 -17.29
C GLY A 1 -3.59 -4.27 -16.81
N PRO A 2 -3.36 -4.47 -15.48
CA PRO A 2 -3.57 -5.78 -14.87
C PRO A 2 -5.07 -6.06 -14.70
N HIS A 3 -5.36 -7.25 -14.19
CA HIS A 3 -6.74 -7.66 -13.96
C HIS A 3 -7.30 -6.92 -12.75
N MET A 4 -8.52 -7.29 -12.39
CA MET A 4 -9.19 -6.68 -11.25
C MET A 4 -9.51 -7.71 -10.18
N GLY A 5 -10.07 -7.23 -9.08
CA GLY A 5 -10.43 -8.09 -7.97
C GLY A 5 -9.51 -7.88 -6.78
N SER A 6 -10.02 -8.19 -5.60
CA SER A 6 -9.25 -8.03 -4.38
C SER A 6 -8.21 -9.15 -4.26
N ASP A 7 -6.96 -8.73 -4.11
CA ASP A 7 -5.87 -9.68 -3.99
C ASP A 7 -5.64 -10.00 -2.52
N HIS A 8 -4.81 -11.02 -2.28
CA HIS A 8 -4.50 -11.43 -0.93
C HIS A 8 -2.99 -11.42 -0.72
N ILE A 9 -2.54 -10.54 0.15
CA ILE A 9 -1.12 -10.41 0.45
C ILE A 9 -0.83 -11.08 1.79
N LYS A 10 0.33 -11.72 1.85
CA LYS A 10 0.74 -12.41 3.07
C LYS A 10 2.11 -11.89 3.49
N VAL A 11 2.15 -11.29 4.68
CA VAL A 11 3.39 -10.75 5.21
C VAL A 11 4.35 -11.90 5.50
N THR A 12 5.64 -11.57 5.48
CA THR A 12 6.67 -12.56 5.74
C THR A 12 7.59 -12.09 6.85
N GLN A 13 8.32 -13.04 7.43
CA GLN A 13 9.24 -12.74 8.50
C GLN A 13 10.25 -11.67 8.05
N GLU A 14 10.66 -11.79 6.81
CA GLU A 14 11.62 -10.85 6.25
C GLU A 14 11.11 -9.42 6.41
N GLN A 15 9.80 -9.28 6.37
CA GLN A 15 9.18 -7.97 6.50
C GLN A 15 9.03 -7.62 7.98
N TYR A 16 8.16 -8.38 8.66
CA TYR A 16 7.93 -8.16 10.08
C TYR A 16 9.23 -7.87 10.82
N GLU A 17 10.28 -8.54 10.38
CA GLU A 17 11.59 -8.37 11.00
C GLU A 17 12.12 -6.95 10.75
N LEU A 18 12.30 -6.65 9.47
CA LEU A 18 12.81 -5.34 9.08
C LEU A 18 11.94 -4.26 9.71
N PTR A 19 10.67 -4.60 9.91
CA PTR A 19 9.71 -3.68 10.51
C PTR A 19 9.76 -3.75 12.03
O PTR A 19 9.33 -2.81 12.70
CB PTR A 19 8.29 -4.00 10.01
CG PTR A 19 8.03 -3.57 8.59
CD1 PTR A 19 6.93 -2.78 8.27
CD2 PTR A 19 8.89 -3.95 7.57
CE1 PTR A 19 6.69 -2.38 6.97
CE2 PTR A 19 8.65 -3.55 6.26
CZ PTR A 19 7.56 -2.77 5.97
OH PTR A 19 7.30 -2.36 4.62
P PTR A 19 7.08 -0.79 4.26
O1P PTR A 19 8.33 -0.33 3.55
O2P PTR A 19 6.86 -0.09 5.59
O3P PTR A 19 5.84 -0.74 3.36
H PTR A 19 10.36 -5.50 9.64
HA PTR A 19 9.97 -2.68 10.19
HB2 PTR A 19 8.13 -5.06 10.08
HB3 PTR A 19 7.58 -3.49 10.65
HD1 PTR A 19 6.26 -2.48 9.06
HD2 PTR A 19 9.74 -4.56 7.79
HE1 PTR A 19 5.83 -1.78 6.75
HE2 PTR A 19 9.32 -3.86 5.48
N CYS A 20 10.27 -4.86 12.54
CA CYS A 20 10.38 -5.04 13.98
C CYS A 20 11.38 -4.03 14.52
N GLU A 21 12.29 -3.61 13.64
CA GLU A 21 13.31 -2.64 14.01
C GLU A 21 12.69 -1.27 14.23
N MET A 22 11.52 -1.08 13.65
CA MET A 22 10.81 0.19 13.76
C MET A 22 9.66 0.08 14.76
N GLY A 23 9.13 -1.13 14.88
CA GLY A 23 8.02 -1.38 15.80
C GLY A 23 6.68 -1.11 15.12
N SER A 24 6.60 -1.52 13.86
CA SER A 24 5.38 -1.34 13.09
C SER A 24 5.09 -2.58 12.25
N THR A 25 3.98 -2.53 11.54
CA THR A 25 3.58 -3.65 10.69
C THR A 25 3.63 -3.24 9.22
N PHE A 26 3.29 -4.19 8.36
CA PHE A 26 3.29 -3.95 6.93
C PHE A 26 1.96 -3.32 6.49
N GLN A 27 0.90 -4.11 6.60
CA GLN A 27 -0.41 -3.65 6.23
C GLN A 27 -0.62 -2.19 6.64
N LEU A 28 0.02 -1.83 7.74
CA LEU A 28 -0.08 -0.48 8.26
C LEU A 28 0.60 0.48 7.28
N CYS A 29 -0.07 1.61 7.05
CA CYS A 29 0.45 2.63 6.13
C CYS A 29 1.51 3.47 6.81
N LYS A 30 2.65 3.64 6.14
CA LYS A 30 3.73 4.43 6.69
C LYS A 30 3.54 5.89 6.31
N ILE A 31 2.35 6.18 5.79
CA ILE A 31 2.03 7.54 5.37
C ILE A 31 1.13 8.18 6.43
N CYS A 32 0.20 7.39 6.93
CA CYS A 32 -0.73 7.87 7.95
C CYS A 32 -0.40 7.18 9.27
N ALA A 33 0.01 5.92 9.16
CA ALA A 33 0.38 5.15 10.34
C ALA A 33 -0.80 5.14 11.31
N GLU A 34 -2.00 5.10 10.75
CA GLU A 34 -3.21 5.08 11.54
C GLU A 34 -4.16 3.98 11.06
N ASN A 35 -4.29 3.89 9.74
CA ASN A 35 -5.16 2.90 9.14
C ASN A 35 -4.31 1.91 8.34
N ASP A 36 -4.99 0.98 7.68
CA ASP A 36 -4.32 -0.02 6.88
C ASP A 36 -4.32 0.41 5.42
N LYS A 37 -3.38 -0.15 4.66
CA LYS A 37 -3.27 0.17 3.25
C LYS A 37 -4.58 -0.18 2.54
N ASP A 38 -4.91 -1.46 2.57
CA ASP A 38 -6.13 -1.93 1.93
C ASP A 38 -6.08 -1.60 0.44
N VAL A 39 -4.87 -1.51 -0.07
CA VAL A 39 -4.68 -1.19 -1.48
C VAL A 39 -3.30 -1.68 -1.92
N LYS A 40 -3.06 -1.58 -3.22
CA LYS A 40 -1.78 -2.00 -3.78
C LYS A 40 -1.55 -1.27 -5.11
N ILE A 41 -0.32 -0.82 -5.28
CA ILE A 41 0.05 -0.10 -6.49
C ILE A 41 0.80 -1.06 -7.44
N GLU A 42 0.38 -1.04 -8.69
CA GLU A 42 0.99 -1.89 -9.70
C GLU A 42 1.19 -1.12 -11.00
N PRO A 43 2.10 -1.66 -11.86
CA PRO A 43 2.80 -2.88 -11.53
C PRO A 43 3.90 -2.62 -10.49
N CYS A 44 4.06 -1.34 -10.17
CA CYS A 44 5.06 -0.92 -9.19
C CYS A 44 5.17 -1.93 -8.05
N GLY A 45 4.20 -1.89 -7.14
CA GLY A 45 4.19 -2.80 -6.01
C GLY A 45 4.29 -2.04 -4.68
N HIS A 46 3.67 -0.86 -4.67
CA HIS A 46 3.69 -0.03 -3.48
C HIS A 46 2.29 -0.03 -2.84
N LEU A 47 2.27 -0.34 -1.55
CA LEU A 47 1.01 -0.37 -0.82
C LEU A 47 0.82 0.96 -0.08
N MET A 48 -0.44 1.24 0.24
CA MET A 48 -0.76 2.47 0.95
C MET A 48 -2.25 2.50 1.32
N CYS A 49 -2.62 3.55 2.05
CA CYS A 49 -3.99 3.71 2.48
C CYS A 49 -4.68 4.67 1.51
N THR A 50 -5.67 4.14 0.80
CA THR A 50 -6.42 4.95 -0.15
C THR A 50 -6.81 6.29 0.47
N SER A 51 -7.58 6.21 1.54
CA SER A 51 -8.01 7.40 2.24
C SER A 51 -6.89 8.44 2.29
N CYS A 52 -5.67 7.93 2.29
CA CYS A 52 -4.51 8.79 2.33
C CYS A 52 -4.15 9.20 0.90
N LEU A 53 -3.99 8.19 0.05
CA LEU A 53 -3.67 8.43 -1.34
C LEU A 53 -4.51 9.59 -1.87
N THR A 54 -5.83 9.45 -1.73
CA THR A 54 -6.75 10.47 -2.18
C THR A 54 -6.27 11.85 -1.74
N ALA A 55 -5.73 11.90 -0.54
CA ALA A 55 -5.22 13.15 0.01
C ALA A 55 -4.06 13.64 -0.85
N TRP A 56 -3.24 12.70 -1.29
CA TRP A 56 -2.09 13.01 -2.11
C TRP A 56 -2.59 13.61 -3.42
N GLN A 57 -3.58 12.95 -3.99
CA GLN A 57 -4.16 13.41 -5.24
C GLN A 57 -4.71 14.83 -5.09
N GLU A 58 -5.25 15.08 -3.91
CA GLU A 58 -5.83 16.39 -3.61
C GLU A 58 -4.71 17.41 -3.39
N SER A 59 -3.48 16.93 -3.45
CA SER A 59 -2.32 17.78 -3.26
C SER A 59 -1.52 17.89 -4.56
N ASP A 60 -1.70 16.88 -5.40
CA ASP A 60 -1.00 16.83 -6.68
C ASP A 60 -1.73 15.87 -7.62
N GLY A 61 -1.50 14.59 -7.40
CA GLY A 61 -2.13 13.57 -8.22
C GLY A 61 -1.16 13.04 -9.28
N GLN A 62 0.11 13.03 -8.93
CA GLN A 62 1.15 12.56 -9.83
C GLN A 62 1.43 11.08 -9.59
N GLY A 63 0.52 10.25 -10.08
CA GLY A 63 0.66 8.81 -9.94
C GLY A 63 1.08 8.44 -8.52
N CYS A 64 1.67 7.27 -8.39
CA CYS A 64 2.12 6.79 -7.10
C CYS A 64 3.08 7.83 -6.51
N PRO A 65 2.76 8.25 -5.25
CA PRO A 65 3.59 9.23 -4.56
C PRO A 65 4.90 8.62 -4.07
N PHE A 66 5.05 7.33 -4.36
CA PHE A 66 6.24 6.61 -3.95
C PHE A 66 7.28 6.59 -5.07
N CYS A 67 6.78 6.48 -6.30
CA CYS A 67 7.65 6.45 -7.46
C CYS A 67 7.25 7.59 -8.40
N ARG A 68 6.42 8.48 -7.86
CA ARG A 68 5.95 9.62 -8.64
C ARG A 68 5.68 9.20 -10.08
N CYS A 69 5.29 7.94 -10.24
CA CYS A 69 4.99 7.41 -11.56
C CYS A 69 3.50 7.10 -11.62
N GLU A 70 2.95 7.20 -12.84
CA GLU A 70 1.54 6.92 -13.04
C GLU A 70 1.20 5.52 -12.55
N ILE A 71 -0.04 5.39 -12.09
CA ILE A 71 -0.52 4.11 -11.58
C ILE A 71 -1.32 3.39 -12.68
N LYS A 72 -1.06 2.11 -12.82
CA LYS A 72 -1.75 1.30 -13.82
C LYS A 72 -2.62 0.26 -13.10
N GLY A 73 -1.98 -0.52 -12.25
CA GLY A 73 -2.67 -1.55 -11.51
C GLY A 73 -3.09 -1.06 -10.12
N THR A 74 -4.37 -1.23 -9.82
CA THR A 74 -4.90 -0.80 -8.54
C THR A 74 -6.18 -1.56 -8.21
N GLU A 75 -6.27 -1.98 -6.96
CA GLU A 75 -7.44 -2.72 -6.51
C GLU A 75 -7.39 -2.92 -5.00
N PRO A 76 -8.59 -3.13 -4.40
CA PRO A 76 -8.70 -3.32 -2.95
C PRO A 76 -8.23 -4.72 -2.57
N ILE A 77 -7.02 -4.78 -2.03
CA ILE A 77 -6.44 -6.04 -1.61
C ILE A 77 -6.52 -6.15 -0.08
N ILE A 78 -6.52 -7.38 0.40
CA ILE A 78 -6.58 -7.63 1.82
C ILE A 78 -5.22 -8.13 2.31
N VAL A 79 -4.53 -7.27 3.04
CA VAL A 79 -3.22 -7.62 3.57
C VAL A 79 -3.39 -8.54 4.78
N ASP A 80 -2.44 -9.44 4.92
CA ASP A 80 -2.46 -10.40 6.02
C ASP A 80 -1.13 -10.36 6.77
N PRO A 81 -1.21 -10.19 8.11
CA PRO A 81 -0.02 -10.13 8.94
C PRO A 81 0.58 -11.52 9.13
N PHE A 82 1.68 -11.55 9.87
CA PHE A 82 2.36 -12.81 10.13
C PHE A 82 2.12 -13.28 11.57
ZN ZN B . -1.45 6.99 4.61
ZN ZN C . 4.75 3.29 -6.25
N GLY A 1 -20.79 -13.97 -3.95
CA GLY A 1 -20.51 -13.86 -2.53
C GLY A 1 -19.34 -12.90 -2.28
N PRO A 2 -18.11 -13.47 -2.38
CA PRO A 2 -16.91 -12.68 -2.15
C PRO A 2 -16.62 -11.78 -3.35
N HIS A 3 -15.55 -11.00 -3.22
CA HIS A 3 -15.16 -10.08 -4.29
C HIS A 3 -14.01 -10.69 -5.09
N MET A 4 -13.98 -10.36 -6.37
CA MET A 4 -12.93 -10.86 -7.24
C MET A 4 -12.17 -9.71 -7.90
N GLY A 5 -12.55 -8.50 -7.52
CA GLY A 5 -11.91 -7.31 -8.06
C GLY A 5 -10.80 -6.82 -7.14
N SER A 6 -10.29 -7.75 -6.33
CA SER A 6 -9.22 -7.42 -5.40
C SER A 6 -8.24 -8.60 -5.30
N ASP A 7 -6.95 -8.26 -5.31
CA ASP A 7 -5.91 -9.27 -5.22
C ASP A 7 -5.57 -9.49 -3.75
N HIS A 8 -4.62 -10.41 -3.54
CA HIS A 8 -4.19 -10.73 -2.18
C HIS A 8 -2.67 -10.87 -2.16
N ILE A 9 -2.09 -10.56 -1.02
CA ILE A 9 -0.65 -10.65 -0.84
C ILE A 9 -0.34 -11.29 0.52
N LYS A 10 0.86 -11.86 0.60
CA LYS A 10 1.28 -12.50 1.84
C LYS A 10 2.52 -11.79 2.38
N VAL A 11 2.68 -11.87 3.68
CA VAL A 11 3.82 -11.24 4.33
C VAL A 11 4.79 -12.31 4.83
N THR A 12 6.04 -11.90 4.99
CA THR A 12 7.07 -12.83 5.44
C THR A 12 7.72 -12.29 6.73
N GLN A 13 8.23 -13.22 7.52
CA GLN A 13 8.88 -12.87 8.77
C GLN A 13 9.85 -11.70 8.55
N GLU A 14 10.73 -11.89 7.58
CA GLU A 14 11.71 -10.86 7.27
C GLU A 14 11.05 -9.48 7.24
N GLN A 15 9.85 -9.45 6.69
CA GLN A 15 9.09 -8.20 6.60
C GLN A 15 8.62 -7.78 7.99
N TYR A 16 7.72 -8.57 8.54
CA TYR A 16 7.17 -8.29 9.86
C TYR A 16 8.28 -7.90 10.83
N GLU A 17 9.17 -8.83 11.08
CA GLU A 17 10.28 -8.60 12.00
C GLU A 17 10.93 -7.24 11.71
N LEU A 18 11.27 -7.05 10.44
CA LEU A 18 11.89 -5.80 10.04
C LEU A 18 11.00 -4.63 10.44
N PTR A 19 9.70 -4.88 10.41
CA PTR A 19 8.71 -3.86 10.76
C PTR A 19 8.48 -3.84 12.27
O PTR A 19 7.95 -2.86 12.78
CB PTR A 19 7.40 -4.11 10.03
CG PTR A 19 7.40 -3.64 8.59
CD1 PTR A 19 6.37 -2.84 8.10
CD2 PTR A 19 8.43 -3.98 7.73
CE1 PTR A 19 6.38 -2.40 6.79
CE2 PTR A 19 8.45 -3.54 6.42
CZ PTR A 19 7.42 -2.75 5.95
OH PTR A 19 7.42 -2.30 4.59
P PTR A 19 7.27 -0.71 4.25
O1P PTR A 19 8.43 -0.37 3.33
O2P PTR A 19 7.35 0.01 5.59
O3P PTR A 19 5.92 -0.56 3.57
H PTR A 19 9.39 -5.77 10.13
HA PTR A 19 9.11 -2.91 10.46
HB2 PTR A 19 7.19 -5.17 10.02
HB3 PTR A 19 6.60 -3.60 10.54
HD1 PTR A 19 5.57 -2.56 8.76
HD2 PTR A 19 9.24 -4.60 8.10
HE1 PTR A 19 5.57 -1.78 6.43
HE2 PTR A 19 9.26 -3.82 5.76
N CYS A 20 8.85 -4.93 12.93
CA CYS A 20 8.68 -5.03 14.37
C CYS A 20 9.59 -4.00 15.04
N GLU A 21 10.61 -3.60 14.30
CA GLU A 21 11.56 -2.61 14.81
C GLU A 21 10.99 -1.21 14.69
N MET A 22 9.80 -1.13 14.11
CA MET A 22 9.12 0.14 13.93
C MET A 22 7.93 0.27 14.88
N GLY A 23 7.27 -0.85 15.11
CA GLY A 23 6.13 -0.87 15.99
C GLY A 23 4.82 -1.00 15.19
N SER A 24 4.99 -1.15 13.88
CA SER A 24 3.84 -1.29 12.99
C SER A 24 3.99 -2.53 12.13
N THR A 25 3.04 -2.70 11.22
CA THR A 25 3.05 -3.85 10.32
C THR A 25 3.26 -3.38 8.88
N PHE A 26 3.27 -4.35 7.98
CA PHE A 26 3.46 -4.06 6.57
C PHE A 26 2.16 -3.55 5.94
N GLN A 27 1.18 -4.45 5.86
CA GLN A 27 -0.10 -4.10 5.28
C GLN A 27 -0.51 -2.70 5.70
N LEU A 28 -0.06 -2.30 6.88
CA LEU A 28 -0.37 -0.98 7.40
C LEU A 28 0.43 0.07 6.62
N CYS A 29 -0.26 1.16 6.29
CA CYS A 29 0.35 2.25 5.54
C CYS A 29 1.34 3.01 6.41
N LYS A 30 2.52 3.28 5.86
CA LYS A 30 3.55 4.00 6.60
C LYS A 30 3.45 5.49 6.27
N ILE A 31 2.26 5.89 5.86
CA ILE A 31 2.01 7.29 5.51
C ILE A 31 1.16 7.94 6.60
N CYS A 32 0.01 7.33 6.86
CA CYS A 32 -0.90 7.84 7.86
C CYS A 32 -0.81 6.93 9.09
N ALA A 33 -0.37 5.71 8.85
CA ALA A 33 -0.24 4.73 9.92
C ALA A 33 -1.54 4.68 10.71
N GLU A 34 -2.66 4.75 9.99
CA GLU A 34 -3.96 4.71 10.61
C GLU A 34 -4.80 3.58 10.01
N ASN A 35 -4.71 3.46 8.70
CA ASN A 35 -5.46 2.43 7.99
C ASN A 35 -4.48 1.56 7.18
N ASP A 36 -5.01 0.48 6.64
CA ASP A 36 -4.20 -0.43 5.84
C ASP A 36 -4.07 0.12 4.42
N LYS A 37 -3.11 -0.43 3.70
CA LYS A 37 -2.87 -0.01 2.33
C LYS A 37 -4.06 -0.42 1.46
N ASP A 38 -4.27 -1.72 1.37
CA ASP A 38 -5.36 -2.25 0.58
C ASP A 38 -5.19 -1.81 -0.88
N VAL A 39 -3.95 -1.53 -1.24
CA VAL A 39 -3.64 -1.10 -2.58
C VAL A 39 -2.18 -1.42 -2.90
N LYS A 40 -1.83 -1.24 -4.17
CA LYS A 40 -0.46 -1.51 -4.60
C LYS A 40 -0.15 -0.67 -5.84
N ILE A 41 1.11 -0.28 -5.95
CA ILE A 41 1.54 0.54 -7.07
C ILE A 41 2.45 -0.30 -7.97
N GLU A 42 2.20 -0.20 -9.27
CA GLU A 42 2.98 -0.94 -10.24
C GLU A 42 3.30 -0.06 -11.45
N PRO A 43 4.33 -0.48 -12.22
CA PRO A 43 5.07 -1.69 -11.89
C PRO A 43 6.00 -1.46 -10.70
N CYS A 44 6.05 -0.20 -10.26
CA CYS A 44 6.89 0.17 -9.14
C CYS A 44 6.88 -0.90 -8.06
N GLY A 45 5.83 -0.92 -7.25
CA GLY A 45 5.72 -1.91 -6.19
C GLY A 45 5.63 -1.22 -4.82
N HIS A 46 4.93 -0.10 -4.81
CA HIS A 46 4.76 0.65 -3.57
C HIS A 46 3.32 0.52 -3.09
N LEU A 47 3.18 0.19 -1.81
CA LEU A 47 1.87 0.03 -1.21
C LEU A 47 1.49 1.32 -0.46
N MET A 48 0.19 1.50 -0.29
CA MET A 48 -0.31 2.67 0.41
C MET A 48 -1.82 2.55 0.68
N CYS A 49 -2.33 3.52 1.41
CA CYS A 49 -3.75 3.54 1.73
C CYS A 49 -4.46 4.47 0.76
N THR A 50 -5.34 3.89 -0.04
CA THR A 50 -6.09 4.66 -1.02
C THR A 50 -6.55 5.98 -0.42
N SER A 51 -7.33 5.87 0.65
CA SER A 51 -7.85 7.05 1.33
C SER A 51 -6.75 8.10 1.45
N CYS A 52 -5.54 7.63 1.68
CA CYS A 52 -4.40 8.51 1.83
C CYS A 52 -4.03 9.05 0.44
N LEU A 53 -3.83 8.12 -0.47
CA LEU A 53 -3.47 8.47 -1.84
C LEU A 53 -4.35 9.64 -2.30
N THR A 54 -5.60 9.60 -1.87
CA THR A 54 -6.54 10.64 -2.23
C THR A 54 -6.07 12.00 -1.71
N ALA A 55 -5.65 12.00 -0.45
CA ALA A 55 -5.18 13.21 0.18
C ALA A 55 -3.96 13.75 -0.59
N TRP A 56 -3.36 12.86 -1.36
CA TRP A 56 -2.20 13.22 -2.16
C TRP A 56 -2.69 13.81 -3.48
N GLN A 57 -3.35 12.95 -4.25
CA GLN A 57 -3.88 13.37 -5.55
C GLN A 57 -4.74 14.62 -5.39
N GLU A 58 -5.13 14.87 -4.15
CA GLU A 58 -5.96 16.03 -3.85
C GLU A 58 -5.54 17.22 -4.72
N SER A 59 -4.31 17.66 -4.51
CA SER A 59 -3.77 18.78 -5.26
C SER A 59 -2.52 18.35 -6.02
N ASP A 60 -1.87 17.31 -5.52
CA ASP A 60 -0.67 16.78 -6.14
C ASP A 60 -1.06 15.87 -7.30
N GLY A 61 -1.14 14.58 -6.99
CA GLY A 61 -1.49 13.59 -7.99
C GLY A 61 -0.37 13.44 -9.03
N GLN A 62 0.85 13.65 -8.58
CA GLN A 62 2.00 13.54 -9.45
C GLN A 62 2.55 12.12 -9.43
N GLY A 63 1.68 11.17 -9.77
CA GLY A 63 2.07 9.77 -9.79
C GLY A 63 2.32 9.25 -8.37
N CYS A 64 3.04 8.14 -8.29
CA CYS A 64 3.36 7.53 -7.02
C CYS A 64 4.06 8.59 -6.14
N PRO A 65 3.45 8.86 -4.96
CA PRO A 65 4.00 9.83 -4.03
C PRO A 65 5.22 9.26 -3.32
N PHE A 66 5.54 8.02 -3.65
CA PHE A 66 6.68 7.36 -3.04
C PHE A 66 7.97 7.62 -3.83
N CYS A 67 7.81 7.63 -5.15
CA CYS A 67 8.95 7.87 -6.03
C CYS A 67 8.59 9.02 -6.97
N ARG A 68 7.54 9.74 -6.60
CA ARG A 68 7.08 10.87 -7.41
C ARG A 68 7.21 10.53 -8.89
N CYS A 69 6.84 9.30 -9.23
CA CYS A 69 6.90 8.85 -10.60
C CYS A 69 5.51 8.36 -11.01
N GLU A 70 5.13 8.67 -12.24
CA GLU A 70 3.84 8.26 -12.75
C GLU A 70 3.59 6.78 -12.46
N ILE A 71 2.32 6.41 -12.46
CA ILE A 71 1.94 5.03 -12.19
C ILE A 71 1.36 4.42 -13.46
N LYS A 72 1.45 3.10 -13.54
CA LYS A 72 0.94 2.38 -14.69
C LYS A 72 -0.12 1.38 -14.24
N GLY A 73 0.21 0.66 -13.17
CA GLY A 73 -0.70 -0.33 -12.63
C GLY A 73 -1.15 0.06 -11.22
N THR A 74 -2.45 -0.04 -11.00
CA THR A 74 -3.02 0.30 -9.70
C THR A 74 -4.37 -0.38 -9.52
N GLU A 75 -4.43 -1.26 -8.52
CA GLU A 75 -5.65 -1.98 -8.22
C GLU A 75 -5.80 -2.19 -6.71
N PRO A 76 -7.08 -2.28 -6.26
CA PRO A 76 -7.37 -2.48 -4.86
C PRO A 76 -7.08 -3.92 -4.43
N ILE A 77 -5.93 -4.10 -3.80
CA ILE A 77 -5.52 -5.41 -3.34
C ILE A 77 -5.71 -5.50 -1.82
N ILE A 78 -5.58 -6.70 -1.31
CA ILE A 78 -5.73 -6.94 0.12
C ILE A 78 -4.48 -7.64 0.66
N VAL A 79 -3.67 -6.87 1.36
CA VAL A 79 -2.44 -7.40 1.94
C VAL A 79 -2.77 -8.18 3.21
N ASP A 80 -2.05 -9.28 3.39
CA ASP A 80 -2.26 -10.12 4.55
C ASP A 80 -0.91 -10.36 5.26
N PRO A 81 -0.98 -10.41 6.61
CA PRO A 81 0.22 -10.63 7.41
C PRO A 81 0.67 -12.09 7.34
N PHE A 82 1.80 -12.36 7.97
CA PHE A 82 2.34 -13.71 7.99
C PHE A 82 1.49 -14.64 8.85
ZN ZN B . -1.36 6.74 4.18
ZN ZN C . 6.15 4.32 -6.16
N GLY A 1 -18.80 -14.35 -0.15
CA GLY A 1 -18.73 -13.32 -1.16
C GLY A 1 -17.30 -12.82 -1.35
N PRO A 2 -16.59 -13.46 -2.32
CA PRO A 2 -15.22 -13.09 -2.61
C PRO A 2 -15.15 -11.78 -3.39
N HIS A 3 -13.93 -11.35 -3.67
CA HIS A 3 -13.72 -10.11 -4.40
C HIS A 3 -13.07 -10.42 -5.74
N MET A 4 -13.83 -10.18 -6.80
CA MET A 4 -13.34 -10.43 -8.15
C MET A 4 -12.71 -9.16 -8.75
N GLY A 5 -12.33 -8.25 -7.85
CA GLY A 5 -11.72 -7.01 -8.28
C GLY A 5 -10.61 -6.58 -7.30
N SER A 6 -10.13 -7.56 -6.54
CA SER A 6 -9.08 -7.31 -5.57
C SER A 6 -8.11 -8.49 -5.52
N ASP A 7 -6.83 -8.16 -5.40
CA ASP A 7 -5.80 -9.18 -5.34
C ASP A 7 -5.45 -9.47 -3.89
N HIS A 8 -4.44 -10.31 -3.70
CA HIS A 8 -4.00 -10.66 -2.37
C HIS A 8 -2.47 -10.70 -2.32
N ILE A 9 -1.93 -10.21 -1.21
CA ILE A 9 -0.49 -10.18 -1.03
C ILE A 9 -0.12 -10.96 0.23
N LYS A 10 1.12 -11.43 0.26
CA LYS A 10 1.61 -12.20 1.40
C LYS A 10 2.84 -11.51 1.98
N VAL A 11 2.90 -11.48 3.30
CA VAL A 11 4.01 -10.86 3.99
C VAL A 11 5.02 -11.93 4.39
N THR A 12 6.28 -11.54 4.43
CA THR A 12 7.35 -12.45 4.79
C THR A 12 7.91 -12.10 6.17
N GLN A 13 8.22 -13.13 6.92
CA GLN A 13 8.76 -12.95 8.26
C GLN A 13 9.74 -11.78 8.29
N GLU A 14 10.43 -11.60 7.16
CA GLU A 14 11.40 -10.52 7.04
C GLU A 14 10.73 -9.17 7.31
N GLN A 15 9.65 -8.94 6.57
CA GLN A 15 8.91 -7.69 6.72
C GLN A 15 8.27 -7.62 8.09
N TYR A 16 8.07 -8.78 8.69
CA TYR A 16 7.47 -8.87 10.01
C TYR A 16 8.52 -8.72 11.10
N GLU A 17 9.75 -9.04 10.74
CA GLU A 17 10.85 -8.95 11.69
C GLU A 17 11.40 -7.52 11.73
N LEU A 18 11.68 -7.00 10.55
CA LEU A 18 12.21 -5.65 10.43
C LEU A 18 11.21 -4.66 11.04
N PTR A 19 9.93 -4.91 10.76
CA PTR A 19 8.87 -4.06 11.27
C PTR A 19 8.56 -4.38 12.73
O PTR A 19 8.00 -3.54 13.43
CB PTR A 19 7.60 -4.24 10.42
CG PTR A 19 7.72 -3.68 9.02
CD1 PTR A 19 8.92 -3.12 8.58
CD2 PTR A 19 6.65 -3.71 8.15
CE1 PTR A 19 9.04 -2.61 7.31
CE2 PTR A 19 6.76 -3.19 6.87
CZ PTR A 19 7.95 -2.64 6.46
OH PTR A 19 8.07 -2.11 5.12
P PTR A 19 7.17 -0.84 4.66
O1P PTR A 19 7.76 -0.35 3.35
O2P PTR A 19 7.28 0.18 5.78
O3P PTR A 19 5.75 -1.37 4.50
H PTR A 19 9.71 -5.68 10.21
HA PTR A 19 9.19 -3.03 11.20
HB2 PTR A 19 7.38 -5.29 10.34
HB3 PTR A 19 6.77 -3.74 10.91
HD1 PTR A 19 9.77 -3.09 9.25
HD2 PTR A 19 5.72 -4.13 8.47
HE1 PTR A 19 9.97 -2.17 6.98
HE2 PTR A 19 5.91 -3.22 6.20
N CYS A 20 8.93 -5.58 13.16
CA CYS A 20 8.69 -5.99 14.52
C CYS A 20 9.38 -4.99 15.45
N GLU A 21 10.66 -4.78 15.20
CA GLU A 21 11.43 -3.85 16.01
C GLU A 21 10.63 -2.57 16.27
N MET A 22 10.42 -1.82 15.20
CA MET A 22 9.67 -0.58 15.29
C MET A 22 8.28 -0.81 15.88
N GLY A 23 7.75 -2.00 15.60
CA GLY A 23 6.44 -2.37 16.10
C GLY A 23 5.33 -1.80 15.20
N SER A 24 5.49 -2.05 13.90
CA SER A 24 4.52 -1.58 12.93
C SER A 24 4.02 -2.75 12.08
N THR A 25 3.14 -2.43 11.15
CA THR A 25 2.57 -3.43 10.27
C THR A 25 2.70 -3.00 8.80
N PHE A 26 3.02 -3.97 7.96
CA PHE A 26 3.18 -3.71 6.54
C PHE A 26 1.86 -3.26 5.91
N GLN A 27 0.92 -4.19 5.85
CA GLN A 27 -0.39 -3.91 5.28
C GLN A 27 -0.85 -2.51 5.69
N LEU A 28 -0.40 -2.10 6.87
CA LEU A 28 -0.76 -0.79 7.39
C LEU A 28 0.00 0.29 6.62
N CYS A 29 -0.73 1.35 6.26
CA CYS A 29 -0.16 2.46 5.52
C CYS A 29 0.86 3.23 6.38
N LYS A 30 2.02 3.48 5.82
CA LYS A 30 3.06 4.21 6.54
C LYS A 30 2.96 5.70 6.23
N ILE A 31 1.73 6.12 5.94
CA ILE A 31 1.47 7.52 5.63
C ILE A 31 0.75 8.18 6.80
N CYS A 32 -0.42 7.63 7.11
CA CYS A 32 -1.23 8.16 8.19
C CYS A 32 -1.17 7.17 9.36
N ALA A 33 -0.87 5.92 9.02
CA ALA A 33 -0.78 4.87 10.02
C ALA A 33 -2.10 4.79 10.78
N GLU A 34 -3.19 4.88 10.02
CA GLU A 34 -4.51 4.81 10.62
C GLU A 34 -5.34 3.70 9.97
N ASN A 35 -5.22 3.62 8.65
CA ASN A 35 -5.94 2.60 7.90
C ASN A 35 -4.94 1.74 7.12
N ASP A 36 -5.46 0.67 6.55
CA ASP A 36 -4.63 -0.24 5.78
C ASP A 36 -4.47 0.30 4.35
N LYS A 37 -3.46 -0.21 3.67
CA LYS A 37 -3.21 0.21 2.29
C LYS A 37 -4.38 -0.20 1.41
N ASP A 38 -4.68 -1.48 1.44
CA ASP A 38 -5.78 -2.03 0.65
C ASP A 38 -5.60 -1.59 -0.81
N VAL A 39 -4.36 -1.33 -1.18
CA VAL A 39 -4.04 -0.90 -2.53
C VAL A 39 -2.61 -1.31 -2.86
N LYS A 40 -2.23 -1.04 -4.11
CA LYS A 40 -0.90 -1.38 -4.57
C LYS A 40 -0.57 -0.56 -5.83
N ILE A 41 0.67 -0.14 -5.91
CA ILE A 41 1.13 0.65 -7.05
C ILE A 41 2.03 -0.21 -7.93
N GLU A 42 1.85 -0.08 -9.24
CA GLU A 42 2.64 -0.83 -10.20
C GLU A 42 3.05 0.06 -11.37
N PRO A 43 4.09 -0.40 -12.10
CA PRO A 43 4.75 -1.64 -11.77
C PRO A 43 5.64 -1.47 -10.53
N CYS A 44 5.77 -0.23 -10.10
CA CYS A 44 6.59 0.11 -8.94
C CYS A 44 6.48 -0.99 -7.87
N GLY A 45 5.34 -1.03 -7.19
CA GLY A 45 5.14 -2.02 -6.15
C GLY A 45 4.98 -1.36 -4.79
N HIS A 46 4.71 -0.06 -4.82
CA HIS A 46 4.54 0.69 -3.59
C HIS A 46 3.08 0.62 -3.14
N LEU A 47 2.90 0.31 -1.87
CA LEU A 47 1.57 0.20 -1.31
C LEU A 47 1.24 1.48 -0.53
N MET A 48 -0.05 1.67 -0.29
CA MET A 48 -0.51 2.84 0.43
C MET A 48 -2.01 2.77 0.69
N CYS A 49 -2.51 3.75 1.44
CA CYS A 49 -3.92 3.81 1.77
C CYS A 49 -4.59 4.76 0.78
N THR A 50 -5.55 4.20 0.05
CA THR A 50 -6.28 4.99 -0.94
C THR A 50 -6.68 6.35 -0.35
N SER A 51 -7.44 6.29 0.74
CA SER A 51 -7.88 7.50 1.40
C SER A 51 -6.72 8.51 1.49
N CYS A 52 -5.53 7.96 1.66
CA CYS A 52 -4.35 8.80 1.75
C CYS A 52 -3.98 9.29 0.35
N LEU A 53 -3.76 8.34 -0.53
CA LEU A 53 -3.40 8.66 -1.91
C LEU A 53 -4.27 9.82 -2.39
N THR A 54 -5.53 9.80 -1.99
CA THR A 54 -6.47 10.85 -2.36
C THR A 54 -5.99 12.20 -1.85
N ALA A 55 -5.59 12.21 -0.59
CA ALA A 55 -5.11 13.43 0.04
C ALA A 55 -3.90 13.96 -0.75
N TRP A 56 -3.29 13.06 -1.50
CA TRP A 56 -2.13 13.41 -2.29
C TRP A 56 -2.62 13.97 -3.63
N GLN A 57 -3.26 13.08 -4.39
CA GLN A 57 -3.79 13.47 -5.70
C GLN A 57 -4.66 14.72 -5.56
N GLU A 58 -5.06 15.00 -4.33
CA GLU A 58 -5.89 16.16 -4.07
C GLU A 58 -5.48 17.34 -4.95
N SER A 59 -4.24 17.78 -4.75
CA SER A 59 -3.71 18.89 -5.53
C SER A 59 -2.45 18.45 -6.28
N ASP A 60 -1.81 17.41 -5.74
CA ASP A 60 -0.60 16.88 -6.35
C ASP A 60 -0.98 15.95 -7.50
N GLY A 61 -1.06 14.67 -7.17
CA GLY A 61 -1.42 13.66 -8.15
C GLY A 61 -0.28 13.47 -9.17
N GLN A 62 0.93 13.71 -8.70
CA GLN A 62 2.10 13.57 -9.56
C GLN A 62 2.67 12.15 -9.45
N GLY A 63 1.91 11.20 -9.95
CA GLY A 63 2.32 9.80 -9.91
C GLY A 63 2.45 9.31 -8.47
N CYS A 64 3.09 8.15 -8.33
CA CYS A 64 3.27 7.56 -7.02
C CYS A 64 4.01 8.57 -6.14
N PRO A 65 3.37 8.90 -4.98
CA PRO A 65 3.94 9.85 -4.06
C PRO A 65 5.09 9.22 -3.28
N PHE A 66 5.36 7.96 -3.58
CA PHE A 66 6.43 7.23 -2.92
C PHE A 66 7.74 7.36 -3.69
N CYS A 67 7.62 7.29 -5.01
CA CYS A 67 8.80 7.39 -5.86
C CYS A 67 8.57 8.57 -6.83
N ARG A 68 7.60 9.40 -6.49
CA ARG A 68 7.28 10.55 -7.30
C ARG A 68 7.38 10.20 -8.79
N CYS A 69 7.11 8.93 -9.08
CA CYS A 69 7.16 8.45 -10.45
C CYS A 69 5.74 8.11 -10.90
N GLU A 70 5.46 8.40 -12.16
CA GLU A 70 4.15 8.14 -12.72
C GLU A 70 3.73 6.69 -12.45
N ILE A 71 2.43 6.47 -12.51
CA ILE A 71 1.89 5.13 -12.26
C ILE A 71 1.36 4.56 -13.57
N LYS A 72 1.28 3.24 -13.62
CA LYS A 72 0.79 2.55 -14.80
C LYS A 72 -0.46 1.73 -14.43
N GLY A 73 -0.36 1.05 -13.31
CA GLY A 73 -1.46 0.23 -12.83
C GLY A 73 -1.70 0.44 -11.34
N THR A 74 -2.97 0.35 -10.95
CA THR A 74 -3.34 0.53 -9.57
C THR A 74 -4.69 -0.15 -9.28
N GLU A 75 -4.64 -1.13 -8.40
CA GLU A 75 -5.85 -1.86 -8.03
C GLU A 75 -5.89 -2.10 -6.52
N PRO A 76 -7.13 -2.19 -5.98
CA PRO A 76 -7.32 -2.43 -4.56
C PRO A 76 -7.01 -3.88 -4.19
N ILE A 77 -5.83 -4.07 -3.64
CA ILE A 77 -5.40 -5.41 -3.24
C ILE A 77 -5.51 -5.55 -1.72
N ILE A 78 -5.66 -6.79 -1.27
CA ILE A 78 -5.76 -7.05 0.15
C ILE A 78 -4.47 -7.68 0.65
N VAL A 79 -3.70 -6.88 1.36
CA VAL A 79 -2.43 -7.34 1.91
C VAL A 79 -2.69 -8.22 3.14
N ASP A 80 -1.83 -9.20 3.32
CA ASP A 80 -1.95 -10.12 4.44
C ASP A 80 -0.61 -10.22 5.17
N PRO A 81 -0.68 -10.34 6.52
CA PRO A 81 0.52 -10.45 7.33
C PRO A 81 1.13 -11.84 7.21
N PHE A 82 2.33 -11.98 7.75
CA PHE A 82 3.04 -13.24 7.72
C PHE A 82 2.20 -14.35 8.38
ZN ZN B . -2.36 6.89 5.59
ZN ZN C . 5.80 4.12 -5.82
N GLY A 1 -23.19 -11.68 -10.22
CA GLY A 1 -23.00 -11.26 -8.85
C GLY A 1 -21.95 -10.15 -8.75
N PRO A 2 -21.20 -10.16 -7.62
CA PRO A 2 -20.15 -9.17 -7.40
C PRO A 2 -18.92 -9.47 -8.25
N HIS A 3 -17.94 -8.59 -8.13
CA HIS A 3 -16.71 -8.75 -8.89
C HIS A 3 -15.53 -8.89 -7.91
N MET A 4 -14.78 -9.97 -8.09
CA MET A 4 -13.62 -10.22 -7.25
C MET A 4 -12.31 -9.94 -8.00
N GLY A 5 -11.85 -8.71 -7.87
CA GLY A 5 -10.62 -8.31 -8.53
C GLY A 5 -9.62 -7.73 -7.51
N SER A 6 -9.32 -8.53 -6.50
CA SER A 6 -8.39 -8.11 -5.47
C SER A 6 -7.38 -9.22 -5.19
N ASP A 7 -6.13 -8.81 -5.01
CA ASP A 7 -5.06 -9.76 -4.74
C ASP A 7 -4.82 -9.82 -3.23
N HIS A 8 -3.90 -10.71 -2.85
CA HIS A 8 -3.57 -10.88 -1.45
C HIS A 8 -2.04 -10.99 -1.30
N ILE A 9 -1.52 -10.26 -0.32
CA ILE A 9 -0.10 -10.27 -0.05
C ILE A 9 0.16 -10.90 1.31
N LYS A 10 1.17 -11.75 1.36
CA LYS A 10 1.53 -12.42 2.59
C LYS A 10 2.85 -11.85 3.11
N VAL A 11 2.78 -11.27 4.30
CA VAL A 11 3.96 -10.68 4.92
C VAL A 11 4.98 -11.77 5.20
N THR A 12 6.24 -11.44 4.97
CA THR A 12 7.32 -12.39 5.20
C THR A 12 7.88 -12.23 6.62
N GLN A 13 8.49 -13.30 7.10
CA GLN A 13 9.06 -13.31 8.44
C GLN A 13 10.08 -12.19 8.58
N GLU A 14 10.76 -11.91 7.47
CA GLU A 14 11.77 -10.86 7.46
C GLU A 14 11.12 -9.49 7.69
N GLN A 15 10.05 -9.25 6.96
CA GLN A 15 9.33 -7.99 7.07
C GLN A 15 8.81 -7.81 8.49
N TYR A 16 8.09 -8.82 8.96
CA TYR A 16 7.53 -8.79 10.30
C TYR A 16 8.59 -8.43 11.33
N GLU A 17 9.61 -9.28 11.40
CA GLU A 17 10.70 -9.07 12.35
C GLU A 17 11.37 -7.71 12.09
N LEU A 18 11.46 -7.37 10.81
CA LEU A 18 12.08 -6.11 10.43
C LEU A 18 11.27 -4.95 11.03
N PTR A 19 9.96 -5.11 11.02
CA PTR A 19 9.06 -4.09 11.55
C PTR A 19 8.86 -4.28 13.05
O PTR A 19 8.37 -3.36 13.72
CB PTR A 19 7.71 -4.15 10.85
CG PTR A 19 7.73 -3.54 9.46
CD1 PTR A 19 8.70 -3.91 8.54
CD2 PTR A 19 6.78 -2.60 9.08
CE1 PTR A 19 8.71 -3.35 7.27
CE2 PTR A 19 6.79 -2.05 7.82
CZ PTR A 19 7.75 -2.43 6.92
OH PTR A 19 7.78 -1.85 5.60
P PTR A 19 7.12 -0.38 5.33
O1P PTR A 19 7.88 0.21 4.15
O2P PTR A 19 7.32 0.40 6.62
O3P PTR A 19 5.65 -0.63 5.02
H PTR A 19 9.58 -5.93 10.64
HA PTR A 19 9.51 -3.13 11.38
HB2 PTR A 19 7.40 -5.18 10.75
HB3 PTR A 19 6.98 -3.61 11.44
HD1 PTR A 19 9.45 -4.64 8.81
HD2 PTR A 19 6.02 -2.31 9.79
HE1 PTR A 19 9.47 -3.65 6.56
HE2 PTR A 19 6.04 -1.33 7.53
N CYS A 20 9.26 -5.45 13.55
CA CYS A 20 9.12 -5.74 14.97
C CYS A 20 9.97 -4.74 15.75
N GLU A 21 11.15 -4.48 15.23
CA GLU A 21 12.07 -3.55 15.85
C GLU A 21 11.43 -2.16 15.97
N MET A 22 10.37 -1.97 15.19
CA MET A 22 9.67 -0.70 15.20
C MET A 22 8.29 -0.85 15.85
N GLY A 23 7.86 -2.10 15.98
CA GLY A 23 6.57 -2.39 16.59
C GLY A 23 5.42 -1.84 15.72
N SER A 24 5.59 -1.99 14.41
CA SER A 24 4.59 -1.52 13.49
C SER A 24 4.14 -2.66 12.57
N THR A 25 3.30 -2.33 11.61
CA THR A 25 2.80 -3.30 10.66
C THR A 25 3.00 -2.82 9.23
N PHE A 26 3.45 -3.73 8.39
CA PHE A 26 3.70 -3.41 6.99
C PHE A 26 2.40 -2.96 6.30
N GLN A 27 1.49 -3.90 6.15
CA GLN A 27 0.22 -3.62 5.51
C GLN A 27 -0.30 -2.25 5.96
N LEU A 28 0.07 -1.89 7.17
CA LEU A 28 -0.36 -0.60 7.73
C LEU A 28 0.34 0.53 6.98
N CYS A 29 -0.46 1.33 6.29
CA CYS A 29 0.05 2.45 5.52
C CYS A 29 1.06 3.26 6.33
N LYS A 30 2.06 3.80 5.65
CA LYS A 30 3.08 4.58 6.33
C LYS A 30 2.86 6.06 6.03
N ILE A 31 1.59 6.42 5.86
CA ILE A 31 1.23 7.80 5.56
C ILE A 31 0.46 8.37 6.75
N CYS A 32 -0.65 7.73 7.07
CA CYS A 32 -1.48 8.17 8.17
C CYS A 32 -1.31 7.18 9.32
N ALA A 33 -0.88 5.98 8.97
CA ALA A 33 -0.68 4.93 9.96
C ALA A 33 -1.98 4.70 10.73
N GLU A 34 -3.08 4.71 9.99
CA GLU A 34 -4.38 4.50 10.58
C GLU A 34 -5.12 3.36 9.87
N ASN A 35 -5.13 3.43 8.55
CA ASN A 35 -5.78 2.42 7.75
C ASN A 35 -4.73 1.58 7.02
N ASP A 36 -5.18 0.47 6.45
CA ASP A 36 -4.28 -0.41 5.73
C ASP A 36 -4.13 0.08 4.30
N LYS A 37 -3.09 -0.41 3.64
CA LYS A 37 -2.83 -0.03 2.26
C LYS A 37 -3.99 -0.48 1.37
N ASP A 38 -4.16 -1.80 1.33
CA ASP A 38 -5.23 -2.38 0.54
C ASP A 38 -5.05 -1.96 -0.93
N VAL A 39 -3.81 -1.66 -1.27
CA VAL A 39 -3.48 -1.26 -2.63
C VAL A 39 -2.00 -1.57 -2.91
N LYS A 40 -1.64 -1.43 -4.17
CA LYS A 40 -0.27 -1.69 -4.60
C LYS A 40 0.04 -0.89 -5.86
N ILE A 41 1.28 -0.43 -5.93
CA ILE A 41 1.72 0.36 -7.08
C ILE A 41 2.65 -0.49 -7.95
N GLU A 42 2.40 -0.45 -9.24
CA GLU A 42 3.21 -1.20 -10.19
C GLU A 42 3.51 -0.36 -11.43
N PRO A 43 4.56 -0.79 -12.18
CA PRO A 43 5.31 -1.97 -11.79
C PRO A 43 6.24 -1.67 -10.60
N CYS A 44 6.26 -0.40 -10.22
CA CYS A 44 7.09 0.05 -9.11
C CYS A 44 7.10 -0.99 -7.98
N GLY A 45 6.04 -1.01 -7.19
CA GLY A 45 5.94 -1.95 -6.10
C GLY A 45 5.83 -1.22 -4.75
N HIS A 46 5.12 -0.11 -4.78
CA HIS A 46 4.92 0.69 -3.57
C HIS A 46 3.48 0.56 -3.10
N LEU A 47 3.34 0.20 -1.83
CA LEU A 47 2.02 0.02 -1.25
C LEU A 47 1.62 1.32 -0.53
N MET A 48 0.31 1.49 -0.36
CA MET A 48 -0.21 2.66 0.31
C MET A 48 -1.71 2.53 0.57
N CYS A 49 -2.24 3.51 1.28
CA CYS A 49 -3.66 3.51 1.60
C CYS A 49 -4.39 4.41 0.59
N THR A 50 -5.33 3.80 -0.11
CA THR A 50 -6.10 4.52 -1.12
C THR A 50 -6.46 5.91 -0.60
N SER A 51 -7.19 5.92 0.52
CA SER A 51 -7.60 7.18 1.13
C SER A 51 -6.41 8.13 1.24
N CYS A 52 -5.26 7.54 1.53
CA CYS A 52 -4.04 8.33 1.67
C CYS A 52 -3.62 8.83 0.28
N LEU A 53 -3.82 7.97 -0.70
CA LEU A 53 -3.47 8.31 -2.07
C LEU A 53 -4.36 9.45 -2.55
N THR A 54 -5.61 9.42 -2.10
CA THR A 54 -6.57 10.45 -2.48
C THR A 54 -6.11 11.81 -1.97
N ALA A 55 -5.68 11.83 -0.72
CA ALA A 55 -5.22 13.06 -0.10
C ALA A 55 -4.08 13.64 -0.94
N TRP A 56 -3.43 12.77 -1.69
CA TRP A 56 -2.32 13.19 -2.54
C TRP A 56 -2.91 13.68 -3.87
N GLN A 57 -3.52 12.75 -4.59
CA GLN A 57 -4.11 13.07 -5.87
C GLN A 57 -5.00 14.31 -5.74
N GLU A 58 -5.40 14.59 -4.51
CA GLU A 58 -6.25 15.75 -4.24
C GLU A 58 -5.84 16.92 -5.13
N SER A 59 -4.62 17.38 -4.92
CA SER A 59 -4.10 18.50 -5.70
C SER A 59 -2.80 18.08 -6.40
N ASP A 60 -2.15 17.09 -5.83
CA ASP A 60 -0.90 16.59 -6.39
C ASP A 60 -1.22 15.61 -7.53
N GLY A 61 -1.26 14.34 -7.18
CA GLY A 61 -1.56 13.30 -8.15
C GLY A 61 -0.42 13.18 -9.18
N GLN A 62 0.74 13.65 -8.78
CA GLN A 62 1.90 13.61 -9.65
C GLN A 62 2.55 12.22 -9.62
N GLY A 63 1.74 11.23 -10.00
CA GLY A 63 2.21 9.86 -10.02
C GLY A 63 2.37 9.31 -8.60
N CYS A 64 3.07 8.19 -8.50
CA CYS A 64 3.29 7.56 -7.22
C CYS A 64 3.97 8.58 -6.29
N PRO A 65 3.28 8.86 -5.16
CA PRO A 65 3.80 9.81 -4.19
C PRO A 65 4.96 9.20 -3.38
N PHE A 66 5.27 7.95 -3.71
CA PHE A 66 6.33 7.25 -3.03
C PHE A 66 7.66 7.43 -3.77
N CYS A 67 7.57 7.46 -5.09
CA CYS A 67 8.76 7.62 -5.92
C CYS A 67 8.50 8.77 -6.89
N ARG A 68 7.50 9.57 -6.55
CA ARG A 68 7.14 10.71 -7.38
C ARG A 68 7.27 10.35 -8.86
N CYS A 69 7.05 9.08 -9.15
CA CYS A 69 7.13 8.60 -10.51
C CYS A 69 5.74 8.14 -10.96
N GLU A 70 5.41 8.48 -12.19
CA GLU A 70 4.11 8.12 -12.75
C GLU A 70 3.79 6.66 -12.42
N ILE A 71 2.50 6.35 -12.48
CA ILE A 71 2.04 5.00 -12.19
C ILE A 71 1.48 4.38 -13.47
N LYS A 72 1.47 3.05 -13.48
CA LYS A 72 0.97 2.31 -14.64
C LYS A 72 0.01 1.23 -14.16
N GLY A 73 0.45 0.49 -13.15
CA GLY A 73 -0.36 -0.58 -12.60
C GLY A 73 -0.86 -0.22 -11.20
N THR A 74 -2.16 -0.41 -11.00
CA THR A 74 -2.78 -0.11 -9.73
C THR A 74 -4.08 -0.91 -9.57
N GLU A 75 -4.09 -1.75 -8.55
CA GLU A 75 -5.26 -2.57 -8.27
C GLU A 75 -5.49 -2.68 -6.76
N PRO A 76 -6.79 -2.86 -6.39
CA PRO A 76 -7.15 -2.98 -4.98
C PRO A 76 -6.75 -4.36 -4.43
N ILE A 77 -5.65 -4.37 -3.70
CA ILE A 77 -5.16 -5.60 -3.12
C ILE A 77 -5.41 -5.58 -1.61
N ILE A 78 -5.04 -6.68 -0.96
CA ILE A 78 -5.23 -6.80 0.48
C ILE A 78 -4.01 -7.47 1.09
N VAL A 79 -3.27 -6.69 1.87
CA VAL A 79 -2.08 -7.19 2.53
C VAL A 79 -2.47 -7.89 3.82
N ASP A 80 -1.77 -8.98 4.11
CA ASP A 80 -2.03 -9.75 5.32
C ASP A 80 -0.71 -10.01 6.05
N PRO A 81 -0.79 -9.98 7.41
CA PRO A 81 0.38 -10.21 8.24
C PRO A 81 0.76 -11.69 8.25
N PHE A 82 1.87 -11.98 8.89
CA PHE A 82 2.36 -13.35 8.99
C PHE A 82 2.25 -13.87 10.43
ZN ZN B . -4.32 5.13 5.43
ZN ZN C . 5.91 4.02 -6.07
N GLY A 1 -18.27 -6.73 3.93
CA GLY A 1 -18.95 -6.71 2.65
C GLY A 1 -18.17 -7.52 1.60
N PRO A 2 -18.85 -7.83 0.47
CA PRO A 2 -18.24 -8.59 -0.60
C PRO A 2 -17.25 -7.72 -1.39
N HIS A 3 -16.62 -8.36 -2.37
CA HIS A 3 -15.65 -7.67 -3.21
C HIS A 3 -15.18 -8.60 -4.32
N MET A 4 -14.83 -7.98 -5.44
CA MET A 4 -14.36 -8.74 -6.60
C MET A 4 -13.45 -7.89 -7.48
N GLY A 5 -12.33 -8.48 -7.86
CA GLY A 5 -11.37 -7.78 -8.71
C GLY A 5 -10.23 -7.19 -7.87
N SER A 6 -9.66 -8.03 -7.02
CA SER A 6 -8.57 -7.60 -6.17
C SER A 6 -7.56 -8.74 -6.02
N ASP A 7 -6.31 -8.34 -5.74
CA ASP A 7 -5.25 -9.31 -5.56
C ASP A 7 -5.03 -9.57 -4.07
N HIS A 8 -4.19 -10.55 -3.78
CA HIS A 8 -3.89 -10.90 -2.41
C HIS A 8 -2.38 -10.99 -2.22
N ILE A 9 -1.89 -10.25 -1.22
CA ILE A 9 -0.47 -10.24 -0.93
C ILE A 9 -0.24 -10.83 0.46
N LYS A 10 0.66 -11.81 0.50
CA LYS A 10 0.98 -12.46 1.76
C LYS A 10 2.36 -12.00 2.24
N VAL A 11 2.36 -11.37 3.41
CA VAL A 11 3.59 -10.87 3.99
C VAL A 11 4.57 -12.03 4.19
N THR A 12 5.83 -11.68 4.39
CA THR A 12 6.86 -12.68 4.58
C THR A 12 7.58 -12.45 5.93
N GLN A 13 7.98 -13.54 6.54
CA GLN A 13 8.67 -13.47 7.82
C GLN A 13 9.70 -12.34 7.81
N GLU A 14 10.57 -12.38 6.81
CA GLU A 14 11.60 -11.37 6.67
C GLU A 14 11.04 -9.99 7.01
N GLN A 15 9.82 -9.75 6.55
CA GLN A 15 9.16 -8.47 6.80
C GLN A 15 8.85 -8.33 8.29
N TYR A 16 7.94 -9.18 8.77
CA TYR A 16 7.54 -9.15 10.16
C TYR A 16 8.75 -8.92 11.06
N GLU A 17 9.77 -9.76 10.86
CA GLU A 17 10.99 -9.66 11.66
C GLU A 17 11.57 -8.24 11.57
N LEU A 18 11.58 -7.73 10.35
CA LEU A 18 12.10 -6.39 10.11
C LEU A 18 11.25 -5.37 10.86
N PTR A 19 9.96 -5.67 10.94
CA PTR A 19 9.01 -4.79 11.63
C PTR A 19 8.96 -5.11 13.12
O PTR A 19 8.42 -4.32 13.88
CB PTR A 19 7.62 -4.94 11.01
CG PTR A 19 7.47 -4.25 9.68
CD1 PTR A 19 6.47 -3.30 9.48
CD2 PTR A 19 8.32 -4.55 8.62
CE1 PTR A 19 6.33 -2.67 8.26
CE2 PTR A 19 8.18 -3.92 7.40
CZ PTR A 19 7.19 -2.98 7.22
OH PTR A 19 7.04 -2.32 5.95
P PTR A 19 7.19 -0.70 5.84
O1P PTR A 19 8.57 -0.45 5.28
O2P PTR A 19 7.01 -0.18 7.26
O3P PTR A 19 6.08 -0.25 4.91
H PTR A 19 9.64 -6.50 10.53
HA PTR A 19 9.35 -3.77 11.50
HB2 PTR A 19 7.40 -5.99 10.87
HB3 PTR A 19 6.90 -4.52 11.70
HD1 PTR A 19 5.80 -3.06 10.29
HD2 PTR A 19 9.09 -5.28 8.76
HE1 PTR A 19 5.55 -1.94 8.12
HE2 PTR A 19 8.86 -4.16 6.60
N CYS A 20 9.53 -6.25 13.50
CA CYS A 20 9.54 -6.65 14.89
C CYS A 20 10.40 -5.66 15.67
N GLU A 21 11.44 -5.18 15.00
CA GLU A 21 12.35 -4.23 15.62
C GLU A 21 11.60 -2.94 15.98
N MET A 22 10.45 -2.77 15.35
CA MET A 22 9.64 -1.58 15.60
C MET A 22 8.19 -1.98 15.94
N GLY A 23 7.99 -3.27 16.12
CA GLY A 23 6.68 -3.79 16.45
C GLY A 23 5.59 -3.04 15.68
N SER A 24 5.64 -3.16 14.36
CA SER A 24 4.67 -2.49 13.51
C SER A 24 4.11 -3.49 12.47
N THR A 25 3.31 -2.95 11.56
CA THR A 25 2.72 -3.78 10.53
C THR A 25 3.01 -3.19 9.15
N PHE A 26 3.16 -4.08 8.18
CA PHE A 26 3.45 -3.66 6.82
C PHE A 26 2.18 -3.15 6.12
N GLN A 27 1.23 -4.04 5.96
CA GLN A 27 -0.03 -3.70 5.32
C GLN A 27 -0.50 -2.31 5.79
N LEU A 28 -0.11 -1.98 7.01
CA LEU A 28 -0.48 -0.69 7.58
C LEU A 28 0.23 0.43 6.81
N CYS A 29 -0.52 1.52 6.58
CA CYS A 29 0.01 2.67 5.86
C CYS A 29 0.94 3.49 6.75
N LYS A 30 2.16 3.72 6.25
CA LYS A 30 3.13 4.48 7.01
C LYS A 30 3.00 5.97 6.64
N ILE A 31 1.86 6.30 6.06
CA ILE A 31 1.59 7.68 5.66
C ILE A 31 0.73 8.36 6.73
N CYS A 32 -0.37 7.70 7.07
CA CYS A 32 -1.28 8.23 8.06
C CYS A 32 -1.15 7.38 9.33
N ALA A 33 -0.83 6.11 9.12
CA ALA A 33 -0.69 5.19 10.23
C ALA A 33 -2.04 4.99 10.91
N GLU A 34 -3.06 4.82 10.09
CA GLU A 34 -4.41 4.62 10.59
C GLU A 34 -5.11 3.50 9.81
N ASN A 35 -5.27 3.74 8.52
CA ASN A 35 -5.92 2.77 7.65
C ASN A 35 -4.85 1.92 6.95
N ASP A 36 -5.28 0.78 6.45
CA ASP A 36 -4.38 -0.12 5.76
C ASP A 36 -4.19 0.35 4.32
N LYS A 37 -3.12 -0.12 3.70
CA LYS A 37 -2.81 0.25 2.33
C LYS A 37 -3.91 -0.29 1.41
N ASP A 38 -4.01 -1.62 1.38
CA ASP A 38 -5.00 -2.27 0.55
C ASP A 38 -4.76 -1.90 -0.91
N VAL A 39 -3.50 -1.61 -1.21
CA VAL A 39 -3.12 -1.24 -2.56
C VAL A 39 -1.63 -1.48 -2.75
N LYS A 40 -1.17 -1.28 -3.98
CA LYS A 40 0.24 -1.47 -4.30
C LYS A 40 0.58 -0.70 -5.58
N ILE A 41 1.75 -0.11 -5.58
CA ILE A 41 2.21 0.66 -6.73
C ILE A 41 3.26 -0.14 -7.49
N GLU A 42 3.08 -0.20 -8.80
CA GLU A 42 4.01 -0.93 -9.65
C GLU A 42 4.30 -0.13 -10.92
N PRO A 43 5.43 -0.50 -11.59
CA PRO A 43 6.27 -1.59 -11.09
C PRO A 43 7.09 -1.14 -9.87
N CYS A 44 6.96 0.15 -9.57
CA CYS A 44 7.69 0.73 -8.43
C CYS A 44 7.75 -0.25 -7.26
N GLY A 45 6.64 -0.36 -6.54
CA GLY A 45 6.58 -1.27 -5.41
C GLY A 45 6.31 -0.50 -4.11
N HIS A 46 5.49 0.54 -4.23
CA HIS A 46 5.15 1.36 -3.09
C HIS A 46 3.69 1.11 -2.71
N LEU A 47 3.50 0.79 -1.43
CA LEU A 47 2.16 0.51 -0.92
C LEU A 47 1.61 1.78 -0.24
N MET A 48 0.30 1.83 -0.15
CA MET A 48 -0.36 2.98 0.46
C MET A 48 -1.87 2.74 0.58
N CYS A 49 -2.53 3.68 1.26
CA CYS A 49 -3.97 3.58 1.45
C CYS A 49 -4.65 4.30 0.28
N THR A 50 -5.75 3.71 -0.18
CA THR A 50 -6.50 4.28 -1.27
C THR A 50 -7.04 5.66 -0.90
N SER A 51 -7.56 5.75 0.32
CA SER A 51 -8.10 7.00 0.81
C SER A 51 -7.04 8.10 0.71
N CYS A 52 -5.97 7.94 1.47
CA CYS A 52 -4.89 8.90 1.48
C CYS A 52 -4.50 9.18 0.03
N LEU A 53 -4.25 8.12 -0.71
CA LEU A 53 -3.86 8.23 -2.10
C LEU A 53 -4.77 9.25 -2.79
N THR A 54 -6.07 9.07 -2.60
CA THR A 54 -7.05 9.96 -3.19
C THR A 54 -6.75 11.40 -2.82
N ALA A 55 -6.34 11.59 -1.57
CA ALA A 55 -6.01 12.92 -1.08
C ALA A 55 -4.87 13.51 -1.91
N TRP A 56 -4.09 12.62 -2.50
CA TRP A 56 -2.97 13.04 -3.32
C TRP A 56 -3.50 13.28 -4.74
N GLN A 57 -4.00 12.22 -5.35
CA GLN A 57 -4.53 12.31 -6.70
C GLN A 57 -5.62 13.38 -6.76
N GLU A 58 -6.08 13.79 -5.60
CA GLU A 58 -7.11 14.80 -5.51
C GLU A 58 -6.92 15.87 -6.60
N SER A 59 -5.80 16.55 -6.51
CA SER A 59 -5.48 17.59 -7.47
C SER A 59 -4.15 17.27 -8.17
N ASP A 60 -3.33 16.49 -7.47
CA ASP A 60 -2.04 16.11 -8.02
C ASP A 60 -2.22 14.90 -8.94
N GLY A 61 -2.02 13.72 -8.37
CA GLY A 61 -2.15 12.49 -9.13
C GLY A 61 -0.98 12.31 -10.10
N GLN A 62 0.17 12.85 -9.69
CA GLN A 62 1.37 12.76 -10.50
C GLN A 62 2.17 11.52 -10.11
N GLY A 63 1.62 10.37 -10.46
CA GLY A 63 2.28 9.10 -10.15
C GLY A 63 2.31 8.86 -8.65
N CYS A 64 3.09 7.85 -8.26
CA CYS A 64 3.23 7.50 -6.85
C CYS A 64 3.71 8.74 -6.10
N PRO A 65 3.02 9.04 -4.97
CA PRO A 65 3.37 10.19 -4.16
C PRO A 65 4.64 9.91 -3.34
N PHE A 66 5.17 8.72 -3.53
CA PHE A 66 6.38 8.32 -2.82
C PHE A 66 7.63 8.61 -3.66
N CYS A 67 7.63 8.06 -4.87
CA CYS A 67 8.74 8.26 -5.78
C CYS A 67 8.39 9.37 -6.76
N ARG A 68 7.28 10.04 -6.46
CA ARG A 68 6.82 11.12 -7.31
C ARG A 68 7.04 10.79 -8.78
N CYS A 69 6.98 9.49 -9.07
CA CYS A 69 7.17 9.02 -10.43
C CYS A 69 5.87 8.38 -10.90
N GLU A 70 5.69 8.39 -12.22
CA GLU A 70 4.49 7.82 -12.81
C GLU A 70 4.37 6.33 -12.45
N ILE A 71 3.15 5.83 -12.50
CA ILE A 71 2.89 4.45 -12.18
C ILE A 71 2.38 3.72 -13.43
N LYS A 72 2.55 2.41 -13.42
CA LYS A 72 2.11 1.60 -14.55
C LYS A 72 1.10 0.57 -14.06
N GLY A 73 1.41 -0.05 -12.93
CA GLY A 73 0.54 -1.05 -12.35
C GLY A 73 -0.07 -0.55 -11.03
N THR A 74 -1.38 -0.64 -10.95
CA THR A 74 -2.09 -0.20 -9.75
C THR A 74 -3.45 -0.90 -9.65
N GLU A 75 -3.66 -1.54 -8.51
CA GLU A 75 -4.91 -2.25 -8.27
C GLU A 75 -5.14 -2.42 -6.77
N PRO A 76 -6.45 -2.49 -6.40
CA PRO A 76 -6.82 -2.66 -5.01
C PRO A 76 -6.58 -4.09 -4.54
N ILE A 77 -5.46 -4.29 -3.87
CA ILE A 77 -5.09 -5.60 -3.37
C ILE A 77 -5.34 -5.65 -1.85
N ILE A 78 -5.37 -6.87 -1.33
CA ILE A 78 -5.59 -7.06 0.09
C ILE A 78 -4.31 -7.63 0.72
N VAL A 79 -3.62 -6.78 1.44
CA VAL A 79 -2.39 -7.19 2.10
C VAL A 79 -2.74 -7.97 3.38
N ASP A 80 -1.96 -9.01 3.62
CA ASP A 80 -2.17 -9.85 4.79
C ASP A 80 -0.84 -10.04 5.52
N PRO A 81 -0.94 -10.09 6.87
CA PRO A 81 0.25 -10.26 7.70
C PRO A 81 0.74 -11.71 7.66
N PHE A 82 1.99 -11.89 8.03
CA PHE A 82 2.59 -13.22 8.03
C PHE A 82 1.77 -14.18 8.89
ZN ZN B . -1.96 6.91 4.06
ZN ZN C . 6.11 4.87 -5.79
N GLY A 1 -19.14 -8.42 1.66
CA GLY A 1 -18.92 -9.25 0.48
C GLY A 1 -18.13 -8.49 -0.58
N PRO A 2 -16.78 -8.71 -0.57
CA PRO A 2 -15.91 -8.07 -1.52
C PRO A 2 -16.04 -8.69 -2.91
N HIS A 3 -15.29 -8.14 -3.85
CA HIS A 3 -15.31 -8.64 -5.22
C HIS A 3 -14.16 -9.62 -5.42
N MET A 4 -14.04 -10.10 -6.66
CA MET A 4 -12.99 -11.04 -6.99
C MET A 4 -11.94 -10.39 -7.89
N GLY A 5 -11.93 -9.06 -7.88
CA GLY A 5 -10.98 -8.32 -8.68
C GLY A 5 -9.76 -7.90 -7.85
N SER A 6 -9.94 -7.96 -6.54
CA SER A 6 -8.86 -7.60 -5.63
C SER A 6 -7.83 -8.72 -5.55
N ASP A 7 -6.57 -8.34 -5.57
CA ASP A 7 -5.49 -9.31 -5.49
C ASP A 7 -5.17 -9.59 -4.03
N HIS A 8 -4.16 -10.42 -3.82
CA HIS A 8 -3.74 -10.78 -2.48
C HIS A 8 -2.21 -10.78 -2.40
N ILE A 9 -1.70 -10.48 -1.22
CA ILE A 9 -0.27 -10.46 -0.99
C ILE A 9 0.06 -11.15 0.33
N LYS A 10 1.30 -11.58 0.45
CA LYS A 10 1.75 -12.25 1.66
C LYS A 10 2.96 -11.51 2.24
N VAL A 11 3.11 -11.63 3.55
CA VAL A 11 4.22 -10.97 4.23
C VAL A 11 5.23 -12.02 4.66
N THR A 12 6.44 -11.55 4.95
CA THR A 12 7.51 -12.43 5.37
C THR A 12 7.88 -12.17 6.83
N GLN A 13 8.50 -13.16 7.44
CA GLN A 13 8.91 -13.05 8.84
C GLN A 13 9.89 -11.88 9.00
N GLU A 14 10.84 -11.81 8.10
CA GLU A 14 11.84 -10.76 8.14
C GLU A 14 11.16 -9.40 8.29
N GLN A 15 10.11 -9.20 7.50
CA GLN A 15 9.36 -7.96 7.55
C GLN A 15 8.67 -7.79 8.90
N TYR A 16 8.07 -8.88 9.36
CA TYR A 16 7.37 -8.87 10.63
C TYR A 16 8.31 -8.47 11.77
N GLU A 17 9.58 -8.74 11.57
CA GLU A 17 10.59 -8.41 12.56
C GLU A 17 11.12 -7.00 12.32
N LEU A 18 11.33 -6.68 11.06
CA LEU A 18 11.84 -5.37 10.68
C LEU A 18 10.82 -4.30 11.09
N PTR A 19 9.55 -4.68 11.02
CA PTR A 19 8.46 -3.78 11.38
C PTR A 19 8.18 -3.82 12.87
O PTR A 19 7.52 -2.92 13.38
CB PTR A 19 7.19 -4.13 10.59
CG PTR A 19 7.24 -3.74 9.14
CD1 PTR A 19 6.21 -2.99 8.57
CD2 PTR A 19 8.31 -4.09 8.33
CE1 PTR A 19 6.25 -2.62 7.24
CE2 PTR A 19 8.36 -3.73 7.00
CZ PTR A 19 7.32 -2.98 6.46
OH PTR A 19 7.36 -2.60 5.08
P PTR A 19 6.80 -1.15 4.60
O1P PTR A 19 7.52 -0.82 3.31
O2P PTR A 19 7.14 -0.19 5.73
O3P PTR A 19 5.30 -1.33 4.41
H PTR A 19 9.34 -5.59 10.73
HA PTR A 19 8.76 -2.77 11.11
HB2 PTR A 19 7.04 -5.20 10.64
HB3 PTR A 19 6.35 -3.64 11.05
HD1 PTR A 19 5.38 -2.70 9.18
HD2 PTR A 19 9.12 -4.68 8.75
HE1 PTR A 19 5.44 -2.04 6.82
HE2 PTR A 19 9.20 -4.02 6.38
N CYS A 20 8.68 -4.85 13.52
CA CYS A 20 8.49 -4.99 14.97
C CYS A 20 9.11 -3.79 15.66
N GLU A 21 10.39 -3.58 15.38
CA GLU A 21 11.13 -2.49 15.97
C GLU A 21 10.26 -1.22 15.99
N MET A 22 9.97 -0.71 14.80
CA MET A 22 9.17 0.47 14.66
C MET A 22 7.83 0.32 15.41
N GLY A 23 7.33 -0.90 15.41
CA GLY A 23 6.07 -1.19 16.08
C GLY A 23 4.88 -0.96 15.14
N SER A 24 4.98 -1.55 13.96
CA SER A 24 3.93 -1.42 12.97
C SER A 24 3.82 -2.71 12.14
N THR A 25 2.87 -2.71 11.22
CA THR A 25 2.66 -3.86 10.37
C THR A 25 2.90 -3.49 8.91
N PHE A 26 3.11 -4.52 8.10
CA PHE A 26 3.36 -4.32 6.68
C PHE A 26 2.15 -3.69 6.00
N GLN A 27 1.08 -4.47 5.91
CA GLN A 27 -0.14 -4.00 5.29
C GLN A 27 -0.50 -2.61 5.81
N LEU A 28 -0.03 -2.32 7.01
CA LEU A 28 -0.29 -1.03 7.64
C LEU A 28 0.47 0.06 6.88
N CYS A 29 -0.30 0.99 6.32
CA CYS A 29 0.28 2.09 5.56
C CYS A 29 1.35 2.82 6.39
N LYS A 30 2.38 3.30 5.71
CA LYS A 30 3.44 4.01 6.39
C LYS A 30 3.29 5.51 6.14
N ILE A 31 2.06 5.91 5.86
CA ILE A 31 1.77 7.31 5.60
C ILE A 31 0.91 7.86 6.75
N CYS A 32 -0.13 7.12 7.07
CA CYS A 32 -1.04 7.52 8.14
C CYS A 32 -0.84 6.57 9.32
N ALA A 33 -0.52 5.33 8.99
CA ALA A 33 -0.30 4.32 10.01
C ALA A 33 -1.58 4.14 10.82
N GLU A 34 -2.70 4.40 10.17
CA GLU A 34 -4.00 4.26 10.83
C GLU A 34 -4.87 3.27 10.06
N ASN A 35 -4.80 3.36 8.74
CA ASN A 35 -5.58 2.48 7.88
C ASN A 35 -4.62 1.58 7.08
N ASP A 36 -5.21 0.59 6.42
CA ASP A 36 -4.44 -0.34 5.62
C ASP A 36 -4.28 0.22 4.21
N LYS A 37 -3.37 -0.37 3.47
CA LYS A 37 -3.11 0.06 2.10
C LYS A 37 -4.33 -0.25 1.23
N ASP A 38 -4.63 -1.54 1.14
CA ASP A 38 -5.77 -1.98 0.34
C ASP A 38 -5.57 -1.55 -1.11
N VAL A 39 -4.31 -1.29 -1.46
CA VAL A 39 -3.97 -0.88 -2.81
C VAL A 39 -2.55 -1.33 -3.13
N LYS A 40 -2.16 -1.10 -4.38
CA LYS A 40 -0.83 -1.48 -4.83
C LYS A 40 -0.45 -0.64 -6.05
N ILE A 41 0.84 -0.51 -6.26
CA ILE A 41 1.35 0.25 -7.39
C ILE A 41 2.24 -0.64 -8.25
N GLU A 42 2.17 -0.41 -9.56
CA GLU A 42 2.95 -1.18 -10.51
C GLU A 42 3.54 -0.27 -11.58
N PRO A 43 4.58 -0.80 -12.29
CA PRO A 43 5.06 -2.14 -12.01
C PRO A 43 5.87 -2.17 -10.72
N CYS A 44 6.20 -0.98 -10.23
CA CYS A 44 6.99 -0.85 -9.01
C CYS A 44 6.60 -1.92 -7.99
N GLY A 45 5.41 -1.78 -7.41
CA GLY A 45 4.94 -2.73 -6.43
C GLY A 45 4.76 -2.07 -5.06
N HIS A 46 4.70 -0.75 -5.08
CA HIS A 46 4.55 0.01 -3.85
C HIS A 46 3.09 -0.10 -3.36
N LEU A 47 2.95 -0.09 -2.05
CA LEU A 47 1.63 -0.19 -1.45
C LEU A 47 1.34 1.10 -0.66
N MET A 48 0.05 1.37 -0.48
CA MET A 48 -0.37 2.55 0.25
C MET A 48 -1.88 2.53 0.49
N CYS A 49 -2.34 3.51 1.27
CA CYS A 49 -3.75 3.61 1.59
C CYS A 49 -4.39 4.59 0.60
N THR A 50 -5.44 4.12 -0.05
CA THR A 50 -6.14 4.93 -1.02
C THR A 50 -6.58 6.26 -0.39
N SER A 51 -7.32 6.15 0.70
CA SER A 51 -7.79 7.33 1.41
C SER A 51 -6.66 8.36 1.51
N CYS A 52 -5.44 7.85 1.59
CA CYS A 52 -4.28 8.72 1.70
C CYS A 52 -3.93 9.23 0.30
N LEU A 53 -3.80 8.30 -0.63
CA LEU A 53 -3.48 8.64 -2.01
C LEU A 53 -4.31 9.86 -2.44
N THR A 54 -5.55 9.86 -1.98
CA THR A 54 -6.47 10.95 -2.30
C THR A 54 -5.91 12.28 -1.78
N ALA A 55 -5.47 12.26 -0.54
CA ALA A 55 -4.92 13.45 0.09
C ALA A 55 -3.73 13.95 -0.74
N TRP A 56 -3.16 13.03 -1.51
CA TRP A 56 -2.02 13.36 -2.35
C TRP A 56 -2.55 13.96 -3.66
N GLN A 57 -3.26 13.12 -4.41
CA GLN A 57 -3.83 13.54 -5.67
C GLN A 57 -4.65 14.82 -5.49
N GLU A 58 -4.99 15.08 -4.23
CA GLU A 58 -5.78 16.26 -3.91
C GLU A 58 -5.37 17.43 -4.79
N SER A 59 -4.12 17.84 -4.64
CA SER A 59 -3.59 18.95 -5.43
C SER A 59 -2.39 18.49 -6.24
N ASP A 60 -1.76 17.43 -5.76
CA ASP A 60 -0.59 16.88 -6.43
C ASP A 60 -1.06 15.97 -7.58
N GLY A 61 -1.14 14.69 -7.26
CA GLY A 61 -1.57 13.70 -8.24
C GLY A 61 -0.50 13.50 -9.31
N GLN A 62 0.75 13.70 -8.91
CA GLN A 62 1.87 13.54 -9.83
C GLN A 62 2.40 12.10 -9.77
N GLY A 63 1.58 11.19 -10.25
CA GLY A 63 1.96 9.79 -10.27
C GLY A 63 2.08 9.24 -8.84
N CYS A 64 2.69 8.06 -8.74
CA CYS A 64 2.87 7.42 -7.45
C CYS A 64 3.66 8.38 -6.55
N PRO A 65 3.10 8.60 -5.33
CA PRO A 65 3.74 9.49 -4.37
C PRO A 65 4.95 8.82 -3.73
N PHE A 66 5.21 7.59 -4.16
CA PHE A 66 6.35 6.84 -3.65
C PHE A 66 7.55 6.93 -4.59
N CYS A 67 7.25 6.83 -5.88
CA CYS A 67 8.30 6.91 -6.89
C CYS A 67 8.12 8.22 -7.66
N ARG A 68 7.23 9.06 -7.15
CA ARG A 68 6.96 10.34 -7.78
C ARG A 68 6.99 10.20 -9.31
N CYS A 69 6.60 9.01 -9.76
CA CYS A 69 6.57 8.73 -11.19
C CYS A 69 5.16 8.29 -11.56
N GLU A 70 4.89 8.30 -12.85
CA GLU A 70 3.58 7.90 -13.35
C GLU A 70 3.31 6.44 -13.03
N ILE A 71 2.04 6.15 -12.74
CA ILE A 71 1.65 4.79 -12.41
C ILE A 71 1.14 4.09 -13.67
N LYS A 72 1.38 2.79 -13.72
CA LYS A 72 0.95 1.99 -14.86
C LYS A 72 -0.06 0.95 -14.40
N GLY A 73 0.25 0.32 -13.28
CA GLY A 73 -0.62 -0.70 -12.73
C GLY A 73 -1.11 -0.30 -11.32
N THR A 74 -2.42 -0.39 -11.15
CA THR A 74 -3.03 -0.05 -9.87
C THR A 74 -4.32 -0.83 -9.67
N GLU A 75 -4.51 -1.29 -8.44
CA GLU A 75 -5.69 -2.06 -8.11
C GLU A 75 -5.77 -2.29 -6.59
N PRO A 76 -7.02 -2.42 -6.08
CA PRO A 76 -7.23 -2.65 -4.66
C PRO A 76 -6.90 -4.09 -4.28
N ILE A 77 -5.73 -4.27 -3.70
CA ILE A 77 -5.27 -5.58 -3.29
C ILE A 77 -5.41 -5.72 -1.77
N ILE A 78 -5.46 -6.96 -1.32
CA ILE A 78 -5.59 -7.24 0.10
C ILE A 78 -4.28 -7.85 0.62
N VAL A 79 -3.53 -7.03 1.34
CA VAL A 79 -2.27 -7.49 1.90
C VAL A 79 -2.54 -8.37 3.13
N ASP A 80 -1.66 -9.34 3.32
CA ASP A 80 -1.80 -10.25 4.44
C ASP A 80 -0.46 -10.34 5.18
N PRO A 81 -0.56 -10.46 6.54
CA PRO A 81 0.62 -10.55 7.37
C PRO A 81 1.27 -11.94 7.25
N PHE A 82 2.42 -12.07 7.88
CA PHE A 82 3.15 -13.33 7.87
C PHE A 82 2.29 -14.47 8.44
ZN ZN B . -1.46 6.68 4.67
ZN ZN C . 4.88 3.42 -7.05
N GLY A 1 -16.88 -12.91 0.54
CA GLY A 1 -17.66 -11.93 -0.20
C GLY A 1 -17.72 -12.29 -1.69
N PRO A 2 -18.37 -11.39 -2.47
CA PRO A 2 -18.50 -11.59 -3.90
C PRO A 2 -17.18 -11.31 -4.62
N HIS A 3 -17.20 -11.51 -5.93
CA HIS A 3 -16.02 -11.28 -6.74
C HIS A 3 -15.84 -9.79 -6.99
N MET A 4 -14.64 -9.30 -6.71
CA MET A 4 -14.33 -7.90 -6.91
C MET A 4 -13.21 -7.71 -7.92
N GLY A 5 -12.15 -8.49 -7.74
CA GLY A 5 -11.01 -8.42 -8.63
C GLY A 5 -9.72 -8.18 -7.85
N SER A 6 -9.88 -7.65 -6.65
CA SER A 6 -8.74 -7.35 -5.80
C SER A 6 -7.86 -8.60 -5.66
N ASP A 7 -6.56 -8.35 -5.50
CA ASP A 7 -5.61 -9.43 -5.36
C ASP A 7 -5.38 -9.72 -3.88
N HIS A 8 -4.45 -10.62 -3.61
CA HIS A 8 -4.12 -10.99 -2.25
C HIS A 8 -2.61 -11.16 -2.11
N ILE A 9 -2.10 -10.72 -0.96
CA ILE A 9 -0.68 -10.81 -0.70
C ILE A 9 -0.46 -11.48 0.67
N LYS A 10 0.73 -12.03 0.84
CA LYS A 10 1.07 -12.70 2.08
C LYS A 10 2.24 -11.96 2.75
N VAL A 11 2.29 -12.10 4.07
CA VAL A 11 3.35 -11.46 4.83
C VAL A 11 4.37 -12.52 5.27
N THR A 12 5.61 -12.08 5.39
CA THR A 12 6.69 -12.97 5.80
C THR A 12 7.29 -12.51 7.12
N GLN A 13 8.24 -13.29 7.62
CA GLN A 13 8.90 -12.97 8.87
C GLN A 13 9.89 -11.82 8.67
N GLU A 14 10.48 -11.79 7.48
CA GLU A 14 11.45 -10.75 7.16
C GLU A 14 10.80 -9.37 7.29
N GLN A 15 9.61 -9.25 6.71
CA GLN A 15 8.88 -7.99 6.75
C GLN A 15 8.57 -7.61 8.20
N TYR A 16 7.73 -8.41 8.82
CA TYR A 16 7.34 -8.17 10.20
C TYR A 16 8.56 -7.80 11.06
N GLU A 17 9.64 -8.54 10.83
CA GLU A 17 10.87 -8.31 11.57
C GLU A 17 11.45 -6.93 11.22
N LEU A 18 11.40 -6.63 9.93
CA LEU A 18 11.91 -5.34 9.46
C LEU A 18 11.11 -4.21 10.08
N PTR A 19 9.80 -4.44 10.19
CA PTR A 19 8.90 -3.45 10.77
C PTR A 19 8.84 -3.59 12.28
O PTR A 19 8.34 -2.70 12.96
CB PTR A 19 7.49 -3.60 10.18
CG PTR A 19 7.47 -3.66 8.67
CD1 PTR A 19 8.45 -3.01 7.92
CD2 PTR A 19 6.48 -4.35 7.99
CE1 PTR A 19 8.43 -3.06 6.54
CE2 PTR A 19 6.46 -4.40 6.61
CZ PTR A 19 7.45 -3.75 5.89
OH PTR A 19 7.42 -3.80 4.45
P PTR A 19 7.18 -2.44 3.59
O1P PTR A 19 7.82 -2.71 2.23
O2P PTR A 19 7.88 -1.34 4.35
O3P PTR A 19 5.68 -2.25 3.52
H PTR A 19 9.44 -5.29 9.87
HA PTR A 19 9.28 -2.47 10.53
HB2 PTR A 19 7.06 -4.52 10.55
HB3 PTR A 19 6.89 -2.77 10.49
HD1 PTR A 19 9.23 -2.46 8.43
HD2 PTR A 19 5.71 -4.85 8.56
HE1 PTR A 19 9.21 -2.55 5.97
HE2 PTR A 19 5.68 -4.95 6.11
N CYS A 20 9.36 -4.70 12.79
CA CYS A 20 9.37 -4.94 14.23
C CYS A 20 10.22 -3.86 14.90
N GLU A 21 11.10 -3.27 14.09
CA GLU A 21 11.99 -2.24 14.60
C GLU A 21 11.22 -0.92 14.76
N MET A 22 10.19 -0.76 13.94
CA MET A 22 9.38 0.44 13.99
C MET A 22 7.96 0.11 14.44
N GLY A 23 7.82 -1.03 15.11
CA GLY A 23 6.53 -1.47 15.60
C GLY A 23 5.42 -1.13 14.61
N SER A 24 5.67 -1.46 13.36
CA SER A 24 4.71 -1.20 12.30
C SER A 24 4.32 -2.51 11.60
N THR A 25 3.11 -2.51 11.06
CA THR A 25 2.61 -3.70 10.37
C THR A 25 2.79 -3.54 8.85
N PHE A 26 2.77 -4.68 8.17
CA PHE A 26 2.92 -4.68 6.73
C PHE A 26 1.75 -4.00 6.05
N GLN A 27 0.58 -4.63 6.18
CA GLN A 27 -0.63 -4.10 5.59
C GLN A 27 -0.85 -2.64 6.02
N LEU A 28 -0.41 -2.35 7.24
CA LEU A 28 -0.55 -1.00 7.77
C LEU A 28 0.19 -0.02 6.85
N CYS A 29 -0.47 1.10 6.59
CA CYS A 29 0.09 2.14 5.74
C CYS A 29 1.15 2.95 6.49
N LYS A 30 2.26 3.20 5.82
CA LYS A 30 3.34 3.97 6.43
C LYS A 30 3.18 5.44 6.08
N ILE A 31 1.95 5.81 5.75
CA ILE A 31 1.64 7.19 5.40
C ILE A 31 0.77 7.80 6.49
N CYS A 32 -0.31 7.11 6.80
CA CYS A 32 -1.23 7.57 7.83
C CYS A 32 -0.98 6.78 9.11
N ALA A 33 -0.48 5.57 8.91
CA ALA A 33 -0.19 4.69 10.04
C ALA A 33 -1.46 4.52 10.89
N GLU A 34 -2.59 4.62 10.22
CA GLU A 34 -3.87 4.49 10.90
C GLU A 34 -4.69 3.36 10.27
N ASN A 35 -4.64 3.31 8.94
CA ASN A 35 -5.37 2.29 8.21
C ASN A 35 -4.38 1.44 7.42
N ASP A 36 -4.93 0.47 6.70
CA ASP A 36 -4.11 -0.43 5.90
C ASP A 36 -3.93 0.16 4.50
N LYS A 37 -3.06 -0.47 3.73
CA LYS A 37 -2.79 -0.02 2.37
C LYS A 37 -3.92 -0.49 1.45
N ASP A 38 -4.04 -1.81 1.35
CA ASP A 38 -5.07 -2.40 0.50
C ASP A 38 -4.83 -1.99 -0.95
N VAL A 39 -3.58 -1.63 -1.23
CA VAL A 39 -3.20 -1.22 -2.57
C VAL A 39 -1.69 -1.39 -2.74
N LYS A 40 -1.24 -1.20 -3.98
CA LYS A 40 0.17 -1.33 -4.29
C LYS A 40 0.49 -0.53 -5.55
N ILE A 41 1.76 -0.21 -5.71
CA ILE A 41 2.20 0.55 -6.88
C ILE A 41 3.18 -0.30 -7.69
N GLU A 42 3.03 -0.22 -9.00
CA GLU A 42 3.88 -0.96 -9.91
C GLU A 42 4.45 -0.05 -10.99
N PRO A 43 5.55 -0.53 -11.64
CA PRO A 43 6.09 -1.84 -11.31
C PRO A 43 6.86 -1.79 -9.99
N CYS A 44 7.16 -0.57 -9.56
CA CYS A 44 7.90 -0.35 -8.32
C CYS A 44 7.49 -1.38 -7.26
N GLY A 45 6.44 -1.07 -6.52
CA GLY A 45 5.97 -1.97 -5.48
C GLY A 45 5.76 -1.22 -4.16
N HIS A 46 5.18 -0.03 -4.27
CA HIS A 46 4.91 0.79 -3.10
C HIS A 46 3.46 0.59 -2.65
N LEU A 47 3.30 0.35 -1.36
CA LEU A 47 1.99 0.15 -0.79
C LEU A 47 1.52 1.44 -0.12
N MET A 48 0.20 1.60 -0.09
CA MET A 48 -0.39 2.78 0.53
C MET A 48 -1.89 2.61 0.71
N CYS A 49 -2.48 3.55 1.43
CA CYS A 49 -3.91 3.51 1.70
C CYS A 49 -4.62 4.41 0.68
N THR A 50 -5.43 3.78 -0.15
CA THR A 50 -6.17 4.51 -1.17
C THR A 50 -6.68 5.84 -0.62
N SER A 51 -7.47 5.73 0.43
CA SER A 51 -8.03 6.91 1.07
C SER A 51 -6.96 8.01 1.19
N CYS A 52 -5.78 7.58 1.59
CA CYS A 52 -4.66 8.51 1.74
C CYS A 52 -4.27 9.02 0.36
N LEU A 53 -3.98 8.08 -0.53
CA LEU A 53 -3.59 8.41 -1.89
C LEU A 53 -4.50 9.50 -2.42
N THR A 54 -5.77 9.42 -2.03
CA THR A 54 -6.75 10.39 -2.45
C THR A 54 -6.37 11.79 -1.97
N ALA A 55 -5.99 11.87 -0.70
CA ALA A 55 -5.60 13.12 -0.10
C ALA A 55 -4.45 13.73 -0.91
N TRP A 56 -3.75 12.86 -1.63
CA TRP A 56 -2.63 13.29 -2.44
C TRP A 56 -3.17 13.75 -3.80
N GLN A 57 -3.74 12.79 -4.52
CA GLN A 57 -4.30 13.07 -5.82
C GLN A 57 -5.29 14.24 -5.74
N GLU A 58 -5.71 14.52 -4.52
CA GLU A 58 -6.65 15.60 -4.29
C GLU A 58 -6.36 16.78 -5.22
N SER A 59 -5.18 17.35 -5.04
CA SER A 59 -4.77 18.48 -5.86
C SER A 59 -3.48 18.13 -6.62
N ASP A 60 -2.74 17.19 -6.07
CA ASP A 60 -1.49 16.76 -6.67
C ASP A 60 -1.79 15.73 -7.76
N GLY A 61 -1.70 14.46 -7.38
CA GLY A 61 -1.96 13.37 -8.31
C GLY A 61 -0.84 13.27 -9.35
N GLN A 62 0.36 13.60 -8.91
CA GLN A 62 1.51 13.54 -9.79
C GLN A 62 2.20 12.18 -9.67
N GLY A 63 1.50 11.17 -10.13
CA GLY A 63 2.02 9.81 -10.09
C GLY A 63 2.18 9.32 -8.64
N CYS A 64 2.97 8.28 -8.49
CA CYS A 64 3.22 7.72 -7.17
C CYS A 64 3.85 8.80 -6.29
N PRO A 65 3.20 9.02 -5.12
CA PRO A 65 3.67 10.02 -4.18
C PRO A 65 4.93 9.53 -3.44
N PHE A 66 5.31 8.31 -3.75
CA PHE A 66 6.48 7.71 -3.13
C PHE A 66 7.73 7.91 -4.00
N CYS A 67 7.54 7.72 -5.29
CA CYS A 67 8.63 7.87 -6.24
C CYS A 67 8.35 9.11 -7.10
N ARG A 68 7.35 9.87 -6.69
CA ARG A 68 6.97 11.07 -7.41
C ARG A 68 7.08 10.84 -8.92
N CYS A 69 6.86 9.60 -9.31
CA CYS A 69 6.93 9.24 -10.71
C CYS A 69 5.62 8.56 -11.10
N GLU A 70 5.20 8.80 -12.35
CA GLU A 70 3.97 8.23 -12.85
C GLU A 70 3.90 6.74 -12.51
N ILE A 71 2.67 6.26 -12.39
CA ILE A 71 2.44 4.86 -12.06
C ILE A 71 2.11 4.08 -13.34
N LYS A 72 2.41 2.80 -13.32
CA LYS A 72 2.15 1.95 -14.47
C LYS A 72 1.09 0.92 -14.09
N GLY A 73 1.28 0.31 -12.92
CA GLY A 73 0.35 -0.70 -12.43
C GLY A 73 -0.23 -0.29 -11.08
N THR A 74 -1.55 -0.36 -11.00
CA THR A 74 -2.25 0.00 -9.78
C THR A 74 -3.58 -0.75 -9.67
N GLU A 75 -3.84 -1.26 -8.48
CA GLU A 75 -5.07 -2.01 -8.25
C GLU A 75 -5.28 -2.24 -6.75
N PRO A 76 -6.57 -2.33 -6.35
CA PRO A 76 -6.91 -2.54 -4.95
C PRO A 76 -6.65 -3.99 -4.54
N ILE A 77 -5.54 -4.19 -3.85
CA ILE A 77 -5.16 -5.52 -3.39
C ILE A 77 -5.45 -5.64 -1.90
N ILE A 78 -5.64 -6.88 -1.46
CA ILE A 78 -5.91 -7.15 -0.06
C ILE A 78 -4.71 -7.84 0.58
N VAL A 79 -3.98 -7.06 1.38
CA VAL A 79 -2.81 -7.59 2.06
C VAL A 79 -3.25 -8.43 3.25
N ASP A 80 -2.47 -9.47 3.53
CA ASP A 80 -2.75 -10.36 4.63
C ASP A 80 -1.51 -10.51 5.50
N PRO A 81 -1.74 -10.61 6.84
CA PRO A 81 -0.64 -10.77 7.78
C PRO A 81 -0.08 -12.18 7.74
N PHE A 82 1.01 -12.38 8.48
CA PHE A 82 1.64 -13.68 8.54
C PHE A 82 0.73 -14.72 9.20
ZN ZN B . -1.66 6.60 4.35
ZN ZN C . 5.65 3.97 -6.70
N GLY A 1 -19.79 -12.13 0.44
CA GLY A 1 -18.35 -12.11 0.42
C GLY A 1 -17.82 -10.89 -0.33
N PRO A 2 -16.47 -10.71 -0.26
CA PRO A 2 -15.84 -9.58 -0.92
C PRO A 2 -15.77 -9.81 -2.43
N HIS A 3 -15.21 -8.81 -3.12
CA HIS A 3 -15.08 -8.88 -4.57
C HIS A 3 -14.03 -9.94 -4.93
N MET A 4 -13.75 -10.02 -6.22
CA MET A 4 -12.77 -10.98 -6.71
C MET A 4 -11.75 -10.30 -7.64
N GLY A 5 -11.86 -8.98 -7.72
CA GLY A 5 -10.97 -8.21 -8.56
C GLY A 5 -9.73 -7.76 -7.79
N SER A 6 -9.80 -7.96 -6.48
CA SER A 6 -8.68 -7.58 -5.61
C SER A 6 -7.68 -8.73 -5.52
N ASP A 7 -6.42 -8.35 -5.44
CA ASP A 7 -5.35 -9.34 -5.34
C ASP A 7 -5.06 -9.63 -3.87
N HIS A 8 -4.07 -10.48 -3.66
CA HIS A 8 -3.69 -10.85 -2.30
C HIS A 8 -2.16 -10.93 -2.20
N ILE A 9 -1.65 -10.46 -1.08
CA ILE A 9 -0.21 -10.45 -0.85
C ILE A 9 0.08 -11.07 0.52
N LYS A 10 1.09 -11.93 0.54
CA LYS A 10 1.48 -12.59 1.78
C LYS A 10 2.74 -11.94 2.33
N VAL A 11 2.69 -11.59 3.60
CA VAL A 11 3.82 -10.96 4.26
C VAL A 11 4.88 -12.02 4.58
N THR A 12 6.11 -11.55 4.73
CA THR A 12 7.21 -12.45 5.05
C THR A 12 7.89 -12.03 6.36
N GLN A 13 8.41 -13.01 7.06
CA GLN A 13 9.08 -12.76 8.33
C GLN A 13 10.07 -11.60 8.17
N GLU A 14 10.73 -11.57 7.03
CA GLU A 14 11.70 -10.53 6.75
C GLU A 14 11.04 -9.15 6.84
N GLN A 15 9.79 -9.09 6.39
CA GLN A 15 9.04 -7.86 6.40
C GLN A 15 8.59 -7.53 7.83
N TYR A 16 7.70 -8.37 8.34
CA TYR A 16 7.18 -8.19 9.69
C TYR A 16 8.29 -7.77 10.65
N GLU A 17 9.27 -8.65 10.79
CA GLU A 17 10.39 -8.39 11.68
C GLU A 17 10.97 -6.99 11.40
N LEU A 18 11.20 -6.73 10.13
CA LEU A 18 11.74 -5.44 9.73
C LEU A 18 10.81 -4.33 10.19
N PTR A 19 9.52 -4.64 10.20
CA PTR A 19 8.50 -3.69 10.62
C PTR A 19 8.32 -3.71 12.14
O PTR A 19 7.74 -2.78 12.69
CB PTR A 19 7.16 -4.00 9.94
CG PTR A 19 7.11 -3.55 8.49
CD1 PTR A 19 6.02 -2.84 8.01
CD2 PTR A 19 8.15 -3.84 7.62
CE1 PTR A 19 5.96 -2.43 6.69
CE2 PTR A 19 8.10 -3.44 6.29
CZ PTR A 19 7.01 -2.73 5.84
OH PTR A 19 6.95 -2.31 4.46
P PTR A 19 6.79 -0.73 4.09
O1P PTR A 19 7.91 -0.42 3.12
O2P PTR A 19 6.93 0.02 5.41
O3P PTR A 19 5.41 -0.59 3.48
H PTR A 19 9.24 -5.55 9.94
HA PTR A 19 8.82 -2.71 10.33
HB2 PTR A 19 7.00 -5.07 9.96
HB3 PTR A 19 6.37 -3.50 10.47
HD1 PTR A 19 5.21 -2.61 8.68
HD2 PTR A 19 9.00 -4.39 7.98
HE1 PTR A 19 5.11 -1.88 6.34
HE2 PTR A 19 8.92 -3.67 5.63
N CYS A 20 8.81 -4.77 12.77
CA CYS A 20 8.70 -4.90 14.21
C CYS A 20 9.57 -3.81 14.86
N GLU A 21 10.61 -3.42 14.14
CA GLU A 21 11.51 -2.40 14.63
C GLU A 21 10.88 -1.01 14.48
N MET A 22 9.74 -0.98 13.80
CA MET A 22 9.03 0.27 13.59
C MET A 22 7.83 0.38 14.53
N GLY A 23 7.28 -0.77 14.88
CA GLY A 23 6.13 -0.81 15.77
C GLY A 23 4.83 -0.74 14.99
N SER A 24 4.87 -1.26 13.77
CA SER A 24 3.70 -1.27 12.91
C SER A 24 3.67 -2.55 12.07
N THR A 25 2.70 -2.61 11.17
CA THR A 25 2.55 -3.77 10.31
C THR A 25 2.70 -3.36 8.84
N PHE A 26 2.85 -4.37 7.99
CA PHE A 26 3.01 -4.13 6.56
C PHE A 26 1.68 -3.65 5.95
N GLN A 27 0.71 -4.54 5.97
CA GLN A 27 -0.60 -4.22 5.42
C GLN A 27 -1.03 -2.82 5.84
N LEU A 28 -0.52 -2.40 6.99
CA LEU A 28 -0.83 -1.08 7.52
C LEU A 28 -0.10 -0.02 6.71
N CYS A 29 -0.82 1.05 6.39
CA CYS A 29 -0.26 2.16 5.61
C CYS A 29 0.78 2.91 6.43
N LYS A 30 1.95 3.14 5.83
CA LYS A 30 3.00 3.85 6.51
C LYS A 30 2.92 5.34 6.17
N ILE A 31 1.69 5.79 5.96
CA ILE A 31 1.45 7.19 5.63
C ILE A 31 0.71 7.86 6.78
N CYS A 32 -0.48 7.33 7.07
CA CYS A 32 -1.29 7.86 8.15
C CYS A 32 -1.25 6.88 9.32
N ALA A 33 -0.93 5.64 9.00
CA ALA A 33 -0.85 4.60 10.01
C ALA A 33 -2.18 4.53 10.78
N GLU A 34 -3.26 4.68 10.02
CA GLU A 34 -4.58 4.64 10.62
C GLU A 34 -5.41 3.52 9.99
N ASN A 35 -5.26 3.37 8.68
CA ASN A 35 -6.00 2.35 7.95
C ASN A 35 -5.00 1.48 7.19
N ASP A 36 -5.55 0.48 6.50
CA ASP A 36 -4.73 -0.43 5.72
C ASP A 36 -4.53 0.13 4.31
N LYS A 37 -3.58 -0.46 3.61
CA LYS A 37 -3.27 -0.03 2.25
C LYS A 37 -4.47 -0.36 1.35
N ASP A 38 -4.75 -1.66 1.24
CA ASP A 38 -5.84 -2.12 0.42
C ASP A 38 -5.62 -1.68 -1.03
N VAL A 39 -4.35 -1.43 -1.35
CA VAL A 39 -3.99 -1.01 -2.69
C VAL A 39 -2.52 -1.34 -2.94
N LYS A 40 -2.09 -1.10 -4.17
CA LYS A 40 -0.71 -1.37 -4.55
C LYS A 40 -0.36 -0.54 -5.78
N ILE A 41 0.95 -0.34 -5.97
CA ILE A 41 1.43 0.43 -7.10
C ILE A 41 2.30 -0.46 -7.98
N GLU A 42 2.21 -0.23 -9.28
CA GLU A 42 2.99 -1.00 -10.24
C GLU A 42 3.59 -0.07 -11.31
N PRO A 43 4.61 -0.60 -12.02
CA PRO A 43 5.08 -1.96 -11.76
C PRO A 43 5.90 -2.02 -10.47
N CYS A 44 6.28 -0.84 -9.98
CA CYS A 44 7.07 -0.72 -8.76
C CYS A 44 6.64 -1.78 -7.74
N GLY A 45 5.61 -1.47 -6.98
CA GLY A 45 5.11 -2.38 -5.97
C GLY A 45 4.99 -1.70 -4.60
N HIS A 46 4.50 -0.48 -4.63
CA HIS A 46 4.32 0.29 -3.42
C HIS A 46 2.88 0.17 -2.93
N LEU A 47 2.74 0.01 -1.62
CA LEU A 47 1.42 -0.11 -1.02
C LEU A 47 1.09 1.17 -0.27
N MET A 48 -0.20 1.45 -0.20
CA MET A 48 -0.67 2.65 0.48
C MET A 48 -2.19 2.60 0.70
N CYS A 49 -2.66 3.50 1.55
CA CYS A 49 -4.08 3.56 1.85
C CYS A 49 -4.73 4.55 0.88
N THR A 50 -5.75 4.05 0.17
CA THR A 50 -6.46 4.87 -0.79
C THR A 50 -6.82 6.22 -0.17
N SER A 51 -7.55 6.16 0.93
CA SER A 51 -7.96 7.36 1.62
C SER A 51 -6.79 8.35 1.72
N CYS A 52 -5.59 7.79 1.72
CA CYS A 52 -4.39 8.60 1.80
C CYS A 52 -4.04 9.10 0.40
N LEU A 53 -3.98 8.16 -0.53
CA LEU A 53 -3.67 8.49 -1.91
C LEU A 53 -4.39 9.78 -2.30
N THR A 54 -5.70 9.78 -2.07
CA THR A 54 -6.51 10.94 -2.38
C THR A 54 -5.92 12.20 -1.74
N ALA A 55 -5.50 12.06 -0.49
CA ALA A 55 -4.92 13.17 0.24
C ALA A 55 -3.70 13.70 -0.53
N TRP A 56 -3.11 12.82 -1.33
CA TRP A 56 -1.96 13.19 -2.13
C TRP A 56 -2.46 13.80 -3.44
N GLN A 57 -3.17 12.98 -4.20
CA GLN A 57 -3.71 13.43 -5.47
C GLN A 57 -4.59 14.68 -5.27
N GLU A 58 -4.92 14.92 -4.02
CA GLU A 58 -5.75 16.07 -3.67
C GLU A 58 -5.40 17.26 -4.55
N SER A 59 -4.16 17.72 -4.41
CA SER A 59 -3.69 18.85 -5.19
C SER A 59 -2.46 18.44 -6.01
N ASP A 60 -1.77 17.42 -5.52
CA ASP A 60 -0.58 16.92 -6.20
C ASP A 60 -1.01 15.98 -7.32
N GLY A 61 -1.03 14.69 -7.01
CA GLY A 61 -1.41 13.68 -7.98
C GLY A 61 -0.31 13.49 -9.02
N GLN A 62 0.92 13.71 -8.59
CA GLN A 62 2.06 13.56 -9.47
C GLN A 62 2.62 12.13 -9.39
N GLY A 63 1.85 11.21 -9.96
CA GLY A 63 2.26 9.81 -9.95
C GLY A 63 2.38 9.27 -8.52
N CYS A 64 2.98 8.10 -8.41
CA CYS A 64 3.16 7.47 -7.12
C CYS A 64 3.93 8.44 -6.22
N PRO A 65 3.32 8.72 -5.02
CA PRO A 65 3.93 9.63 -4.07
C PRO A 65 5.12 8.96 -3.36
N PHE A 66 5.37 7.71 -3.74
CA PHE A 66 6.46 6.96 -3.15
C PHE A 66 7.72 7.07 -4.01
N CYS A 67 7.58 6.70 -5.27
CA CYS A 67 8.69 6.74 -6.19
C CYS A 67 8.57 8.03 -7.02
N ARG A 68 7.70 8.91 -6.56
CA ARG A 68 7.48 10.17 -7.25
C ARG A 68 7.52 9.97 -8.76
N CYS A 69 7.12 8.78 -9.18
CA CYS A 69 7.11 8.44 -10.60
C CYS A 69 5.68 8.11 -11.00
N GLU A 70 5.44 8.13 -12.30
CA GLU A 70 4.12 7.83 -12.83
C GLU A 70 3.73 6.38 -12.52
N ILE A 71 2.43 6.15 -12.46
CA ILE A 71 1.92 4.82 -12.17
C ILE A 71 1.39 4.18 -13.46
N LYS A 72 1.61 2.88 -13.57
CA LYS A 72 1.17 2.14 -14.74
C LYS A 72 0.01 1.23 -14.36
N GLY A 73 0.19 0.53 -13.24
CA GLY A 73 -0.83 -0.38 -12.76
C GLY A 73 -1.23 -0.05 -11.32
N THR A 74 -2.53 -0.13 -11.06
CA THR A 74 -3.05 0.16 -9.74
C THR A 74 -4.36 -0.59 -9.49
N GLU A 75 -4.39 -1.33 -8.40
CA GLU A 75 -5.57 -2.10 -8.05
C GLU A 75 -5.62 -2.33 -6.53
N PRO A 76 -6.87 -2.46 -6.01
CA PRO A 76 -7.08 -2.68 -4.59
C PRO A 76 -6.73 -4.12 -4.20
N ILE A 77 -5.55 -4.28 -3.61
CA ILE A 77 -5.08 -5.58 -3.19
C ILE A 77 -5.23 -5.70 -1.67
N ILE A 78 -5.35 -6.94 -1.22
CA ILE A 78 -5.50 -7.21 0.20
C ILE A 78 -4.22 -7.85 0.73
N VAL A 79 -3.46 -7.06 1.47
CA VAL A 79 -2.21 -7.54 2.04
C VAL A 79 -2.52 -8.43 3.25
N ASP A 80 -1.66 -9.42 3.44
CA ASP A 80 -1.83 -10.34 4.55
C ASP A 80 -0.51 -10.45 5.33
N PRO A 81 -0.65 -10.57 6.67
CA PRO A 81 0.52 -10.68 7.53
C PRO A 81 1.16 -12.07 7.42
N PHE A 82 2.28 -12.23 8.12
CA PHE A 82 2.98 -13.50 8.12
C PHE A 82 2.29 -14.52 9.01
ZN ZN B . -2.61 6.54 5.76
ZN ZN C . 5.21 3.76 -7.04
N GLY A 1 -19.32 -16.88 -3.95
CA GLY A 1 -19.49 -15.66 -3.18
C GLY A 1 -19.51 -14.43 -4.09
N PRO A 2 -18.96 -13.31 -3.55
CA PRO A 2 -18.91 -12.07 -4.31
C PRO A 2 -17.82 -12.12 -5.38
N HIS A 3 -17.72 -11.04 -6.14
CA HIS A 3 -16.73 -10.95 -7.20
C HIS A 3 -16.07 -9.57 -7.16
N MET A 4 -14.75 -9.58 -7.05
CA MET A 4 -13.99 -8.34 -7.02
C MET A 4 -12.59 -8.54 -7.59
N GLY A 5 -12.10 -7.51 -8.26
CA GLY A 5 -10.78 -7.56 -8.86
C GLY A 5 -9.71 -7.09 -7.88
N SER A 6 -9.52 -7.90 -6.84
CA SER A 6 -8.54 -7.60 -5.82
C SER A 6 -7.53 -8.74 -5.69
N ASP A 7 -6.25 -8.36 -5.64
CA ASP A 7 -5.20 -9.35 -5.53
C ASP A 7 -4.95 -9.65 -4.04
N HIS A 8 -3.92 -10.46 -3.80
CA HIS A 8 -3.57 -10.84 -2.44
C HIS A 8 -2.05 -10.90 -2.31
N ILE A 9 -1.58 -10.55 -1.11
CA ILE A 9 -0.16 -10.56 -0.84
C ILE A 9 0.10 -11.32 0.47
N LYS A 10 1.33 -11.79 0.62
CA LYS A 10 1.72 -12.51 1.81
C LYS A 10 2.99 -11.90 2.40
N VAL A 11 2.97 -11.70 3.71
CA VAL A 11 4.10 -11.12 4.39
C VAL A 11 4.98 -12.24 4.95
N THR A 12 6.20 -11.88 5.31
CA THR A 12 7.15 -12.83 5.86
C THR A 12 7.67 -12.35 7.21
N GLN A 13 8.15 -13.30 8.01
CA GLN A 13 8.68 -12.99 9.31
C GLN A 13 9.77 -11.91 9.20
N GLU A 14 10.66 -12.13 8.25
CA GLU A 14 11.74 -11.18 8.03
C GLU A 14 11.23 -9.74 8.08
N GLN A 15 9.98 -9.58 7.69
CA GLN A 15 9.35 -8.27 7.68
C GLN A 15 8.81 -7.94 9.08
N TYR A 16 7.81 -8.69 9.49
CA TYR A 16 7.19 -8.50 10.79
C TYR A 16 8.24 -8.15 11.84
N GLU A 17 9.39 -8.82 11.72
CA GLU A 17 10.48 -8.58 12.66
C GLU A 17 10.98 -7.15 12.54
N LEU A 18 11.29 -6.76 11.32
CA LEU A 18 11.79 -5.42 11.06
C LEU A 18 10.73 -4.40 11.47
N PTR A 19 9.47 -4.80 11.31
CA PTR A 19 8.34 -3.95 11.66
C PTR A 19 7.98 -4.08 13.13
O PTR A 19 7.23 -3.26 13.65
CB PTR A 19 7.13 -4.31 10.79
CG PTR A 19 7.22 -3.79 9.37
CD1 PTR A 19 8.17 -4.31 8.48
CD2 PTR A 19 6.38 -2.78 8.91
CE1 PTR A 19 8.25 -3.85 7.19
CE2 PTR A 19 6.47 -2.31 7.62
CZ PTR A 19 7.40 -2.85 6.76
OH PTR A 19 7.50 -2.36 5.41
P PTR A 19 7.47 -0.76 5.11
O1P PTR A 19 8.50 -0.53 4.01
O2P PTR A 19 7.86 -0.09 6.42
O3P PTR A 19 6.06 -0.43 4.68
H PTR A 19 9.30 -5.71 10.96
HA PTR A 19 8.62 -2.93 11.45
HB2 PTR A 19 7.02 -5.38 10.75
HB3 PTR A 19 6.24 -3.87 11.24
HD1 PTR A 19 8.82 -5.09 8.82
HD2 PTR A 19 5.65 -2.37 9.59
HE1 PTR A 19 8.99 -4.26 6.52
HE2 PTR A 19 5.80 -1.53 7.28
N CYS A 20 8.53 -5.11 13.77
CA CYS A 20 8.25 -5.34 15.18
C CYS A 20 9.01 -4.28 16.00
N GLU A 21 10.03 -3.72 15.37
CA GLU A 21 10.84 -2.70 16.02
C GLU A 21 10.08 -1.37 16.05
N MET A 22 9.61 -0.96 14.88
CA MET A 22 8.87 0.28 14.77
C MET A 22 7.52 0.18 15.48
N GLY A 23 7.12 -1.05 15.78
CA GLY A 23 5.86 -1.29 16.46
C GLY A 23 4.69 -1.12 15.50
N SER A 24 4.93 -1.50 14.26
CA SER A 24 3.90 -1.39 13.23
C SER A 24 3.84 -2.68 12.40
N THR A 25 2.96 -2.67 11.41
CA THR A 25 2.81 -3.83 10.54
C THR A 25 3.16 -3.45 9.10
N PHE A 26 3.43 -4.48 8.31
CA PHE A 26 3.79 -4.28 6.91
C PHE A 26 2.64 -3.63 6.15
N GLN A 27 1.58 -4.39 5.97
CA GLN A 27 0.41 -3.91 5.25
C GLN A 27 0.05 -2.50 5.73
N LEU A 28 0.43 -2.21 6.96
CA LEU A 28 0.17 -0.90 7.54
C LEU A 28 0.88 0.18 6.71
N CYS A 29 0.12 1.23 6.39
CA CYS A 29 0.65 2.34 5.61
C CYS A 29 1.69 3.12 6.41
N LYS A 30 2.89 3.26 5.86
CA LYS A 30 3.95 3.99 6.53
C LYS A 30 3.89 5.45 6.11
N ILE A 31 2.75 5.85 5.58
CA ILE A 31 2.55 7.22 5.14
C ILE A 31 1.57 7.92 6.09
N CYS A 32 0.73 7.12 6.71
CA CYS A 32 -0.26 7.64 7.63
C CYS A 32 -0.22 6.80 8.92
N ALA A 33 -0.24 5.50 8.72
CA ALA A 33 -0.21 4.57 9.86
C ALA A 33 -1.56 4.59 10.56
N GLU A 34 -2.62 4.56 9.76
CA GLU A 34 -3.96 4.57 10.29
C GLU A 34 -4.74 3.34 9.80
N ASN A 35 -4.56 3.05 8.52
CA ASN A 35 -5.24 1.92 7.91
C ASN A 35 -4.23 1.11 7.07
N ASP A 36 -4.72 0.01 6.51
CA ASP A 36 -3.88 -0.84 5.70
C ASP A 36 -3.86 -0.31 4.27
N LYS A 37 -2.74 -0.54 3.60
CA LYS A 37 -2.58 -0.09 2.22
C LYS A 37 -3.77 -0.57 1.39
N ASP A 38 -3.97 -1.88 1.41
CA ASP A 38 -5.07 -2.47 0.67
C ASP A 38 -5.01 -2.01 -0.78
N VAL A 39 -3.81 -1.66 -1.20
CA VAL A 39 -3.60 -1.19 -2.57
C VAL A 39 -2.15 -1.48 -2.99
N LYS A 40 -1.86 -1.17 -4.24
CA LYS A 40 -0.53 -1.38 -4.76
C LYS A 40 -0.32 -0.49 -6.00
N ILE A 41 0.92 -0.06 -6.17
CA ILE A 41 1.26 0.79 -7.30
C ILE A 41 2.16 0.02 -8.27
N GLU A 42 1.92 0.25 -9.55
CA GLU A 42 2.69 -0.42 -10.59
C GLU A 42 3.03 0.56 -11.71
N PRO A 43 4.06 0.18 -12.51
CA PRO A 43 4.75 -1.08 -12.30
C PRO A 43 5.69 -0.99 -11.09
N CYS A 44 5.86 0.24 -10.59
CA CYS A 44 6.72 0.49 -9.45
C CYS A 44 6.63 -0.65 -8.44
N GLY A 45 5.50 -0.72 -7.74
CA GLY A 45 5.30 -1.76 -6.74
C GLY A 45 5.18 -1.16 -5.33
N HIS A 46 4.94 0.14 -5.30
CA HIS A 46 4.80 0.84 -4.04
C HIS A 46 3.37 0.66 -3.51
N LEU A 47 3.28 0.39 -2.22
CA LEU A 47 1.99 0.19 -1.58
C LEU A 47 1.61 1.45 -0.79
N MET A 48 0.33 1.58 -0.51
CA MET A 48 -0.17 2.72 0.23
C MET A 48 -1.65 2.56 0.57
N CYS A 49 -2.16 3.52 1.33
CA CYS A 49 -3.56 3.49 1.73
C CYS A 49 -4.35 4.38 0.77
N THR A 50 -5.24 3.75 0.01
CA THR A 50 -6.06 4.47 -0.94
C THR A 50 -6.50 5.81 -0.36
N SER A 51 -7.20 5.74 0.76
CA SER A 51 -7.69 6.93 1.42
C SER A 51 -6.58 8.00 1.46
N CYS A 52 -5.38 7.54 1.75
CA CYS A 52 -4.23 8.44 1.80
C CYS A 52 -3.94 8.95 0.39
N LEU A 53 -3.83 8.00 -0.53
CA LEU A 53 -3.56 8.34 -1.91
C LEU A 53 -4.46 9.49 -2.35
N THR A 54 -5.73 9.37 -2.00
CA THR A 54 -6.70 10.39 -2.35
C THR A 54 -6.27 11.75 -1.79
N ALA A 55 -5.66 11.69 -0.61
CA ALA A 55 -5.19 12.91 0.05
C ALA A 55 -4.02 13.48 -0.75
N TRP A 56 -3.39 12.62 -1.53
CA TRP A 56 -2.26 13.03 -2.34
C TRP A 56 -2.79 13.62 -3.65
N GLN A 57 -3.50 12.76 -4.39
CA GLN A 57 -4.06 13.17 -5.66
C GLN A 57 -4.97 14.39 -5.47
N GLU A 58 -5.30 14.65 -4.21
CA GLU A 58 -6.15 15.78 -3.88
C GLU A 58 -5.84 16.97 -4.79
N SER A 59 -4.62 17.46 -4.67
CA SER A 59 -4.18 18.59 -5.47
C SER A 59 -2.95 18.19 -6.31
N ASP A 60 -2.24 17.20 -5.81
CA ASP A 60 -1.05 16.72 -6.50
C ASP A 60 -1.47 15.73 -7.60
N GLY A 61 -1.43 14.46 -7.25
CA GLY A 61 -1.79 13.41 -8.19
C GLY A 61 -0.70 13.21 -9.24
N GLN A 62 0.52 13.53 -8.85
CA GLN A 62 1.65 13.39 -9.74
C GLN A 62 2.26 11.99 -9.62
N GLY A 63 1.49 11.01 -10.08
CA GLY A 63 1.94 9.63 -10.03
C GLY A 63 2.17 9.18 -8.58
N CYS A 64 2.90 8.08 -8.45
CA CYS A 64 3.19 7.53 -7.14
C CYS A 64 3.89 8.62 -6.31
N PRO A 65 3.32 8.87 -5.09
CA PRO A 65 3.88 9.88 -4.20
C PRO A 65 5.17 9.38 -3.55
N PHE A 66 5.54 8.16 -3.90
CA PHE A 66 6.75 7.56 -3.36
C PHE A 66 7.95 7.82 -4.28
N CYS A 67 7.74 7.56 -5.57
CA CYS A 67 8.79 7.75 -6.55
C CYS A 67 8.42 8.96 -7.41
N ARG A 68 7.42 9.70 -6.94
CA ARG A 68 6.96 10.88 -7.66
C ARG A 68 6.97 10.61 -9.17
N CYS A 69 6.75 9.36 -9.52
CA CYS A 69 6.73 8.96 -10.91
C CYS A 69 5.31 8.53 -11.27
N GLU A 70 5.00 8.64 -12.55
CA GLU A 70 3.67 8.26 -13.04
C GLU A 70 3.39 6.79 -12.73
N ILE A 71 2.11 6.46 -12.71
CA ILE A 71 1.69 5.09 -12.43
C ILE A 71 1.05 4.50 -13.68
N LYS A 72 1.05 3.17 -13.73
CA LYS A 72 0.47 2.46 -14.87
C LYS A 72 -0.55 1.45 -14.34
N GLY A 73 -0.14 0.70 -13.33
CA GLY A 73 -1.01 -0.30 -12.75
C GLY A 73 -1.43 0.10 -11.32
N THR A 74 -2.72 -0.04 -11.06
CA THR A 74 -3.26 0.30 -9.76
C THR A 74 -4.57 -0.45 -9.52
N GLU A 75 -4.55 -1.31 -8.51
CA GLU A 75 -5.72 -2.09 -8.16
C GLU A 75 -5.78 -2.33 -6.65
N PRO A 76 -7.02 -2.48 -6.14
CA PRO A 76 -7.23 -2.70 -4.72
C PRO A 76 -6.86 -4.14 -4.33
N ILE A 77 -5.68 -4.28 -3.75
CA ILE A 77 -5.21 -5.58 -3.34
C ILE A 77 -5.35 -5.71 -1.82
N ILE A 78 -5.37 -6.96 -1.37
CA ILE A 78 -5.50 -7.24 0.06
C ILE A 78 -4.20 -7.85 0.58
N VAL A 79 -3.46 -7.05 1.33
CA VAL A 79 -2.20 -7.51 1.89
C VAL A 79 -2.48 -8.44 3.06
N ASP A 80 -1.56 -9.38 3.26
CA ASP A 80 -1.69 -10.33 4.34
C ASP A 80 -0.41 -10.33 5.18
N PRO A 81 -0.62 -10.28 6.53
CA PRO A 81 0.51 -10.26 7.45
C PRO A 81 1.15 -11.64 7.58
N PHE A 82 2.36 -11.66 8.10
CA PHE A 82 3.08 -12.91 8.27
C PHE A 82 2.16 -14.02 8.78
ZN ZN B . -1.10 6.78 4.20
ZN ZN C . 6.14 4.43 -6.18
N GLY A 1 -20.90 -15.24 -2.43
CA GLY A 1 -20.50 -14.62 -3.68
C GLY A 1 -19.54 -13.46 -3.46
N PRO A 2 -18.22 -13.80 -3.45
CA PRO A 2 -17.19 -12.80 -3.24
C PRO A 2 -17.00 -11.94 -4.49
N HIS A 3 -16.10 -10.97 -4.37
CA HIS A 3 -15.81 -10.09 -5.48
C HIS A 3 -14.40 -10.36 -6.01
N MET A 4 -14.34 -10.70 -7.29
CA MET A 4 -13.07 -10.99 -7.93
C MET A 4 -12.47 -9.73 -8.56
N GLY A 5 -11.18 -9.54 -8.31
CA GLY A 5 -10.49 -8.39 -8.85
C GLY A 5 -9.31 -7.99 -7.95
N SER A 6 -9.61 -7.85 -6.67
CA SER A 6 -8.59 -7.48 -5.70
C SER A 6 -7.53 -8.59 -5.59
N ASP A 7 -6.29 -8.16 -5.48
CA ASP A 7 -5.19 -9.11 -5.37
C ASP A 7 -4.93 -9.42 -3.89
N HIS A 8 -4.04 -10.38 -3.66
CA HIS A 8 -3.70 -10.78 -2.30
C HIS A 8 -2.19 -10.88 -2.17
N ILE A 9 -1.68 -10.25 -1.12
CA ILE A 9 -0.25 -10.26 -0.86
C ILE A 9 0.02 -10.93 0.49
N LYS A 10 1.19 -11.54 0.59
CA LYS A 10 1.58 -12.22 1.81
C LYS A 10 2.80 -11.52 2.41
N VAL A 11 2.78 -11.38 3.73
CA VAL A 11 3.89 -10.74 4.42
C VAL A 11 4.96 -11.79 4.76
N THR A 12 6.16 -11.55 4.28
CA THR A 12 7.27 -12.45 4.53
C THR A 12 7.92 -12.15 5.88
N GLN A 13 8.29 -13.22 6.57
CA GLN A 13 8.92 -13.09 7.87
C GLN A 13 9.92 -11.94 7.86
N GLU A 14 10.55 -11.75 6.71
CA GLU A 14 11.53 -10.69 6.55
C GLU A 14 10.91 -9.34 6.89
N GLN A 15 9.74 -9.08 6.30
CA GLN A 15 9.04 -7.84 6.54
C GLN A 15 8.70 -7.69 8.02
N TYR A 16 7.83 -8.56 8.50
CA TYR A 16 7.42 -8.54 9.89
C TYR A 16 8.60 -8.22 10.80
N GLU A 17 9.74 -8.82 10.47
CA GLU A 17 10.95 -8.61 11.26
C GLU A 17 11.38 -7.14 11.17
N LEU A 18 11.52 -6.67 9.95
CA LEU A 18 11.94 -5.30 9.72
C LEU A 18 10.96 -4.35 10.42
N PTR A 19 9.70 -4.78 10.46
CA PTR A 19 8.64 -3.99 11.09
C PTR A 19 8.57 -4.29 12.58
O PTR A 19 7.97 -3.51 13.33
CB PTR A 19 7.30 -4.28 10.43
CG PTR A 19 7.17 -3.70 9.04
CD1 PTR A 19 8.10 -4.01 8.05
CD2 PTR A 19 6.12 -2.86 8.71
CE1 PTR A 19 7.99 -3.48 6.78
CE2 PTR A 19 5.99 -2.33 7.44
CZ PTR A 19 6.93 -2.64 6.48
OH PTR A 19 6.80 -2.10 5.15
P PTR A 19 6.43 -0.52 4.94
O1P PTR A 19 7.22 -0.07 3.72
O2P PTR A 19 6.87 0.18 6.22
O3P PTR A 19 4.93 -0.47 4.73
H PTR A 19 9.48 -5.63 10.05
HA PTR A 19 8.88 -2.95 10.96
HB2 PTR A 19 7.16 -5.35 10.36
HB3 PTR A 19 6.50 -3.86 11.04
HD1 PTR A 19 8.92 -4.66 8.30
HD2 PTR A 19 5.38 -2.61 9.48
HE1 PTR A 19 8.71 -3.73 6.02
HE2 PTR A 19 5.16 -1.68 7.21
N CYS A 20 9.17 -5.39 12.99
CA CYS A 20 9.17 -5.79 14.40
C CYS A 20 10.05 -4.80 15.17
N GLU A 21 11.09 -4.34 14.48
CA GLU A 21 12.02 -3.40 15.10
C GLU A 21 11.31 -2.07 15.41
N MET A 22 10.14 -1.91 14.80
CA MET A 22 9.37 -0.70 15.01
C MET A 22 7.94 -1.04 15.48
N GLY A 23 7.70 -2.33 15.65
CA GLY A 23 6.40 -2.80 16.08
C GLY A 23 5.28 -2.18 15.23
N SER A 24 5.47 -2.24 13.92
CA SER A 24 4.50 -1.70 12.99
C SER A 24 3.90 -2.82 12.15
N THR A 25 2.96 -2.44 11.29
CA THR A 25 2.30 -3.40 10.42
C THR A 25 2.44 -2.97 8.96
N PHE A 26 2.77 -3.94 8.12
CA PHE A 26 2.94 -3.69 6.70
C PHE A 26 1.61 -3.25 6.06
N GLN A 27 0.67 -4.17 6.04
CA GLN A 27 -0.64 -3.89 5.47
C GLN A 27 -1.12 -2.51 5.91
N LEU A 28 -0.64 -2.08 7.07
CA LEU A 28 -1.02 -0.78 7.60
C LEU A 28 -0.32 0.32 6.80
N CYS A 29 -1.09 1.35 6.48
CA CYS A 29 -0.57 2.48 5.72
C CYS A 29 0.51 3.21 6.50
N LYS A 30 1.65 3.42 5.86
CA LYS A 30 2.76 4.12 6.52
C LYS A 30 2.67 5.61 6.19
N ILE A 31 1.45 6.07 5.97
CA ILE A 31 1.23 7.48 5.65
C ILE A 31 0.57 8.16 6.85
N CYS A 32 -0.60 7.67 7.20
CA CYS A 32 -1.34 8.24 8.33
C CYS A 32 -1.28 7.24 9.49
N ALA A 33 -1.03 5.98 9.14
CA ALA A 33 -0.94 4.93 10.14
C ALA A 33 -2.26 4.86 10.91
N GLU A 34 -3.36 4.87 10.16
CA GLU A 34 -4.68 4.81 10.76
C GLU A 34 -5.52 3.74 10.05
N ASN A 35 -5.46 3.76 8.73
CA ASN A 35 -6.22 2.81 7.93
C ASN A 35 -5.24 1.87 7.21
N ASP A 36 -5.81 0.95 6.45
CA ASP A 36 -5.01 -0.02 5.71
C ASP A 36 -4.78 0.50 4.30
N LYS A 37 -3.78 -0.09 3.64
CA LYS A 37 -3.45 0.30 2.28
C LYS A 37 -4.61 -0.06 1.35
N ASP A 38 -4.88 -1.35 1.28
CA ASP A 38 -5.96 -1.84 0.43
C ASP A 38 -5.68 -1.45 -1.03
N VAL A 39 -4.42 -1.16 -1.29
CA VAL A 39 -4.00 -0.78 -2.63
C VAL A 39 -2.56 -1.22 -2.86
N LYS A 40 -2.09 -1.00 -4.08
CA LYS A 40 -0.73 -1.37 -4.44
C LYS A 40 -0.29 -0.56 -5.66
N ILE A 41 1.02 -0.43 -5.81
CA ILE A 41 1.57 0.31 -6.93
C ILE A 41 2.52 -0.60 -7.72
N GLU A 42 2.52 -0.40 -9.02
CA GLU A 42 3.36 -1.19 -9.90
C GLU A 42 4.00 -0.29 -10.96
N PRO A 43 5.08 -0.83 -11.59
CA PRO A 43 5.58 -2.16 -11.24
C PRO A 43 6.31 -2.14 -9.90
N CYS A 44 6.61 -0.93 -9.44
CA CYS A 44 7.30 -0.74 -8.18
C CYS A 44 6.87 -1.78 -7.15
N GLY A 45 5.66 -1.65 -6.65
CA GLY A 45 5.13 -2.58 -5.67
C GLY A 45 4.87 -1.88 -4.34
N HIS A 46 4.81 -0.56 -4.40
CA HIS A 46 4.57 0.24 -3.21
C HIS A 46 3.10 0.12 -2.81
N LEU A 47 2.86 0.16 -1.51
CA LEU A 47 1.50 0.06 -0.98
C LEU A 47 1.15 1.36 -0.26
N MET A 48 -0.15 1.60 -0.13
CA MET A 48 -0.63 2.80 0.54
C MET A 48 -2.15 2.76 0.69
N CYS A 49 -2.67 3.74 1.42
CA CYS A 49 -4.09 3.83 1.66
C CYS A 49 -4.69 4.81 0.64
N THR A 50 -5.59 4.30 -0.18
CA THR A 50 -6.24 5.11 -1.19
C THR A 50 -6.71 6.44 -0.59
N SER A 51 -7.25 6.34 0.62
CA SER A 51 -7.74 7.52 1.31
C SER A 51 -6.63 8.57 1.42
N CYS A 52 -5.45 8.09 1.76
CA CYS A 52 -4.30 8.96 1.90
C CYS A 52 -3.89 9.47 0.51
N LEU A 53 -3.88 8.54 -0.43
CA LEU A 53 -3.52 8.87 -1.80
C LEU A 53 -4.24 10.15 -2.22
N THR A 54 -5.53 10.18 -1.94
CA THR A 54 -6.35 11.34 -2.28
C THR A 54 -5.76 12.60 -1.65
N ALA A 55 -5.20 12.44 -0.46
CA ALA A 55 -4.59 13.55 0.25
C ALA A 55 -3.36 14.03 -0.51
N TRP A 56 -2.80 13.12 -1.30
CA TRP A 56 -1.62 13.44 -2.09
C TRP A 56 -2.08 14.08 -3.41
N GLN A 57 -2.89 13.33 -4.14
CA GLN A 57 -3.41 13.81 -5.41
C GLN A 57 -4.27 15.06 -5.20
N GLU A 58 -4.55 15.33 -3.93
CA GLU A 58 -5.36 16.48 -3.58
C GLU A 58 -5.04 17.66 -4.50
N SER A 59 -3.80 18.13 -4.41
CA SER A 59 -3.36 19.25 -5.22
C SER A 59 -2.16 18.83 -6.06
N ASP A 60 -1.45 17.82 -5.58
CA ASP A 60 -0.27 17.32 -6.28
C ASP A 60 -0.71 16.34 -7.37
N GLY A 61 -0.75 15.07 -6.99
CA GLY A 61 -1.15 14.03 -7.92
C GLY A 61 -0.03 13.74 -8.93
N GLN A 62 1.20 13.89 -8.47
CA GLN A 62 2.36 13.64 -9.31
C GLN A 62 2.79 12.18 -9.21
N GLY A 63 2.01 11.33 -9.88
CA GLY A 63 2.29 9.90 -9.87
C GLY A 63 2.32 9.35 -8.44
N CYS A 64 2.93 8.18 -8.32
CA CYS A 64 3.04 7.54 -7.01
C CYS A 64 3.76 8.49 -6.07
N PRO A 65 3.13 8.69 -4.87
CA PRO A 65 3.71 9.57 -3.86
C PRO A 65 4.90 8.92 -3.18
N PHE A 66 5.19 7.70 -3.60
CA PHE A 66 6.31 6.95 -3.03
C PHE A 66 7.55 7.07 -3.90
N CYS A 67 7.32 6.98 -5.21
CA CYS A 67 8.42 7.08 -6.16
C CYS A 67 8.27 8.39 -6.93
N ARG A 68 7.35 9.22 -6.46
CA ARG A 68 7.10 10.50 -7.09
C ARG A 68 7.20 10.38 -8.61
N CYS A 69 6.86 9.20 -9.11
CA CYS A 69 6.92 8.93 -10.53
C CYS A 69 5.54 8.44 -10.98
N GLU A 70 5.31 8.54 -12.28
CA GLU A 70 4.04 8.10 -12.85
C GLU A 70 3.77 6.64 -12.48
N ILE A 71 2.49 6.33 -12.36
CA ILE A 71 2.08 4.98 -12.01
C ILE A 71 1.78 4.20 -13.30
N LYS A 72 2.08 2.90 -13.25
CA LYS A 72 1.86 2.04 -14.39
C LYS A 72 0.69 1.10 -14.09
N GLY A 73 0.75 0.47 -12.93
CA GLY A 73 -0.29 -0.44 -12.51
C GLY A 73 -0.79 -0.11 -11.10
N THR A 74 -2.10 -0.21 -10.94
CA THR A 74 -2.70 0.08 -9.65
C THR A 74 -4.00 -0.72 -9.48
N GLU A 75 -4.21 -1.19 -8.27
CA GLU A 75 -5.40 -1.98 -7.97
C GLU A 75 -5.52 -2.20 -6.45
N PRO A 76 -6.79 -2.31 -5.99
CA PRO A 76 -7.06 -2.52 -4.58
C PRO A 76 -6.75 -3.96 -4.17
N ILE A 77 -5.60 -4.13 -3.52
CA ILE A 77 -5.18 -5.44 -3.08
C ILE A 77 -5.39 -5.57 -1.57
N ILE A 78 -5.40 -6.80 -1.10
CA ILE A 78 -5.59 -7.07 0.31
C ILE A 78 -4.30 -7.64 0.91
N VAL A 79 -3.61 -6.81 1.67
CA VAL A 79 -2.36 -7.22 2.29
C VAL A 79 -2.67 -8.10 3.51
N ASP A 80 -1.81 -9.08 3.72
CA ASP A 80 -1.99 -10.00 4.83
C ASP A 80 -0.66 -10.12 5.60
N PRO A 81 -0.79 -10.25 6.95
CA PRO A 81 0.38 -10.37 7.80
C PRO A 81 0.99 -11.76 7.69
N PHE A 82 2.16 -11.91 8.32
CA PHE A 82 2.86 -13.19 8.29
C PHE A 82 2.12 -14.23 9.14
ZN ZN B . -4.39 5.94 5.83
ZN ZN C . 5.06 3.56 -6.51
N GLY A 1 -15.35 -7.74 5.74
CA GLY A 1 -16.50 -7.50 4.88
C GLY A 1 -16.38 -8.27 3.56
N PRO A 2 -17.36 -8.01 2.65
CA PRO A 2 -17.37 -8.66 1.36
C PRO A 2 -16.30 -8.07 0.43
N HIS A 3 -16.22 -8.63 -0.76
CA HIS A 3 -15.26 -8.16 -1.75
C HIS A 3 -15.79 -8.43 -3.16
N MET A 4 -15.33 -7.62 -4.10
CA MET A 4 -15.75 -7.77 -5.48
C MET A 4 -14.64 -8.43 -6.32
N GLY A 5 -13.55 -7.71 -6.48
CA GLY A 5 -12.43 -8.21 -7.25
C GLY A 5 -11.12 -7.54 -6.82
N SER A 6 -10.38 -8.23 -5.98
CA SER A 6 -9.11 -7.72 -5.49
C SER A 6 -8.09 -8.86 -5.36
N ASP A 7 -6.83 -8.49 -5.47
CA ASP A 7 -5.75 -9.47 -5.36
C ASP A 7 -5.42 -9.69 -3.89
N HIS A 8 -4.49 -10.61 -3.66
CA HIS A 8 -4.08 -10.94 -2.31
C HIS A 8 -2.55 -11.03 -2.25
N ILE A 9 -1.99 -10.46 -1.19
CA ILE A 9 -0.55 -10.46 -1.00
C ILE A 9 -0.21 -11.25 0.27
N LYS A 10 1.01 -11.76 0.30
CA LYS A 10 1.47 -12.53 1.45
C LYS A 10 2.68 -11.82 2.06
N VAL A 11 2.69 -11.77 3.39
CA VAL A 11 3.79 -11.14 4.11
C VAL A 11 4.78 -12.21 4.55
N THR A 12 6.06 -11.86 4.44
CA THR A 12 7.12 -12.78 4.83
C THR A 12 7.77 -12.32 6.14
N GLN A 13 8.33 -13.29 6.85
CA GLN A 13 8.98 -13.00 8.11
C GLN A 13 9.97 -11.84 7.96
N GLU A 14 10.73 -11.89 6.86
CA GLU A 14 11.70 -10.85 6.58
C GLU A 14 11.09 -9.48 6.80
N GLN A 15 9.83 -9.35 6.43
CA GLN A 15 9.11 -8.10 6.59
C GLN A 15 8.76 -7.87 8.06
N TYR A 16 8.00 -8.80 8.61
CA TYR A 16 7.59 -8.71 10.00
C TYR A 16 8.75 -8.28 10.88
N GLU A 17 9.84 -9.04 10.80
CA GLU A 17 11.02 -8.75 11.59
C GLU A 17 11.49 -7.31 11.34
N LEU A 18 11.37 -6.90 10.08
CA LEU A 18 11.77 -5.56 9.70
C LEU A 18 10.90 -4.54 10.43
N PTR A 19 9.63 -4.88 10.57
CA PTR A 19 8.67 -4.01 11.25
C PTR A 19 8.69 -4.25 12.75
O PTR A 19 8.17 -3.43 13.50
CB PTR A 19 7.26 -4.24 10.70
CG PTR A 19 7.04 -3.63 9.33
CD1 PTR A 19 5.98 -2.78 9.09
CD2 PTR A 19 7.90 -3.93 8.28
CE1 PTR A 19 5.77 -2.23 7.84
CE2 PTR A 19 7.71 -3.37 7.02
CZ PTR A 19 6.64 -2.53 6.81
OH PTR A 19 6.42 -1.96 5.50
P PTR A 19 6.02 -0.39 5.35
O1P PTR A 19 6.61 0.06 4.02
O2P PTR A 19 6.66 0.32 6.54
O3P PTR A 19 4.51 -0.35 5.37
H PTR A 19 9.32 -5.73 10.20
HA PTR A 19 8.96 -2.99 11.05
HB2 PTR A 19 7.08 -5.30 10.62
HB3 PTR A 19 6.55 -3.80 11.38
HD1 PTR A 19 5.29 -2.55 9.90
HD2 PTR A 19 8.74 -4.59 8.45
HE1 PTR A 19 4.94 -1.57 7.68
HE2 PTR A 19 8.38 -3.61 6.22
N CYS A 20 9.28 -5.37 13.16
CA CYS A 20 9.36 -5.70 14.57
C CYS A 20 10.26 -4.68 15.26
N GLU A 21 11.16 -4.09 14.47
CA GLU A 21 12.08 -3.10 14.99
C GLU A 21 11.33 -1.79 15.30
N MET A 22 10.18 -1.65 14.67
CA MET A 22 9.37 -0.46 14.86
C MET A 22 7.95 -0.83 15.33
N GLY A 23 7.77 -2.12 15.60
CA GLY A 23 6.48 -2.61 16.05
C GLY A 23 5.34 -2.03 15.21
N SER A 24 5.48 -2.18 13.91
CA SER A 24 4.47 -1.66 12.99
C SER A 24 3.88 -2.81 12.16
N THR A 25 3.03 -2.44 11.22
CA THR A 25 2.39 -3.43 10.36
C THR A 25 2.59 -3.06 8.89
N PHE A 26 2.97 -4.06 8.10
CA PHE A 26 3.19 -3.85 6.68
C PHE A 26 1.89 -3.46 5.97
N GLN A 27 0.95 -4.39 5.99
CA GLN A 27 -0.34 -4.16 5.35
C GLN A 27 -0.86 -2.76 5.70
N LEU A 28 -0.42 -2.26 6.85
CA LEU A 28 -0.83 -0.95 7.30
C LEU A 28 -0.02 0.12 6.56
N CYS A 29 -0.69 1.21 6.23
CA CYS A 29 -0.06 2.31 5.51
C CYS A 29 0.82 3.13 6.45
N LYS A 30 1.86 3.73 5.89
CA LYS A 30 2.78 4.54 6.68
C LYS A 30 2.61 6.02 6.31
N ILE A 31 1.44 6.33 5.78
CA ILE A 31 1.14 7.68 5.37
C ILE A 31 0.13 8.30 6.34
N CYS A 32 -0.95 7.56 6.57
CA CYS A 32 -1.99 8.02 7.47
C CYS A 32 -1.92 7.18 8.75
N ALA A 33 -1.72 5.89 8.56
CA ALA A 33 -1.64 4.97 9.68
C ALA A 33 -3.03 4.79 10.30
N GLU A 34 -4.00 4.56 9.43
CA GLU A 34 -5.37 4.38 9.88
C GLU A 34 -5.99 3.14 9.22
N ASN A 35 -6.16 3.24 7.91
CA ASN A 35 -6.73 2.14 7.15
C ASN A 35 -5.61 1.35 6.47
N ASP A 36 -5.93 0.12 6.11
CA ASP A 36 -4.96 -0.74 5.46
C ASP A 36 -4.75 -0.27 4.02
N LYS A 37 -3.55 -0.54 3.51
CA LYS A 37 -3.21 -0.15 2.16
C LYS A 37 -4.32 -0.60 1.20
N ASP A 38 -4.50 -1.91 1.14
CA ASP A 38 -5.51 -2.49 0.28
C ASP A 38 -5.23 -2.09 -1.17
N VAL A 39 -3.97 -1.80 -1.44
CA VAL A 39 -3.55 -1.41 -2.77
C VAL A 39 -2.06 -1.72 -2.96
N LYS A 40 -1.60 -1.54 -4.18
CA LYS A 40 -0.20 -1.79 -4.50
C LYS A 40 0.19 -0.98 -5.73
N ILE A 41 1.37 -0.37 -5.64
CA ILE A 41 1.87 0.44 -6.73
C ILE A 41 2.92 -0.36 -7.51
N GLU A 42 2.83 -0.26 -8.83
CA GLU A 42 3.76 -0.96 -9.70
C GLU A 42 4.21 -0.06 -10.85
N PRO A 43 5.34 -0.44 -11.49
CA PRO A 43 6.07 -1.63 -11.06
C PRO A 43 6.84 -1.38 -9.77
N CYS A 44 6.83 -0.12 -9.35
CA CYS A 44 7.51 0.28 -8.13
C CYS A 44 7.39 -0.80 -7.05
N GLY A 45 6.21 -0.92 -6.47
CA GLY A 45 5.98 -1.91 -5.43
C GLY A 45 5.65 -1.24 -4.10
N HIS A 46 5.31 0.03 -4.18
CA HIS A 46 4.97 0.80 -2.99
C HIS A 46 3.49 0.63 -2.67
N LEU A 47 3.21 0.22 -1.45
CA LEU A 47 1.83 0.01 -1.02
C LEU A 47 1.35 1.26 -0.28
N MET A 48 0.02 1.39 -0.23
CA MET A 48 -0.58 2.53 0.44
C MET A 48 -2.09 2.37 0.53
N CYS A 49 -2.72 3.33 1.20
CA CYS A 49 -4.16 3.31 1.36
C CYS A 49 -4.78 4.26 0.33
N THR A 50 -5.54 3.67 -0.58
CA THR A 50 -6.18 4.45 -1.63
C THR A 50 -6.87 5.68 -1.03
N SER A 51 -7.21 5.56 0.26
CA SER A 51 -7.86 6.66 0.96
C SER A 51 -6.91 7.84 1.10
N CYS A 52 -5.66 7.51 1.44
CA CYS A 52 -4.64 8.54 1.60
C CYS A 52 -4.13 8.93 0.22
N LEU A 53 -3.77 7.92 -0.55
CA LEU A 53 -3.26 8.15 -1.89
C LEU A 53 -4.14 9.18 -2.61
N THR A 54 -5.44 8.95 -2.52
CA THR A 54 -6.40 9.84 -3.16
C THR A 54 -6.16 11.29 -2.70
N ALA A 55 -5.77 11.41 -1.44
CA ALA A 55 -5.50 12.72 -0.86
C ALA A 55 -4.36 13.38 -1.61
N TRP A 56 -3.49 12.55 -2.17
CA TRP A 56 -2.35 13.04 -2.91
C TRP A 56 -2.83 13.44 -4.30
N GLN A 57 -3.51 12.50 -4.96
CA GLN A 57 -4.02 12.75 -6.30
C GLN A 57 -5.04 13.89 -6.27
N GLU A 58 -5.41 14.29 -5.06
CA GLU A 58 -6.37 15.36 -4.88
C GLU A 58 -6.16 16.44 -5.95
N SER A 59 -4.99 17.07 -5.89
CA SER A 59 -4.66 18.11 -6.83
C SER A 59 -3.39 17.74 -7.59
N ASP A 60 -2.59 16.90 -6.98
CA ASP A 60 -1.34 16.45 -7.58
C ASP A 60 -1.62 15.29 -8.52
N GLY A 61 -1.46 14.08 -7.99
CA GLY A 61 -1.70 12.87 -8.77
C GLY A 61 -0.57 12.64 -9.77
N GLN A 62 0.63 13.05 -9.37
CA GLN A 62 1.79 12.89 -10.23
C GLN A 62 2.46 11.53 -9.98
N GLY A 63 1.70 10.48 -10.28
CA GLY A 63 2.19 9.13 -10.10
C GLY A 63 2.35 8.80 -8.62
N CYS A 64 3.12 7.75 -8.34
CA CYS A 64 3.36 7.33 -6.98
C CYS A 64 3.95 8.50 -6.20
N PRO A 65 3.25 8.87 -5.10
CA PRO A 65 3.68 9.98 -4.26
C PRO A 65 4.89 9.57 -3.41
N PHE A 66 5.27 8.31 -3.55
CA PHE A 66 6.40 7.79 -2.80
C PHE A 66 7.72 8.00 -3.55
N CYS A 67 7.64 7.76 -4.86
CA CYS A 67 8.82 7.93 -5.70
C CYS A 67 8.52 9.03 -6.73
N ARG A 68 7.44 9.74 -6.47
CA ARG A 68 7.03 10.82 -7.37
C ARG A 68 7.29 10.44 -8.82
N CYS A 69 6.88 9.22 -9.16
CA CYS A 69 7.05 8.72 -10.52
C CYS A 69 5.72 8.13 -10.99
N GLU A 70 5.51 8.21 -12.29
CA GLU A 70 4.29 7.69 -12.88
C GLU A 70 4.12 6.20 -12.56
N ILE A 71 2.87 5.77 -12.52
CA ILE A 71 2.56 4.38 -12.22
C ILE A 71 2.11 3.68 -13.50
N LYS A 72 2.30 2.37 -13.52
CA LYS A 72 1.92 1.56 -14.66
C LYS A 72 0.87 0.53 -14.24
N GLY A 73 1.11 -0.05 -13.06
CA GLY A 73 0.20 -1.06 -12.54
C GLY A 73 -0.38 -0.61 -11.20
N THR A 74 -1.71 -0.66 -11.13
CA THR A 74 -2.41 -0.26 -9.91
C THR A 74 -3.76 -0.96 -9.83
N GLU A 75 -3.96 -1.65 -8.70
CA GLU A 75 -5.20 -2.37 -8.48
C GLU A 75 -5.45 -2.54 -6.99
N PRO A 76 -6.76 -2.64 -6.62
CA PRO A 76 -7.15 -2.80 -5.23
C PRO A 76 -6.87 -4.23 -4.76
N ILE A 77 -5.77 -4.38 -4.05
CA ILE A 77 -5.39 -5.68 -3.52
C ILE A 77 -5.62 -5.71 -2.01
N ILE A 78 -5.48 -6.90 -1.44
CA ILE A 78 -5.66 -7.08 -0.02
C ILE A 78 -4.38 -7.64 0.59
N VAL A 79 -3.70 -6.80 1.36
CA VAL A 79 -2.47 -7.21 2.01
C VAL A 79 -2.79 -8.10 3.20
N ASP A 80 -1.97 -9.13 3.37
CA ASP A 80 -2.15 -10.07 4.46
C ASP A 80 -0.83 -10.25 5.21
N PRO A 81 -0.94 -10.40 6.55
CA PRO A 81 0.24 -10.59 7.38
C PRO A 81 0.81 -12.00 7.23
N PHE A 82 2.03 -12.17 7.69
CA PHE A 82 2.69 -13.47 7.61
C PHE A 82 2.08 -14.45 8.61
ZN ZN B . -1.98 6.66 3.87
ZN ZN C . 6.29 4.39 -5.26
N GLY A 1 -23.17 -4.25 -11.30
CA GLY A 1 -22.88 -5.40 -10.44
C GLY A 1 -21.52 -6.00 -10.78
N PRO A 2 -20.45 -5.20 -10.52
CA PRO A 2 -19.10 -5.65 -10.80
C PRO A 2 -18.64 -6.66 -9.74
N HIS A 3 -17.41 -7.14 -9.94
CA HIS A 3 -16.85 -8.11 -9.01
C HIS A 3 -15.53 -7.57 -8.45
N MET A 4 -15.04 -8.23 -7.41
CA MET A 4 -13.81 -7.82 -6.76
C MET A 4 -12.77 -8.95 -6.84
N GLY A 5 -11.62 -8.62 -7.42
CA GLY A 5 -10.55 -9.58 -7.55
C GLY A 5 -9.28 -9.08 -6.85
N SER A 6 -9.46 -8.62 -5.61
CA SER A 6 -8.35 -8.12 -4.84
C SER A 6 -7.29 -9.22 -4.66
N ASP A 7 -6.05 -8.83 -4.87
CA ASP A 7 -4.94 -9.76 -4.75
C ASP A 7 -4.63 -9.99 -3.27
N HIS A 8 -3.61 -10.79 -3.02
CA HIS A 8 -3.21 -11.10 -1.67
C HIS A 8 -1.68 -11.06 -1.55
N ILE A 9 -1.21 -10.27 -0.61
CA ILE A 9 0.23 -10.13 -0.39
C ILE A 9 0.57 -10.61 1.01
N LYS A 10 1.29 -11.73 1.07
CA LYS A 10 1.70 -12.29 2.34
C LYS A 10 2.93 -11.56 2.85
N VAL A 11 3.05 -11.51 4.17
CA VAL A 11 4.18 -10.85 4.80
C VAL A 11 5.25 -11.88 5.14
N THR A 12 6.49 -11.52 4.87
CA THR A 12 7.61 -12.41 5.14
C THR A 12 8.23 -12.08 6.49
N GLN A 13 8.65 -13.12 7.18
CA GLN A 13 9.26 -12.96 8.50
C GLN A 13 10.24 -11.77 8.48
N GLU A 14 11.01 -11.70 7.41
CA GLU A 14 11.98 -10.63 7.26
C GLU A 14 11.33 -9.28 7.58
N GLN A 15 10.18 -9.05 6.97
CA GLN A 15 9.46 -7.80 7.18
C GLN A 15 9.08 -7.66 8.66
N TYR A 16 8.20 -8.54 9.10
CA TYR A 16 7.75 -8.52 10.48
C TYR A 16 8.91 -8.18 11.43
N GLU A 17 10.08 -8.72 11.12
CA GLU A 17 11.26 -8.48 11.92
C GLU A 17 11.73 -7.03 11.74
N LEU A 18 11.81 -6.62 10.49
CA LEU A 18 12.24 -5.26 10.18
C LEU A 18 11.32 -4.26 10.86
N PTR A 19 10.06 -4.64 10.98
CA PTR A 19 9.06 -3.80 11.61
C PTR A 19 9.04 -4.01 13.12
O PTR A 19 8.54 -3.15 13.84
CB PTR A 19 7.67 -4.08 11.02
CG PTR A 19 7.49 -3.58 9.61
CD1 PTR A 19 6.47 -2.70 9.29
CD2 PTR A 19 8.36 -3.99 8.60
CE1 PTR A 19 6.30 -2.24 8.00
CE2 PTR A 19 8.20 -3.53 7.31
CZ PTR A 19 7.17 -2.65 7.01
OH PTR A 19 7.01 -2.18 5.67
P PTR A 19 6.76 -0.59 5.38
O1P PTR A 19 7.99 -0.12 4.60
O2P PTR A 19 6.65 0.06 6.74
O3P PTR A 19 5.48 -0.50 4.56
H PTR A 19 9.78 -5.51 10.63
HA PTR A 19 9.32 -2.77 11.41
HB2 PTR A 19 7.50 -5.14 11.03
HB3 PTR A 19 6.92 -3.60 11.64
HD1 PTR A 19 5.80 -2.37 10.07
HD2 PTR A 19 9.16 -4.67 8.83
HE1 PTR A 19 5.50 -1.56 7.77
HE2 PTR A 19 8.87 -3.85 6.54
N CYS A 20 9.58 -5.14 13.55
CA CYS A 20 9.62 -5.45 14.97
C CYS A 20 10.50 -4.42 15.67
N GLU A 21 11.47 -3.92 14.92
CA GLU A 21 12.40 -2.92 15.45
C GLU A 21 11.65 -1.62 15.74
N MET A 22 10.48 -1.48 15.14
CA MET A 22 9.67 -0.30 15.32
C MET A 22 8.25 -0.66 15.75
N GLY A 23 8.08 -1.95 16.05
CA GLY A 23 6.78 -2.44 16.49
C GLY A 23 5.66 -1.84 15.64
N SER A 24 5.78 -2.01 14.34
CA SER A 24 4.79 -1.50 13.41
C SER A 24 4.21 -2.64 12.58
N THR A 25 3.28 -2.29 11.71
CA THR A 25 2.64 -3.27 10.85
C THR A 25 2.77 -2.87 9.38
N PHE A 26 3.19 -3.83 8.57
CA PHE A 26 3.36 -3.59 7.16
C PHE A 26 2.04 -3.19 6.50
N GLN A 27 1.11 -4.12 6.50
CA GLN A 27 -0.20 -3.88 5.92
C GLN A 27 -0.71 -2.50 6.31
N LEU A 28 -0.24 -2.03 7.46
CA LEU A 28 -0.64 -0.73 7.97
C LEU A 28 0.01 0.37 7.11
N CYS A 29 -0.84 1.22 6.55
CA CYS A 29 -0.38 2.32 5.71
C CYS A 29 0.64 3.18 6.45
N LYS A 30 1.75 3.47 5.78
CA LYS A 30 2.80 4.28 6.38
C LYS A 30 2.57 5.75 6.02
N ILE A 31 1.30 6.10 5.88
CA ILE A 31 0.93 7.47 5.53
C ILE A 31 0.19 8.11 6.71
N CYS A 32 -0.93 7.49 7.06
CA CYS A 32 -1.73 7.99 8.17
C CYS A 32 -1.59 7.02 9.34
N ALA A 33 -1.19 5.81 9.02
CA ALA A 33 -1.00 4.78 10.03
C ALA A 33 -2.31 4.62 10.82
N GLU A 34 -3.41 4.66 10.10
CA GLU A 34 -4.72 4.51 10.72
C GLU A 34 -5.53 3.42 10.01
N ASN A 35 -5.49 3.47 8.69
CA ASN A 35 -6.20 2.49 7.87
C ASN A 35 -5.20 1.56 7.19
N ASP A 36 -5.74 0.55 6.52
CA ASP A 36 -4.90 -0.41 5.82
C ASP A 36 -4.65 0.08 4.40
N LYS A 37 -3.63 -0.49 3.77
CA LYS A 37 -3.27 -0.12 2.42
C LYS A 37 -4.41 -0.52 1.48
N ASP A 38 -4.75 -1.80 1.52
CA ASP A 38 -5.81 -2.33 0.67
C ASP A 38 -5.55 -1.91 -0.77
N VAL A 39 -4.29 -1.66 -1.07
CA VAL A 39 -3.90 -1.26 -2.41
C VAL A 39 -2.44 -1.67 -2.66
N LYS A 40 -2.01 -1.45 -3.89
CA LYS A 40 -0.64 -1.79 -4.27
C LYS A 40 -0.25 -0.98 -5.51
N ILE A 41 1.06 -0.80 -5.67
CA ILE A 41 1.58 -0.05 -6.79
C ILE A 41 2.54 -0.94 -7.59
N GLU A 42 2.50 -0.76 -8.91
CA GLU A 42 3.35 -1.54 -9.80
C GLU A 42 3.95 -0.63 -10.88
N PRO A 43 5.03 -1.15 -11.52
CA PRO A 43 5.55 -2.46 -11.17
C PRO A 43 6.32 -2.42 -9.86
N CYS A 44 6.58 -1.20 -9.41
CA CYS A 44 7.31 -0.98 -8.16
C CYS A 44 6.93 -2.03 -7.12
N GLY A 45 5.72 -1.91 -6.59
CA GLY A 45 5.24 -2.85 -5.59
C GLY A 45 5.00 -2.15 -4.25
N HIS A 46 4.87 -0.84 -4.33
CA HIS A 46 4.63 -0.04 -3.14
C HIS A 46 3.18 -0.17 -2.71
N LEU A 47 2.97 -0.14 -1.40
CA LEU A 47 1.62 -0.27 -0.85
C LEU A 47 1.28 1.02 -0.09
N MET A 48 -0.02 1.26 0.02
CA MET A 48 -0.50 2.44 0.71
C MET A 48 -2.02 2.41 0.86
N CYS A 49 -2.53 3.37 1.62
CA CYS A 49 -3.95 3.47 1.85
C CYS A 49 -4.56 4.38 0.78
N THR A 50 -5.41 3.78 -0.04
CA THR A 50 -6.06 4.52 -1.11
C THR A 50 -6.64 5.83 -0.57
N SER A 51 -7.51 5.69 0.42
CA SER A 51 -8.15 6.85 1.03
C SER A 51 -7.10 7.93 1.31
N CYS A 52 -5.86 7.48 1.48
CA CYS A 52 -4.77 8.41 1.74
C CYS A 52 -4.20 8.87 0.41
N LEU A 53 -4.08 7.93 -0.52
CA LEU A 53 -3.55 8.23 -1.84
C LEU A 53 -4.32 9.43 -2.42
N THR A 54 -5.63 9.37 -2.29
CA THR A 54 -6.48 10.44 -2.81
C THR A 54 -6.03 11.79 -2.25
N ALA A 55 -5.58 11.77 -1.01
CA ALA A 55 -5.12 12.98 -0.35
C ALA A 55 -3.91 13.53 -1.12
N TRP A 56 -3.19 12.63 -1.75
CA TRP A 56 -2.01 13.00 -2.52
C TRP A 56 -2.48 13.56 -3.86
N GLN A 57 -3.31 12.79 -4.54
CA GLN A 57 -3.85 13.20 -5.83
C GLN A 57 -4.69 14.45 -5.68
N GLU A 58 -4.96 14.81 -4.43
CA GLU A 58 -5.76 15.99 -4.13
C GLU A 58 -5.45 17.11 -5.14
N SER A 59 -4.20 17.56 -5.10
CA SER A 59 -3.76 18.62 -6.00
C SER A 59 -2.56 18.15 -6.80
N ASP A 60 -1.84 17.20 -6.23
CA ASP A 60 -0.66 16.66 -6.89
C ASP A 60 -1.09 15.61 -7.93
N GLY A 61 -1.17 14.37 -7.47
CA GLY A 61 -1.56 13.28 -8.35
C GLY A 61 -0.50 13.01 -9.41
N GLN A 62 0.75 13.24 -9.03
CA GLN A 62 1.86 13.03 -9.93
C GLN A 62 2.41 11.62 -9.78
N GLY A 63 1.59 10.65 -10.18
CA GLY A 63 1.98 9.26 -10.10
C GLY A 63 2.03 8.79 -8.64
N CYS A 64 2.74 7.68 -8.44
CA CYS A 64 2.88 7.12 -7.10
C CYS A 64 3.62 8.15 -6.23
N PRO A 65 3.02 8.41 -5.03
CA PRO A 65 3.62 9.35 -4.10
C PRO A 65 4.84 8.76 -3.41
N PHE A 66 5.12 7.51 -3.75
CA PHE A 66 6.26 6.81 -3.16
C PHE A 66 7.48 6.90 -4.09
N CYS A 67 7.23 6.75 -5.38
CA CYS A 67 8.29 6.82 -6.37
C CYS A 67 8.10 8.09 -7.18
N ARG A 68 7.17 8.92 -6.74
CA ARG A 68 6.89 10.17 -7.43
C ARG A 68 6.96 9.97 -8.94
N CYS A 69 6.63 8.76 -9.36
CA CYS A 69 6.65 8.43 -10.77
C CYS A 69 5.29 7.84 -11.16
N GLU A 70 4.92 8.03 -12.42
CA GLU A 70 3.66 7.52 -12.91
C GLU A 70 3.51 6.04 -12.55
N ILE A 71 2.26 5.62 -12.40
CA ILE A 71 1.96 4.24 -12.05
C ILE A 71 1.56 3.48 -13.31
N LYS A 72 1.85 2.19 -13.30
CA LYS A 72 1.54 1.33 -14.44
C LYS A 72 0.42 0.38 -14.05
N GLY A 73 0.56 -0.21 -12.87
CA GLY A 73 -0.43 -1.15 -12.37
C GLY A 73 -0.86 -0.78 -10.95
N THR A 74 -2.17 -0.83 -10.74
CA THR A 74 -2.73 -0.51 -9.44
C THR A 74 -4.05 -1.24 -9.21
N GLU A 75 -4.16 -1.89 -8.07
CA GLU A 75 -5.36 -2.64 -7.73
C GLU A 75 -5.45 -2.82 -6.22
N PRO A 76 -6.72 -2.98 -5.74
CA PRO A 76 -6.96 -3.16 -4.32
C PRO A 76 -6.59 -4.58 -3.88
N ILE A 77 -5.44 -4.69 -3.24
CA ILE A 77 -4.97 -5.98 -2.77
C ILE A 77 -5.17 -6.06 -1.26
N ILE A 78 -5.02 -7.27 -0.74
CA ILE A 78 -5.20 -7.51 0.68
C ILE A 78 -3.87 -8.03 1.28
N VAL A 79 -3.25 -7.18 2.07
CA VAL A 79 -1.98 -7.54 2.70
C VAL A 79 -2.27 -8.42 3.92
N ASP A 80 -1.37 -9.37 4.14
CA ASP A 80 -1.51 -10.27 5.27
C ASP A 80 -0.18 -10.35 6.02
N PRO A 81 -0.29 -10.46 7.37
CA PRO A 81 0.90 -10.54 8.21
C PRO A 81 1.54 -11.92 8.12
N PHE A 82 2.81 -11.98 8.50
CA PHE A 82 3.55 -13.23 8.47
C PHE A 82 2.75 -14.36 9.13
ZN ZN B . -4.74 5.02 5.59
ZN ZN C . 4.97 3.25 -6.43
N GLY A 1 -10.79 -1.95 -14.18
CA GLY A 1 -9.87 -2.88 -14.85
C GLY A 1 -10.44 -4.30 -14.83
N PRO A 2 -9.71 -5.20 -15.55
CA PRO A 2 -10.12 -6.59 -15.62
C PRO A 2 -9.81 -7.34 -14.32
N HIS A 3 -10.20 -8.60 -14.29
CA HIS A 3 -9.96 -9.43 -13.11
C HIS A 3 -10.42 -8.67 -11.86
N MET A 4 -11.67 -8.23 -11.89
CA MET A 4 -12.23 -7.50 -10.78
C MET A 4 -12.24 -8.36 -9.51
N GLY A 5 -11.23 -8.14 -8.67
CA GLY A 5 -11.11 -8.89 -7.44
C GLY A 5 -9.96 -8.34 -6.58
N SER A 6 -10.10 -8.52 -5.28
CA SER A 6 -9.09 -8.06 -4.34
C SER A 6 -8.05 -9.17 -4.11
N ASP A 7 -6.79 -8.77 -4.16
CA ASP A 7 -5.70 -9.70 -3.95
C ASP A 7 -5.37 -9.78 -2.46
N HIS A 8 -4.66 -10.83 -2.10
CA HIS A 8 -4.28 -11.05 -0.71
C HIS A 8 -2.77 -11.24 -0.62
N ILE A 9 -2.18 -10.63 0.40
CA ILE A 9 -0.75 -10.72 0.61
C ILE A 9 -0.48 -11.31 2.00
N LYS A 10 0.48 -12.22 2.05
CA LYS A 10 0.84 -12.86 3.30
C LYS A 10 2.21 -12.34 3.76
N VAL A 11 2.22 -11.80 4.97
CA VAL A 11 3.45 -11.27 5.53
C VAL A 11 4.38 -12.42 5.91
N THR A 12 5.66 -12.11 5.97
CA THR A 12 6.66 -13.11 6.32
C THR A 12 7.48 -12.64 7.52
N GLN A 13 7.86 -13.60 8.35
CA GLN A 13 8.65 -13.31 9.53
C GLN A 13 9.72 -12.27 9.22
N GLU A 14 10.40 -12.48 8.11
CA GLU A 14 11.45 -11.57 7.69
C GLU A 14 10.92 -10.12 7.70
N GLN A 15 9.73 -9.96 7.15
CA GLN A 15 9.11 -8.65 7.09
C GLN A 15 8.83 -8.13 8.50
N TYR A 16 7.92 -8.81 9.18
CA TYR A 16 7.56 -8.42 10.53
C TYR A 16 8.80 -8.03 11.34
N GLU A 17 9.86 -8.78 11.12
CA GLU A 17 11.11 -8.52 11.82
C GLU A 17 11.70 -7.18 11.39
N LEU A 18 11.86 -7.04 10.08
CA LEU A 18 12.41 -5.81 9.52
C LEU A 18 11.58 -4.62 10.01
N PTR A 19 10.28 -4.86 10.17
CA PTR A 19 9.36 -3.83 10.61
C PTR A 19 9.32 -3.77 12.14
O PTR A 19 8.90 -2.74 12.69
CB PTR A 19 7.96 -4.09 10.07
CG PTR A 19 7.82 -3.83 8.59
CD1 PTR A 19 6.84 -2.96 8.10
CD2 PTR A 19 8.68 -4.42 7.67
CE1 PTR A 19 6.71 -2.72 6.75
CE2 PTR A 19 8.56 -4.18 6.32
CZ PTR A 19 7.57 -3.33 5.86
OH PTR A 19 7.45 -3.07 4.45
P PTR A 19 6.75 -1.68 3.93
O1P PTR A 19 7.38 -1.39 2.57
O2P PTR A 19 7.09 -0.64 4.97
O3P PTR A 19 5.27 -1.98 3.85
H PTR A 19 9.93 -5.76 9.96
HA PTR A 19 9.70 -2.88 10.24
HB2 PTR A 19 7.70 -5.13 10.23
HB3 PTR A 19 7.25 -3.47 10.58
HD1 PTR A 19 6.16 -2.49 8.80
HD2 PTR A 19 9.45 -5.09 8.03
HE1 PTR A 19 5.94 -2.04 6.39
HE2 PTR A 19 9.23 -4.65 5.62
N CYS A 20 9.75 -4.85 12.78
CA CYS A 20 9.76 -4.90 14.23
C CYS A 20 10.73 -3.84 14.74
N GLU A 21 11.69 -3.51 13.90
CA GLU A 21 12.69 -2.52 14.25
C GLU A 21 12.12 -1.11 14.08
N MET A 22 10.89 -1.05 13.60
CA MET A 22 10.23 0.22 13.38
C MET A 22 9.15 0.47 14.45
N GLY A 23 8.51 -0.61 14.87
CA GLY A 23 7.47 -0.53 15.87
C GLY A 23 6.08 -0.58 15.24
N SER A 24 6.06 -1.03 14.00
CA SER A 24 4.80 -1.13 13.26
C SER A 24 4.82 -2.39 12.39
N THR A 25 3.66 -2.67 11.79
CA THR A 25 3.52 -3.83 10.92
C THR A 25 3.64 -3.42 9.46
N PHE A 26 3.43 -4.39 8.59
CA PHE A 26 3.51 -4.15 7.16
C PHE A 26 2.20 -3.57 6.62
N GLN A 27 1.17 -4.41 6.66
CA GLN A 27 -0.13 -4.00 6.17
C GLN A 27 -0.42 -2.56 6.58
N LEU A 28 0.15 -2.16 7.71
CA LEU A 28 -0.03 -0.81 8.22
C LEU A 28 0.71 0.17 7.30
N CYS A 29 -0.09 1.03 6.66
CA CYS A 29 0.46 2.03 5.75
C CYS A 29 1.64 2.76 6.40
N LYS A 30 2.58 3.20 5.56
CA LYS A 30 3.74 3.91 6.05
C LYS A 30 3.61 5.39 5.73
N ILE A 31 2.37 5.82 5.57
CA ILE A 31 2.10 7.22 5.25
C ILE A 31 1.65 7.94 6.53
N CYS A 32 0.55 7.46 7.09
CA CYS A 32 0.00 8.06 8.30
C CYS A 32 0.25 7.08 9.46
N ALA A 33 0.43 5.82 9.10
CA ALA A 33 0.67 4.78 10.09
C ALA A 33 -0.53 4.69 11.03
N GLU A 34 -1.72 4.77 10.43
CA GLU A 34 -2.95 4.69 11.19
C GLU A 34 -3.94 3.76 10.50
N ASN A 35 -4.07 3.95 9.20
CA ASN A 35 -4.98 3.13 8.41
C ASN A 35 -4.18 2.05 7.68
N ASP A 36 -4.91 1.09 7.11
CA ASP A 36 -4.29 0.00 6.38
C ASP A 36 -4.15 0.40 4.91
N LYS A 37 -3.22 -0.25 4.24
CA LYS A 37 -2.98 0.03 2.84
C LYS A 37 -4.16 -0.50 2.00
N ASP A 38 -4.35 -1.81 2.08
CA ASP A 38 -5.44 -2.44 1.35
C ASP A 38 -5.36 -2.02 -0.12
N VAL A 39 -4.18 -1.59 -0.53
CA VAL A 39 -3.97 -1.16 -1.90
C VAL A 39 -2.51 -1.37 -2.28
N LYS A 40 -2.27 -1.53 -3.58
CA LYS A 40 -0.93 -1.74 -4.08
C LYS A 40 -0.76 -0.98 -5.40
N ILE A 41 0.49 -0.62 -5.68
CA ILE A 41 0.80 0.09 -6.91
C ILE A 41 1.65 -0.79 -7.82
N GLU A 42 1.33 -0.74 -9.10
CA GLU A 42 2.06 -1.53 -10.08
C GLU A 42 2.50 -0.65 -11.25
N PRO A 43 3.47 -1.18 -12.04
CA PRO A 43 4.03 -2.50 -11.76
C PRO A 43 4.98 -2.45 -10.55
N CYS A 44 5.42 -1.24 -10.24
CA CYS A 44 6.34 -1.02 -9.13
C CYS A 44 6.02 -1.97 -7.97
N GLY A 45 5.17 -1.52 -7.06
CA GLY A 45 4.79 -2.33 -5.92
C GLY A 45 4.79 -1.50 -4.64
N HIS A 46 4.22 -0.31 -4.74
CA HIS A 46 4.15 0.58 -3.59
C HIS A 46 2.72 0.58 -3.04
N LEU A 47 2.60 0.08 -1.82
CA LEU A 47 1.30 0.02 -1.17
C LEU A 47 1.01 1.36 -0.48
N MET A 48 -0.22 1.50 -0.02
CA MET A 48 -0.63 2.72 0.65
C MET A 48 -2.09 2.64 1.09
N CYS A 49 -2.48 3.57 1.95
CA CYS A 49 -3.84 3.62 2.46
C CYS A 49 -4.65 4.53 1.53
N THR A 50 -5.63 3.94 0.86
CA THR A 50 -6.47 4.68 -0.04
C THR A 50 -6.79 6.06 0.54
N SER A 51 -7.41 6.04 1.71
CA SER A 51 -7.77 7.29 2.38
C SER A 51 -6.63 8.30 2.27
N CYS A 52 -5.42 7.79 2.45
CA CYS A 52 -4.24 8.63 2.37
C CYS A 52 -4.06 9.07 0.92
N LEU A 53 -3.96 8.08 0.04
CA LEU A 53 -3.78 8.36 -1.38
C LEU A 53 -4.67 9.53 -1.78
N THR A 54 -5.84 9.59 -1.17
CA THR A 54 -6.80 10.64 -1.46
C THR A 54 -6.21 12.00 -1.07
N ALA A 55 -5.68 12.07 0.15
CA ALA A 55 -5.08 13.30 0.64
C ALA A 55 -4.02 13.77 -0.34
N TRP A 56 -3.52 12.83 -1.13
CA TRP A 56 -2.50 13.15 -2.12
C TRP A 56 -3.19 13.63 -3.39
N GLN A 57 -3.96 12.74 -3.99
CA GLN A 57 -4.67 13.07 -5.21
C GLN A 57 -5.51 14.33 -5.01
N GLU A 58 -5.73 14.66 -3.74
CA GLU A 58 -6.50 15.84 -3.39
C GLU A 58 -6.22 16.97 -4.39
N SER A 59 -4.98 17.41 -4.40
CA SER A 59 -4.57 18.48 -5.29
C SER A 59 -3.44 18.00 -6.21
N ASP A 60 -2.71 17.00 -5.72
CA ASP A 60 -1.61 16.44 -6.48
C ASP A 60 -2.15 15.44 -7.49
N GLY A 61 -2.16 14.18 -7.09
CA GLY A 61 -2.65 13.12 -7.95
C GLY A 61 -1.70 12.91 -9.14
N GLN A 62 -0.43 13.23 -8.91
CA GLN A 62 0.57 13.08 -9.96
C GLN A 62 1.18 11.68 -9.91
N GLY A 63 0.34 10.70 -10.23
CA GLY A 63 0.79 9.32 -10.22
C GLY A 63 1.09 8.83 -8.81
N CYS A 64 1.82 7.74 -8.73
CA CYS A 64 2.18 7.17 -7.44
C CYS A 64 2.96 8.22 -6.65
N PRO A 65 2.47 8.49 -5.41
CA PRO A 65 3.12 9.47 -4.56
C PRO A 65 4.41 8.91 -3.96
N PHE A 66 4.69 7.66 -4.31
CA PHE A 66 5.89 7.00 -3.81
C PHE A 66 7.04 7.13 -4.82
N CYS A 67 6.69 6.95 -6.09
CA CYS A 67 7.68 7.04 -7.15
C CYS A 67 7.38 8.27 -8.00
N ARG A 68 6.47 9.09 -7.49
CA ARG A 68 6.08 10.30 -8.17
C ARG A 68 6.00 10.05 -9.69
N CYS A 69 5.65 8.82 -10.04
CA CYS A 69 5.54 8.44 -11.44
C CYS A 69 4.14 7.88 -11.67
N GLU A 70 3.63 8.13 -12.87
CA GLU A 70 2.30 7.65 -13.24
C GLU A 70 2.14 6.18 -12.83
N ILE A 71 0.89 5.79 -12.64
CA ILE A 71 0.58 4.43 -12.27
C ILE A 71 0.08 3.65 -13.49
N LYS A 72 0.22 2.33 -13.42
CA LYS A 72 -0.21 1.48 -14.51
C LYS A 72 -1.28 0.51 -14.00
N GLY A 73 -1.01 -0.05 -12.82
CA GLY A 73 -1.93 -0.99 -12.22
C GLY A 73 -2.29 -0.56 -10.79
N THR A 74 -3.56 -0.75 -10.45
CA THR A 74 -4.04 -0.39 -9.12
C THR A 74 -5.31 -1.17 -8.79
N GLU A 75 -5.20 -2.01 -7.76
CA GLU A 75 -6.32 -2.82 -7.33
C GLU A 75 -6.39 -2.85 -5.80
N PRO A 76 -7.64 -3.00 -5.28
CA PRO A 76 -7.86 -3.07 -3.84
C PRO A 76 -7.42 -4.42 -3.28
N ILE A 77 -6.25 -4.42 -2.66
CA ILE A 77 -5.71 -5.64 -2.08
C ILE A 77 -5.88 -5.59 -0.55
N ILE A 78 -5.41 -6.63 0.09
CA ILE A 78 -5.50 -6.72 1.54
C ILE A 78 -4.24 -7.42 2.09
N VAL A 79 -3.49 -6.66 2.87
CA VAL A 79 -2.27 -7.19 3.45
C VAL A 79 -2.59 -7.88 4.77
N ASP A 80 -1.86 -8.95 5.05
CA ASP A 80 -2.07 -9.70 6.27
C ASP A 80 -0.72 -9.94 6.95
N PRO A 81 -0.75 -9.90 8.31
CA PRO A 81 0.45 -10.10 9.09
C PRO A 81 0.84 -11.59 9.11
N PHE A 82 2.03 -11.85 9.63
CA PHE A 82 2.54 -13.21 9.72
C PHE A 82 1.82 -13.99 10.82
ZN ZN B . -1.40 6.64 5.75
ZN ZN C . 4.48 3.31 -7.15
N GLY A 1 -20.60 -10.86 -6.42
CA GLY A 1 -21.52 -9.74 -6.32
C GLY A 1 -20.83 -8.43 -6.66
N PRO A 2 -19.80 -8.08 -5.83
CA PRO A 2 -19.05 -6.86 -6.05
C PRO A 2 -18.10 -7.00 -7.22
N HIS A 3 -17.38 -5.91 -7.50
CA HIS A 3 -16.43 -5.91 -8.60
C HIS A 3 -15.20 -6.74 -8.23
N MET A 4 -15.34 -8.05 -8.41
CA MET A 4 -14.26 -8.97 -8.10
C MET A 4 -12.99 -8.59 -8.86
N GLY A 5 -11.90 -8.50 -8.12
CA GLY A 5 -10.62 -8.15 -8.71
C GLY A 5 -9.62 -7.71 -7.65
N SER A 6 -9.61 -8.45 -6.55
CA SER A 6 -8.71 -8.16 -5.44
C SER A 6 -7.76 -9.33 -5.21
N ASP A 7 -6.48 -8.99 -5.09
CA ASP A 7 -5.47 -10.01 -4.87
C ASP A 7 -5.17 -10.10 -3.37
N HIS A 8 -4.25 -11.00 -3.03
CA HIS A 8 -3.86 -11.19 -1.65
C HIS A 8 -2.34 -11.26 -1.54
N ILE A 9 -1.81 -10.56 -0.55
CA ILE A 9 -0.37 -10.54 -0.34
C ILE A 9 -0.06 -11.17 1.02
N LYS A 10 1.11 -11.79 1.09
CA LYS A 10 1.54 -12.44 2.32
C LYS A 10 2.82 -11.75 2.83
N VAL A 11 2.85 -11.54 4.13
CA VAL A 11 4.01 -10.91 4.75
C VAL A 11 5.03 -11.98 5.14
N THR A 12 6.29 -11.64 4.96
CA THR A 12 7.37 -12.56 5.29
C THR A 12 7.84 -12.33 6.73
N GLN A 13 8.03 -13.44 7.43
CA GLN A 13 8.48 -13.38 8.81
C GLN A 13 9.56 -12.30 8.97
N GLU A 14 10.34 -12.14 7.93
CA GLU A 14 11.41 -11.14 7.94
C GLU A 14 10.83 -9.73 8.07
N GLN A 15 9.85 -9.45 7.22
CA GLN A 15 9.21 -8.15 7.23
C GLN A 15 8.63 -7.86 8.62
N TYR A 16 7.62 -8.65 8.97
CA TYR A 16 6.96 -8.48 10.26
C TYR A 16 7.98 -8.14 11.35
N GLU A 17 9.01 -8.97 11.43
CA GLU A 17 10.06 -8.77 12.42
C GLU A 17 10.69 -7.39 12.25
N LEU A 18 11.27 -7.17 11.08
CA LEU A 18 11.91 -5.90 10.78
C LEU A 18 10.99 -4.75 11.22
N PTR A 19 9.84 -4.69 10.57
CA PTR A 19 8.86 -3.65 10.88
C PTR A 19 8.45 -3.71 12.34
O PTR A 19 8.05 -2.68 12.90
CB PTR A 19 7.63 -3.80 9.98
CG PTR A 19 7.83 -3.27 8.58
CD1 PTR A 19 6.75 -2.97 7.77
CD2 PTR A 19 9.11 -3.09 8.06
CE1 PTR A 19 6.93 -2.48 6.49
CE2 PTR A 19 9.30 -2.62 6.79
CZ PTR A 19 8.21 -2.31 6.00
OH PTR A 19 8.40 -1.81 4.66
P PTR A 19 7.34 -0.76 4.02
O1P PTR A 19 8.00 -0.22 2.76
O2P PTR A 19 7.12 0.31 5.07
O3P PTR A 19 6.09 -1.57 3.72
H PTR A 19 9.64 -5.34 9.87
HA PTR A 19 9.31 -2.70 10.69
HB2 PTR A 19 7.37 -4.85 9.91
HB3 PTR A 19 6.80 -3.27 10.42
HD1 PTR A 19 5.75 -3.10 8.16
HD2 PTR A 19 9.96 -3.34 8.68
HE1 PTR A 19 6.08 -2.25 5.87
HE2 PTR A 19 10.30 -2.48 6.40
N CYS A 20 8.53 -4.89 12.93
CA CYS A 20 8.16 -5.07 14.33
C CYS A 20 9.19 -4.34 15.19
N GLU A 21 10.38 -4.15 14.62
CA GLU A 21 11.45 -3.47 15.32
C GLU A 21 11.17 -1.97 15.40
N MET A 22 10.08 -1.57 14.77
CA MET A 22 9.69 -0.17 14.76
C MET A 22 8.36 0.03 15.50
N GLY A 23 7.51 -0.98 15.42
CA GLY A 23 6.21 -0.91 16.07
C GLY A 23 5.09 -0.65 15.07
N SER A 24 5.26 -1.22 13.88
CA SER A 24 4.28 -1.06 12.83
C SER A 24 4.24 -2.32 11.95
N THR A 25 3.14 -2.45 11.22
CA THR A 25 2.98 -3.60 10.33
C THR A 25 3.38 -3.22 8.90
N PHE A 26 3.29 -4.21 8.02
CA PHE A 26 3.65 -4.00 6.62
C PHE A 26 2.47 -3.42 5.85
N GLN A 27 1.37 -4.17 5.85
CA GLN A 27 0.17 -3.74 5.15
C GLN A 27 -0.25 -2.34 5.61
N LEU A 28 0.26 -1.96 6.77
CA LEU A 28 -0.05 -0.65 7.33
C LEU A 28 0.70 0.42 6.55
N CYS A 29 -0.02 1.49 6.24
CA CYS A 29 0.54 2.61 5.50
C CYS A 29 1.51 3.41 6.36
N LYS A 30 2.69 3.70 5.82
CA LYS A 30 3.69 4.45 6.55
C LYS A 30 3.49 5.94 6.28
N ILE A 31 2.31 6.27 5.77
CA ILE A 31 1.99 7.66 5.47
C ILE A 31 1.08 8.22 6.57
N CYS A 32 0.14 7.39 6.99
CA CYS A 32 -0.80 7.79 8.02
C CYS A 32 -0.57 6.90 9.24
N ALA A 33 -0.44 5.60 8.97
CA ALA A 33 -0.22 4.64 10.03
C ALA A 33 -1.51 4.49 10.86
N GLU A 34 -2.63 4.53 10.15
CA GLU A 34 -3.92 4.41 10.80
C GLU A 34 -4.78 3.38 10.07
N ASN A 35 -4.77 3.49 8.75
CA ASN A 35 -5.55 2.58 7.92
C ASN A 35 -4.61 1.60 7.22
N ASP A 36 -5.21 0.62 6.55
CA ASP A 36 -4.43 -0.37 5.84
C ASP A 36 -4.30 0.03 4.37
N LYS A 37 -3.18 -0.33 3.78
CA LYS A 37 -2.92 -0.01 2.39
C LYS A 37 -4.07 -0.55 1.52
N ASP A 38 -4.20 -1.86 1.54
CA ASP A 38 -5.25 -2.52 0.77
C ASP A 38 -5.08 -2.15 -0.71
N VAL A 39 -3.84 -1.88 -1.09
CA VAL A 39 -3.54 -1.52 -2.46
C VAL A 39 -2.06 -1.79 -2.74
N LYS A 40 -1.68 -1.59 -3.99
CA LYS A 40 -0.30 -1.81 -4.40
C LYS A 40 -0.01 -1.00 -5.67
N ILE A 41 1.24 -0.59 -5.79
CA ILE A 41 1.65 0.19 -6.95
C ILE A 41 2.65 -0.62 -7.77
N GLU A 42 2.48 -0.55 -9.08
CA GLU A 42 3.36 -1.29 -9.99
C GLU A 42 3.72 -0.41 -11.19
N PRO A 43 4.82 -0.80 -11.88
CA PRO A 43 5.58 -1.98 -11.47
C PRO A 43 6.41 -1.67 -10.23
N CYS A 44 6.45 -0.40 -9.87
CA CYS A 44 7.21 0.05 -8.70
C CYS A 44 7.13 -0.98 -7.58
N GLY A 45 5.98 -1.04 -6.91
CA GLY A 45 5.80 -1.97 -5.82
C GLY A 45 5.48 -1.24 -4.51
N HIS A 46 5.28 0.06 -4.64
CA HIS A 46 4.96 0.88 -3.49
C HIS A 46 3.49 0.67 -3.10
N LEU A 47 3.29 0.44 -1.81
CA LEU A 47 1.94 0.23 -1.29
C LEU A 47 1.45 1.51 -0.61
N MET A 48 0.16 1.52 -0.31
CA MET A 48 -0.43 2.68 0.34
C MET A 48 -1.93 2.45 0.60
N CYS A 49 -2.53 3.39 1.30
CA CYS A 49 -3.95 3.31 1.61
C CYS A 49 -4.69 4.27 0.68
N THR A 50 -5.57 3.68 -0.14
CA THR A 50 -6.35 4.46 -1.07
C THR A 50 -6.79 5.78 -0.43
N SER A 51 -7.54 5.65 0.65
CA SER A 51 -8.03 6.81 1.36
C SER A 51 -6.96 7.90 1.41
N CYS A 52 -5.73 7.46 1.65
CA CYS A 52 -4.60 8.38 1.70
C CYS A 52 -4.27 8.82 0.28
N LEU A 53 -4.14 7.85 -0.60
CA LEU A 53 -3.83 8.13 -1.99
C LEU A 53 -4.65 9.33 -2.46
N THR A 54 -5.95 9.24 -2.22
CA THR A 54 -6.86 10.31 -2.62
C THR A 54 -6.38 11.65 -2.05
N ALA A 55 -5.95 11.61 -0.79
CA ALA A 55 -5.47 12.80 -0.13
C ALA A 55 -4.31 13.40 -0.93
N TRP A 56 -3.63 12.53 -1.66
CA TRP A 56 -2.50 12.95 -2.47
C TRP A 56 -3.04 13.43 -3.81
N GLN A 57 -3.66 12.52 -4.53
CA GLN A 57 -4.22 12.83 -5.83
C GLN A 57 -5.20 14.01 -5.71
N GLU A 58 -5.58 14.29 -4.48
CA GLU A 58 -6.50 15.38 -4.21
C GLU A 58 -6.24 16.54 -5.16
N SER A 59 -5.05 17.11 -5.04
CA SER A 59 -4.67 18.24 -5.87
C SER A 59 -3.40 17.89 -6.66
N ASP A 60 -2.64 16.96 -6.10
CA ASP A 60 -1.40 16.53 -6.73
C ASP A 60 -1.72 15.49 -7.81
N GLY A 61 -1.63 14.23 -7.41
CA GLY A 61 -1.92 13.14 -8.33
C GLY A 61 -0.78 12.97 -9.34
N GLN A 62 0.41 13.31 -8.91
CA GLN A 62 1.59 13.21 -9.77
C GLN A 62 2.20 11.81 -9.65
N GLY A 63 1.36 10.80 -9.88
CA GLY A 63 1.82 9.43 -9.81
C GLY A 63 2.08 9.00 -8.37
N CYS A 64 2.80 7.91 -8.22
CA CYS A 64 3.12 7.39 -6.90
C CYS A 64 3.83 8.49 -6.12
N PRO A 65 3.23 8.86 -4.95
CA PRO A 65 3.79 9.89 -4.11
C PRO A 65 5.01 9.36 -3.35
N PHE A 66 5.33 8.11 -3.60
CA PHE A 66 6.47 7.48 -2.94
C PHE A 66 7.75 7.67 -3.77
N CYS A 67 7.58 7.63 -5.09
CA CYS A 67 8.70 7.78 -5.98
C CYS A 67 8.35 8.88 -7.01
N ARG A 68 7.29 9.61 -6.69
CA ARG A 68 6.83 10.68 -7.56
C ARG A 68 6.98 10.27 -9.04
N CYS A 69 6.49 9.07 -9.33
CA CYS A 69 6.56 8.55 -10.68
C CYS A 69 5.15 8.16 -11.12
N GLU A 70 4.92 8.25 -12.42
CA GLU A 70 3.63 7.90 -12.98
C GLU A 70 3.27 6.45 -12.65
N ILE A 71 1.98 6.21 -12.48
CA ILE A 71 1.50 4.88 -12.16
C ILE A 71 1.23 4.12 -13.47
N LYS A 72 1.41 2.81 -13.40
CA LYS A 72 1.18 1.96 -14.56
C LYS A 72 0.05 0.98 -14.26
N GLY A 73 0.15 0.33 -13.12
CA GLY A 73 -0.86 -0.63 -12.71
C GLY A 73 -1.12 -0.53 -11.21
N THR A 74 -2.40 -0.48 -10.86
CA THR A 74 -2.80 -0.38 -9.47
C THR A 74 -4.13 -1.10 -9.25
N GLU A 75 -4.08 -2.12 -8.41
CA GLU A 75 -5.28 -2.90 -8.11
C GLU A 75 -5.47 -3.01 -6.60
N PRO A 76 -6.76 -3.13 -6.19
CA PRO A 76 -7.09 -3.24 -4.78
C PRO A 76 -6.75 -4.63 -4.24
N ILE A 77 -5.60 -4.73 -3.60
CA ILE A 77 -5.14 -5.99 -3.04
C ILE A 77 -5.26 -5.94 -1.52
N ILE A 78 -5.40 -7.12 -0.93
CA ILE A 78 -5.52 -7.22 0.52
C ILE A 78 -4.25 -7.85 1.09
N VAL A 79 -3.43 -7.02 1.71
CA VAL A 79 -2.19 -7.49 2.30
C VAL A 79 -2.50 -8.19 3.62
N ASP A 80 -1.70 -9.22 3.91
CA ASP A 80 -1.88 -9.98 5.13
C ASP A 80 -0.52 -10.12 5.83
N PRO A 81 -0.57 -10.07 7.19
CA PRO A 81 0.63 -10.19 7.99
C PRO A 81 1.12 -11.64 8.03
N PHE A 82 2.39 -11.80 8.38
CA PHE A 82 2.99 -13.13 8.47
C PHE A 82 2.00 -14.15 9.04
ZN ZN B . -1.72 6.79 3.68
ZN ZN C . 5.98 4.15 -5.84
N GLY A 1 -18.12 -3.74 -10.35
CA GLY A 1 -17.58 -3.79 -11.70
C GLY A 1 -16.47 -4.83 -11.80
N PRO A 2 -15.77 -4.81 -12.97
CA PRO A 2 -14.69 -5.75 -13.22
C PRO A 2 -13.43 -5.34 -12.44
N HIS A 3 -12.39 -6.15 -12.58
CA HIS A 3 -11.14 -5.88 -11.90
C HIS A 3 -11.36 -5.93 -10.38
N MET A 4 -12.38 -6.67 -9.99
CA MET A 4 -12.71 -6.80 -8.58
C MET A 4 -11.98 -7.99 -7.96
N GLY A 5 -10.96 -8.46 -8.66
CA GLY A 5 -10.18 -9.59 -8.19
C GLY A 5 -9.10 -9.14 -7.20
N SER A 6 -9.56 -8.72 -6.03
CA SER A 6 -8.65 -8.28 -4.99
C SER A 6 -7.53 -9.29 -4.80
N ASP A 7 -6.35 -8.77 -4.49
CA ASP A 7 -5.19 -9.61 -4.27
C ASP A 7 -4.97 -9.80 -2.77
N HIS A 8 -4.08 -10.72 -2.45
CA HIS A 8 -3.77 -11.01 -1.06
C HIS A 8 -2.26 -11.16 -0.89
N ILE A 9 -1.72 -10.38 0.03
CA ILE A 9 -0.29 -10.41 0.31
C ILE A 9 -0.05 -11.14 1.63
N LYS A 10 1.11 -11.78 1.70
CA LYS A 10 1.48 -12.50 2.91
C LYS A 10 2.82 -11.97 3.43
N VAL A 11 2.79 -11.54 4.68
CA VAL A 11 3.99 -11.01 5.31
C VAL A 11 4.88 -12.17 5.77
N THR A 12 6.17 -11.92 5.75
CA THR A 12 7.14 -12.92 6.17
C THR A 12 7.87 -12.48 7.44
N GLN A 13 8.79 -13.33 7.88
CA GLN A 13 9.55 -13.03 9.07
C GLN A 13 10.57 -11.92 8.80
N GLU A 14 11.12 -11.96 7.59
CA GLU A 14 12.10 -10.97 7.19
C GLU A 14 11.53 -9.55 7.37
N GLN A 15 10.24 -9.43 7.11
CA GLN A 15 9.57 -8.16 7.25
C GLN A 15 9.26 -7.87 8.72
N TYR A 16 8.36 -8.68 9.26
CA TYR A 16 7.97 -8.51 10.65
C TYR A 16 9.16 -8.13 11.53
N GLU A 17 10.28 -8.80 11.28
CA GLU A 17 11.50 -8.54 12.02
C GLU A 17 11.96 -7.09 11.81
N LEU A 18 12.09 -6.73 10.54
CA LEU A 18 12.52 -5.38 10.19
C LEU A 18 11.57 -4.37 10.84
N PTR A 19 10.30 -4.75 10.90
CA PTR A 19 9.28 -3.89 11.48
C PTR A 19 9.23 -4.05 13.00
O PTR A 19 8.68 -3.20 13.68
CB PTR A 19 7.91 -4.22 10.89
CG PTR A 19 7.71 -3.70 9.48
CD1 PTR A 19 6.69 -2.81 9.18
CD2 PTR A 19 8.56 -4.10 8.45
CE1 PTR A 19 6.51 -2.34 7.90
CE2 PTR A 19 8.39 -3.63 7.16
CZ PTR A 19 7.36 -2.74 6.90
OH PTR A 19 7.18 -2.25 5.55
P PTR A 19 6.79 -0.69 5.30
O1P PTR A 19 7.31 -0.36 3.91
O2P PTR A 19 7.50 0.09 6.39
O3P PTR A 19 5.28 -0.62 5.40
H PTR A 19 10.05 -5.63 10.54
HA PTR A 19 9.53 -2.87 11.25
HB2 PTR A 19 7.78 -5.30 10.87
HB3 PTR A 19 7.13 -3.80 11.51
HD1 PTR A 19 6.03 -2.49 9.98
HD2 PTR A 19 9.35 -4.80 8.67
HE1 PTR A 19 5.71 -1.64 7.69
HE2 PTR A 19 9.05 -3.96 6.37
N CYS A 20 9.82 -5.13 13.50
CA CYS A 20 9.84 -5.39 14.92
C CYS A 20 10.81 -4.40 15.57
N GLU A 21 11.76 -3.94 14.77
CA GLU A 21 12.75 -2.98 15.25
C GLU A 21 12.10 -1.61 15.46
N MET A 22 10.92 -1.45 14.88
CA MET A 22 10.20 -0.20 14.99
C MET A 22 8.78 -0.43 15.49
N GLY A 23 8.48 -1.69 15.77
CA GLY A 23 7.16 -2.07 16.25
C GLY A 23 6.07 -1.50 15.35
N SER A 24 6.13 -1.89 14.08
CA SER A 24 5.15 -1.42 13.11
C SER A 24 4.58 -2.62 12.34
N THR A 25 3.65 -2.31 11.45
CA THR A 25 3.01 -3.33 10.65
C THR A 25 3.12 -3.00 9.17
N PHE A 26 3.33 -4.04 8.37
CA PHE A 26 3.46 -3.86 6.93
C PHE A 26 2.14 -3.39 6.32
N GLN A 27 1.15 -4.29 6.35
CA GLN A 27 -0.15 -3.97 5.80
C GLN A 27 -0.57 -2.55 6.17
N LEU A 28 -0.10 -2.12 7.34
CA LEU A 28 -0.41 -0.79 7.82
C LEU A 28 0.27 0.25 6.92
N CYS A 29 -0.48 1.29 6.60
CA CYS A 29 0.03 2.36 5.74
C CYS A 29 1.04 3.22 6.49
N LYS A 30 2.19 3.44 5.88
CA LYS A 30 3.23 4.24 6.49
C LYS A 30 3.06 5.70 6.08
N ILE A 31 1.86 6.01 5.59
CA ILE A 31 1.56 7.36 5.15
C ILE A 31 0.95 8.14 6.31
N CYS A 32 -0.18 7.64 6.80
CA CYS A 32 -0.87 8.29 7.91
C CYS A 32 -0.69 7.42 9.16
N ALA A 33 -0.43 6.14 8.92
CA ALA A 33 -0.23 5.20 10.01
C ALA A 33 -1.50 5.15 10.87
N GLU A 34 -2.64 5.11 10.18
CA GLU A 34 -3.92 5.05 10.87
C GLU A 34 -4.75 3.89 10.34
N ASN A 35 -4.75 3.75 9.02
CA ASN A 35 -5.50 2.69 8.37
C ASN A 35 -4.54 1.79 7.59
N ASP A 36 -5.09 0.75 6.99
CA ASP A 36 -4.31 -0.19 6.22
C ASP A 36 -4.21 0.31 4.77
N LYS A 37 -3.34 -0.34 4.01
CA LYS A 37 -3.14 0.03 2.62
C LYS A 37 -4.37 -0.38 1.81
N ASP A 38 -4.62 -1.68 1.79
CA ASP A 38 -5.77 -2.22 1.07
C ASP A 38 -5.63 -1.86 -0.42
N VAL A 39 -4.39 -1.65 -0.83
CA VAL A 39 -4.11 -1.31 -2.21
C VAL A 39 -2.63 -1.59 -2.52
N LYS A 40 -2.36 -1.81 -3.80
CA LYS A 40 -1.01 -2.10 -4.23
C LYS A 40 -0.74 -1.36 -5.55
N ILE A 41 0.45 -0.78 -5.63
CA ILE A 41 0.84 -0.05 -6.82
C ILE A 41 1.71 -0.95 -7.70
N GLU A 42 1.47 -0.85 -9.00
CA GLU A 42 2.22 -1.65 -9.96
C GLU A 42 2.59 -0.79 -11.18
N PRO A 43 3.60 -1.30 -11.94
CA PRO A 43 4.26 -2.55 -11.59
C PRO A 43 5.20 -2.36 -10.40
N CYS A 44 5.39 -1.10 -10.03
CA CYS A 44 6.26 -0.75 -8.92
C CYS A 44 6.15 -1.78 -7.80
N GLY A 45 5.03 -1.76 -7.09
CA GLY A 45 4.83 -2.70 -6.00
C GLY A 45 4.73 -1.97 -4.66
N HIS A 46 4.47 -0.67 -4.74
CA HIS A 46 4.36 0.15 -3.55
C HIS A 46 2.91 0.12 -3.04
N LEU A 47 2.77 -0.18 -1.75
CA LEU A 47 1.47 -0.23 -1.14
C LEU A 47 1.15 1.10 -0.47
N MET A 48 -0.13 1.33 -0.23
CA MET A 48 -0.57 2.56 0.41
C MET A 48 -2.05 2.48 0.79
N CYS A 49 -2.50 3.51 1.49
CA CYS A 49 -3.89 3.56 1.92
C CYS A 49 -4.65 4.48 0.95
N THR A 50 -5.59 3.87 0.23
CA THR A 50 -6.39 4.61 -0.73
C THR A 50 -6.81 5.96 -0.14
N SER A 51 -7.52 5.90 0.96
CA SER A 51 -7.98 7.10 1.63
C SER A 51 -6.88 8.16 1.62
N CYS A 52 -5.65 7.69 1.78
CA CYS A 52 -4.50 8.58 1.79
C CYS A 52 -4.21 9.01 0.37
N LEU A 53 -4.04 8.02 -0.51
CA LEU A 53 -3.75 8.28 -1.90
C LEU A 53 -4.63 9.45 -2.38
N THR A 54 -5.84 9.50 -1.85
CA THR A 54 -6.78 10.54 -2.22
C THR A 54 -6.23 11.91 -1.82
N ALA A 55 -5.79 12.00 -0.57
CA ALA A 55 -5.24 13.25 -0.07
C ALA A 55 -4.10 13.71 -0.97
N TRP A 56 -3.54 12.75 -1.70
CA TRP A 56 -2.45 13.04 -2.61
C TRP A 56 -3.05 13.52 -3.93
N GLN A 57 -3.76 12.62 -4.59
CA GLN A 57 -4.39 12.94 -5.85
C GLN A 57 -5.16 14.24 -5.75
N GLU A 58 -5.50 14.60 -4.52
CA GLU A 58 -6.24 15.82 -4.27
C GLU A 58 -5.79 16.93 -5.22
N SER A 59 -4.52 17.30 -5.08
CA SER A 59 -3.95 18.35 -5.91
C SER A 59 -2.74 17.80 -6.67
N ASP A 60 -2.14 16.77 -6.09
CA ASP A 60 -0.96 16.15 -6.69
C ASP A 60 -1.41 15.14 -7.76
N GLY A 61 -1.51 13.89 -7.34
CA GLY A 61 -1.92 12.84 -8.24
C GLY A 61 -0.86 12.58 -9.31
N GLN A 62 0.37 12.97 -9.00
CA GLN A 62 1.47 12.80 -9.92
C GLN A 62 2.00 11.36 -9.85
N GLY A 63 1.11 10.42 -10.12
CA GLY A 63 1.47 9.01 -10.09
C GLY A 63 1.75 8.54 -8.66
N CYS A 64 2.46 7.43 -8.56
CA CYS A 64 2.80 6.87 -7.26
C CYS A 64 3.53 7.94 -6.46
N PRO A 65 2.94 8.30 -5.28
CA PRO A 65 3.53 9.30 -4.41
C PRO A 65 4.73 8.73 -3.67
N PHE A 66 5.03 7.47 -3.95
CA PHE A 66 6.15 6.81 -3.31
C PHE A 66 7.41 6.90 -4.18
N CYS A 67 7.20 6.81 -5.48
CA CYS A 67 8.30 6.89 -6.42
C CYS A 67 8.02 8.03 -7.40
N ARG A 68 7.05 8.85 -7.04
CA ARG A 68 6.66 9.97 -7.87
C ARG A 68 6.72 9.60 -9.35
N CYS A 69 6.27 8.38 -9.63
CA CYS A 69 6.27 7.88 -10.99
C CYS A 69 4.86 7.40 -11.33
N GLU A 70 4.44 7.70 -12.55
CA GLU A 70 3.12 7.30 -13.01
C GLU A 70 2.82 5.85 -12.61
N ILE A 71 1.54 5.56 -12.49
CA ILE A 71 1.11 4.22 -12.11
C ILE A 71 0.44 3.55 -13.31
N LYS A 72 0.43 2.22 -13.28
CA LYS A 72 -0.17 1.46 -14.35
C LYS A 72 -1.12 0.42 -13.76
N GLY A 73 -0.63 -0.27 -12.74
CA GLY A 73 -1.43 -1.28 -12.08
C GLY A 73 -1.90 -0.81 -10.69
N THR A 74 -3.21 -0.90 -10.48
CA THR A 74 -3.79 -0.48 -9.22
C THR A 74 -5.14 -1.17 -9.00
N GLU A 75 -5.28 -1.78 -7.83
CA GLU A 75 -6.49 -2.47 -7.48
C GLU A 75 -6.60 -2.64 -5.97
N PRO A 76 -7.83 -3.01 -5.52
CA PRO A 76 -8.08 -3.20 -4.09
C PRO A 76 -7.46 -4.52 -3.61
N ILE A 77 -6.31 -4.40 -2.95
CA ILE A 77 -5.63 -5.57 -2.44
C ILE A 77 -5.83 -5.65 -0.93
N ILE A 78 -5.42 -6.78 -0.36
CA ILE A 78 -5.56 -7.01 1.06
C ILE A 78 -4.28 -7.65 1.60
N VAL A 79 -3.52 -6.86 2.34
CA VAL A 79 -2.28 -7.34 2.92
C VAL A 79 -2.58 -8.18 4.15
N ASP A 80 -1.74 -9.18 4.38
CA ASP A 80 -1.91 -10.06 5.52
C ASP A 80 -0.59 -10.17 6.28
N PRO A 81 -0.70 -10.25 7.64
CA PRO A 81 0.47 -10.35 8.48
C PRO A 81 1.07 -11.77 8.41
N PHE A 82 2.22 -11.91 9.05
CA PHE A 82 2.90 -13.19 9.07
C PHE A 82 2.19 -14.18 10.00
ZN ZN B . -2.07 6.79 5.52
ZN ZN C . 5.59 3.34 -5.88
N GLY A 1 -14.84 -14.58 3.98
CA GLY A 1 -15.69 -14.03 2.93
C GLY A 1 -15.07 -12.77 2.32
N PRO A 2 -13.97 -12.99 1.55
CA PRO A 2 -13.28 -11.88 0.91
C PRO A 2 -14.07 -11.37 -0.29
N HIS A 3 -13.52 -10.34 -0.93
CA HIS A 3 -14.16 -9.75 -2.09
C HIS A 3 -13.51 -10.30 -3.37
N MET A 4 -14.05 -9.88 -4.50
CA MET A 4 -13.54 -10.32 -5.78
C MET A 4 -13.14 -9.13 -6.66
N GLY A 5 -12.04 -9.30 -7.36
CA GLY A 5 -11.53 -8.25 -8.23
C GLY A 5 -10.29 -7.59 -7.65
N SER A 6 -9.96 -8.00 -6.43
CA SER A 6 -8.80 -7.46 -5.74
C SER A 6 -7.74 -8.55 -5.57
N ASP A 7 -6.48 -8.15 -5.67
CA ASP A 7 -5.38 -9.07 -5.53
C ASP A 7 -5.12 -9.33 -4.05
N HIS A 8 -4.30 -10.33 -3.79
CA HIS A 8 -3.96 -10.70 -2.42
C HIS A 8 -2.45 -10.88 -2.30
N ILE A 9 -1.91 -10.33 -1.22
CA ILE A 9 -0.48 -10.43 -0.97
C ILE A 9 -0.24 -11.28 0.28
N LYS A 10 0.93 -11.90 0.32
CA LYS A 10 1.29 -12.74 1.45
C LYS A 10 2.47 -12.12 2.19
N VAL A 11 2.37 -12.12 3.51
CA VAL A 11 3.42 -11.56 4.35
C VAL A 11 4.32 -12.68 4.86
N THR A 12 5.49 -12.30 5.34
CA THR A 12 6.44 -13.25 5.87
C THR A 12 6.85 -12.88 7.29
N GLN A 13 7.71 -13.70 7.86
CA GLN A 13 8.19 -13.48 9.22
C GLN A 13 9.21 -12.33 9.23
N GLU A 14 10.02 -12.29 8.19
CA GLU A 14 11.04 -11.26 8.07
C GLU A 14 10.39 -9.88 8.02
N GLN A 15 9.19 -9.84 7.46
CA GLN A 15 8.46 -8.59 7.35
C GLN A 15 7.91 -8.18 8.71
N TYR A 16 6.96 -8.98 9.20
CA TYR A 16 6.35 -8.70 10.49
C TYR A 16 7.40 -8.39 11.55
N GLU A 17 8.54 -9.05 11.43
CA GLU A 17 9.63 -8.86 12.36
C GLU A 17 10.31 -7.51 12.11
N LEU A 18 10.79 -7.35 10.88
CA LEU A 18 11.46 -6.12 10.50
C LEU A 18 10.57 -4.92 10.87
N PTR A 19 9.27 -5.14 10.81
CA PTR A 19 8.29 -4.11 11.13
C PTR A 19 8.02 -4.08 12.63
O PTR A 19 7.56 -3.06 13.14
CB PTR A 19 6.99 -4.34 10.37
CG PTR A 19 7.07 -3.99 8.90
CD1 PTR A 19 8.09 -4.50 8.10
CD2 PTR A 19 6.15 -3.14 8.32
CE1 PTR A 19 8.18 -4.18 6.76
CE2 PTR A 19 6.22 -2.82 6.97
CZ PTR A 19 7.24 -3.34 6.20
OH PTR A 19 7.32 -3.01 4.80
P PTR A 19 6.66 -1.62 4.25
O1P PTR A 19 7.55 -1.18 3.09
O2P PTR A 19 6.71 -0.65 5.42
O3P PTR A 19 5.25 -1.96 3.83
H PTR A 19 8.95 -6.03 10.53
HA PTR A 19 8.72 -3.16 10.84
HB2 PTR A 19 6.72 -5.39 10.44
HB3 PTR A 19 6.20 -3.74 10.81
HD1 PTR A 19 8.82 -5.16 8.55
HD2 PTR A 19 5.35 -2.73 8.92
HE1 PTR A 19 8.97 -4.59 6.16
HE2 PTR A 19 5.49 -2.16 6.53
N CYS A 20 8.30 -5.19 13.30
CA CYS A 20 8.08 -5.28 14.74
C CYS A 20 9.04 -4.31 15.43
N GLU A 21 10.14 -4.03 14.74
CA GLU A 21 11.15 -3.12 15.28
C GLU A 21 10.67 -1.67 15.18
N MET A 22 9.50 -1.51 14.58
CA MET A 22 8.93 -0.19 14.42
C MET A 22 7.67 -0.02 15.27
N GLY A 23 6.95 -1.12 15.42
CA GLY A 23 5.72 -1.12 16.20
C GLY A 23 4.49 -1.00 15.31
N SER A 24 4.71 -1.23 14.02
CA SER A 24 3.63 -1.16 13.05
C SER A 24 3.49 -2.50 12.33
N THR A 25 2.58 -2.52 11.37
CA THR A 25 2.34 -3.74 10.59
C THR A 25 2.70 -3.51 9.13
N PHE A 26 2.88 -4.62 8.43
CA PHE A 26 3.23 -4.56 7.02
C PHE A 26 2.10 -3.93 6.19
N GLN A 27 1.00 -4.66 6.10
CA GLN A 27 -0.15 -4.19 5.36
C GLN A 27 -0.46 -2.73 5.72
N LEU A 28 -0.21 -2.41 6.99
CA LEU A 28 -0.46 -1.07 7.47
C LEU A 28 0.40 -0.07 6.68
N CYS A 29 -0.19 1.08 6.39
CA CYS A 29 0.50 2.13 5.64
C CYS A 29 1.56 2.79 6.50
N LYS A 30 2.51 3.45 5.85
CA LYS A 30 3.58 4.13 6.56
C LYS A 30 3.51 5.63 6.29
N ILE A 31 2.30 6.08 6.02
CA ILE A 31 2.08 7.50 5.74
C ILE A 31 1.26 8.11 6.87
N CYS A 32 0.07 7.56 7.07
CA CYS A 32 -0.82 8.05 8.12
C CYS A 32 -0.80 7.05 9.27
N ALA A 33 -0.27 5.86 8.98
CA ALA A 33 -0.20 4.81 9.98
C ALA A 33 -1.57 4.61 10.61
N GLU A 34 -2.58 4.57 9.75
CA GLU A 34 -3.94 4.38 10.21
C GLU A 34 -4.64 3.28 9.40
N ASN A 35 -4.75 3.54 8.10
CA ASN A 35 -5.39 2.60 7.20
C ASN A 35 -4.31 1.72 6.55
N ASP A 36 -4.76 0.61 6.00
CA ASP A 36 -3.85 -0.32 5.34
C ASP A 36 -3.64 0.13 3.89
N LYS A 37 -2.65 -0.48 3.25
CA LYS A 37 -2.33 -0.16 1.87
C LYS A 37 -3.44 -0.69 0.96
N ASP A 38 -3.62 -2.00 1.00
CA ASP A 38 -4.65 -2.63 0.19
C ASP A 38 -4.55 -2.10 -1.24
N VAL A 39 -3.37 -1.64 -1.60
CA VAL A 39 -3.13 -1.11 -2.93
C VAL A 39 -1.67 -1.33 -3.32
N LYS A 40 -1.39 -1.08 -4.59
CA LYS A 40 -0.03 -1.25 -5.09
C LYS A 40 0.16 -0.34 -6.32
N ILE A 41 1.39 0.14 -6.46
CA ILE A 41 1.72 1.02 -7.58
C ILE A 41 2.61 0.26 -8.56
N GLU A 42 2.29 0.40 -9.83
CA GLU A 42 3.05 -0.26 -10.88
C GLU A 42 3.27 0.69 -12.07
N PRO A 43 4.27 0.34 -12.91
CA PRO A 43 5.07 -0.85 -12.66
C PRO A 43 6.05 -0.64 -11.51
N CYS A 44 6.10 0.61 -11.03
CA CYS A 44 6.98 0.97 -9.93
C CYS A 44 7.07 -0.15 -8.91
N GLY A 45 6.04 -0.25 -8.07
CA GLY A 45 6.02 -1.29 -7.04
C GLY A 45 5.97 -0.67 -5.65
N HIS A 46 5.23 0.43 -5.55
CA HIS A 46 5.09 1.13 -4.28
C HIS A 46 3.67 0.92 -3.74
N LEU A 47 3.60 0.52 -2.48
CA LEU A 47 2.32 0.28 -1.85
C LEU A 47 1.94 1.50 -1.00
N MET A 48 0.65 1.61 -0.70
CA MET A 48 0.16 2.71 0.10
C MET A 48 -1.34 2.58 0.35
N CYS A 49 -1.84 3.44 1.22
CA CYS A 49 -3.25 3.43 1.56
C CYS A 49 -3.99 4.36 0.59
N THR A 50 -4.85 3.76 -0.22
CA THR A 50 -5.61 4.52 -1.19
C THR A 50 -6.22 5.76 -0.53
N SER A 51 -6.98 5.52 0.53
CA SER A 51 -7.63 6.61 1.25
C SER A 51 -6.63 7.73 1.49
N CYS A 52 -5.36 7.35 1.59
CA CYS A 52 -4.31 8.33 1.83
C CYS A 52 -3.86 8.88 0.47
N LEU A 53 -3.82 7.99 -0.52
CA LEU A 53 -3.41 8.37 -1.85
C LEU A 53 -4.27 9.56 -2.32
N THR A 54 -5.57 9.43 -2.12
CA THR A 54 -6.50 10.48 -2.52
C THR A 54 -6.08 11.81 -1.91
N ALA A 55 -5.55 11.74 -0.69
CA ALA A 55 -5.11 12.93 0.01
C ALA A 55 -3.97 13.58 -0.77
N TRP A 56 -3.26 12.76 -1.53
CA TRP A 56 -2.16 13.25 -2.33
C TRP A 56 -2.72 13.86 -3.61
N GLN A 57 -3.55 13.07 -4.29
CA GLN A 57 -4.16 13.52 -5.53
C GLN A 57 -5.05 14.74 -5.27
N GLU A 58 -5.26 15.01 -3.99
CA GLU A 58 -6.09 16.14 -3.58
C GLU A 58 -5.86 17.32 -4.53
N SER A 59 -4.64 17.82 -4.52
CA SER A 59 -4.28 18.94 -5.37
C SER A 59 -3.10 18.57 -6.27
N ASP A 60 -2.33 17.60 -5.80
CA ASP A 60 -1.17 17.14 -6.55
C ASP A 60 -1.62 16.15 -7.62
N GLY A 61 -1.63 14.89 -7.24
CA GLY A 61 -2.04 13.83 -8.16
C GLY A 61 -1.01 13.65 -9.28
N GLN A 62 0.25 13.89 -8.92
CA GLN A 62 1.33 13.75 -9.89
C GLN A 62 1.90 12.33 -9.85
N GLY A 63 1.06 11.38 -10.23
CA GLY A 63 1.46 9.99 -10.24
C GLY A 63 1.73 9.48 -8.82
N CYS A 64 2.55 8.43 -8.74
CA CYS A 64 2.89 7.84 -7.46
C CYS A 64 3.51 8.94 -6.59
N PRO A 65 2.95 9.09 -5.36
CA PRO A 65 3.44 10.08 -4.43
C PRO A 65 4.76 9.64 -3.80
N PHE A 66 5.21 8.47 -4.21
CA PHE A 66 6.45 7.92 -3.70
C PHE A 66 7.63 8.28 -4.60
N CYS A 67 7.37 8.24 -5.90
CA CYS A 67 8.39 8.56 -6.88
C CYS A 67 7.90 9.75 -7.71
N ARG A 68 6.85 10.38 -7.22
CA ARG A 68 6.28 11.53 -7.90
C ARG A 68 6.31 11.32 -9.42
N CYS A 69 6.19 10.06 -9.81
CA CYS A 69 6.22 9.71 -11.22
C CYS A 69 4.84 9.15 -11.60
N GLU A 70 4.48 9.34 -12.86
CA GLU A 70 3.21 8.86 -13.35
C GLU A 70 3.07 7.36 -13.10
N ILE A 71 1.83 6.94 -12.89
CA ILE A 71 1.54 5.54 -12.64
C ILE A 71 0.88 4.92 -13.87
N LYS A 72 1.00 3.61 -13.97
CA LYS A 72 0.42 2.88 -15.09
C LYS A 72 -0.48 1.76 -14.55
N GLY A 73 0.07 1.03 -13.59
CA GLY A 73 -0.67 -0.08 -12.99
C GLY A 73 -1.14 0.27 -11.57
N THR A 74 -2.43 0.11 -11.35
CA THR A 74 -3.01 0.41 -10.05
C THR A 74 -4.32 -0.35 -9.86
N GLU A 75 -4.32 -1.23 -8.85
CA GLU A 75 -5.50 -2.02 -8.56
C GLU A 75 -5.65 -2.21 -7.05
N PRO A 76 -6.93 -2.35 -6.61
CA PRO A 76 -7.23 -2.53 -5.21
C PRO A 76 -6.88 -3.95 -4.75
N ILE A 77 -5.74 -4.05 -4.07
CA ILE A 77 -5.28 -5.34 -3.58
C ILE A 77 -5.53 -5.42 -2.07
N ILE A 78 -5.31 -6.62 -1.53
CA ILE A 78 -5.51 -6.84 -0.11
C ILE A 78 -4.28 -7.54 0.47
N VAL A 79 -3.61 -6.83 1.37
CA VAL A 79 -2.41 -7.36 2.00
C VAL A 79 -2.82 -8.22 3.20
N ASP A 80 -2.10 -9.30 3.38
CA ASP A 80 -2.37 -10.21 4.48
C ASP A 80 -1.08 -10.48 5.25
N PRO A 81 -1.22 -10.60 6.60
CA PRO A 81 -0.07 -10.86 7.46
C PRO A 81 0.39 -12.31 7.34
N PHE A 82 1.49 -12.61 8.00
CA PHE A 82 2.04 -13.95 7.99
C PHE A 82 1.38 -14.83 9.05
ZN ZN B . -1.90 6.59 5.41
ZN ZN C . 6.02 4.77 -6.60
N GLY A 1 -20.98 -14.25 -1.24
CA GLY A 1 -20.66 -12.84 -1.37
C GLY A 1 -19.22 -12.64 -1.88
N PRO A 2 -19.10 -12.51 -3.23
CA PRO A 2 -17.80 -12.32 -3.85
C PRO A 2 -17.29 -10.90 -3.63
N HIS A 3 -16.09 -10.64 -4.14
CA HIS A 3 -15.49 -9.33 -3.99
C HIS A 3 -14.81 -8.94 -5.31
N MET A 4 -14.84 -7.64 -5.58
CA MET A 4 -14.24 -7.13 -6.81
C MET A 4 -12.85 -7.74 -7.04
N GLY A 5 -12.35 -7.54 -8.25
CA GLY A 5 -11.05 -8.06 -8.61
C GLY A 5 -9.95 -7.52 -7.69
N SER A 6 -9.45 -8.40 -6.83
CA SER A 6 -8.41 -8.02 -5.90
C SER A 6 -7.42 -9.18 -5.73
N ASP A 7 -6.15 -8.80 -5.58
CA ASP A 7 -5.10 -9.80 -5.41
C ASP A 7 -4.86 -10.02 -3.91
N HIS A 8 -3.90 -10.89 -3.63
CA HIS A 8 -3.56 -11.20 -2.25
C HIS A 8 -2.04 -11.31 -2.11
N ILE A 9 -1.56 -10.89 -0.94
CA ILE A 9 -0.13 -10.94 -0.68
C ILE A 9 0.11 -11.54 0.71
N LYS A 10 1.16 -12.32 0.81
CA LYS A 10 1.50 -12.96 2.08
C LYS A 10 2.75 -12.28 2.67
N VAL A 11 2.79 -12.26 3.99
CA VAL A 11 3.91 -11.65 4.69
C VAL A 11 4.70 -12.73 5.43
N THR A 12 5.91 -12.37 5.83
CA THR A 12 6.77 -13.30 6.55
C THR A 12 7.21 -12.70 7.88
N GLN A 13 7.86 -13.53 8.68
CA GLN A 13 8.34 -13.10 9.99
C GLN A 13 9.43 -12.04 9.82
N GLU A 14 10.24 -12.22 8.79
CA GLU A 14 11.33 -11.30 8.51
C GLU A 14 10.79 -9.88 8.37
N GLN A 15 9.72 -9.75 7.59
CA GLN A 15 9.11 -8.45 7.36
C GLN A 15 8.64 -7.86 8.69
N TYR A 16 7.76 -8.60 9.35
CA TYR A 16 7.22 -8.14 10.63
C TYR A 16 8.35 -7.83 11.61
N GLU A 17 9.43 -8.59 11.49
CA GLU A 17 10.58 -8.41 12.36
C GLU A 17 11.14 -6.99 12.20
N LEU A 18 11.32 -6.60 10.95
CA LEU A 18 11.85 -5.28 10.64
C LEU A 18 10.80 -4.22 10.99
N PTR A 19 9.57 -4.50 10.59
CA PTR A 19 8.46 -3.59 10.84
C PTR A 19 8.10 -3.57 12.32
O PTR A 19 7.37 -2.68 12.75
CB PTR A 19 7.24 -4.00 10.02
CG PTR A 19 7.35 -3.66 8.55
CD1 PTR A 19 8.47 -4.05 7.82
CD2 PTR A 19 6.35 -2.97 7.90
CE1 PTR A 19 8.59 -3.75 6.47
CE2 PTR A 19 6.46 -2.65 6.55
CZ PTR A 19 7.58 -3.05 5.85
OH PTR A 19 7.69 -2.73 4.44
P PTR A 19 7.45 -1.20 3.93
O1P PTR A 19 8.35 -1.03 2.71
O2P PTR A 19 7.86 -0.31 5.10
O3P PTR A 19 5.98 -1.10 3.59
H PTR A 19 9.40 -5.34 10.11
HA PTR A 19 8.77 -2.60 10.54
HB2 PTR A 19 7.09 -5.07 10.11
HB3 PTR A 19 6.36 -3.50 10.41
HD1 PTR A 19 9.26 -4.60 8.31
HD2 PTR A 19 5.47 -2.66 8.44
HE1 PTR A 19 9.46 -4.06 5.92
HE2 PTR A 19 5.66 -2.11 6.06
N CYS A 20 8.62 -4.54 13.07
CA CYS A 20 8.35 -4.61 14.49
C CYS A 20 9.34 -3.70 15.22
N GLU A 21 10.44 -3.41 14.54
CA GLU A 21 11.46 -2.56 15.12
C GLU A 21 11.04 -1.10 15.02
N MET A 22 9.91 -0.88 14.37
CA MET A 22 9.38 0.47 14.21
C MET A 22 8.03 0.62 14.92
N GLY A 23 7.29 -0.46 14.96
CA GLY A 23 5.99 -0.47 15.60
C GLY A 23 4.87 -0.27 14.58
N SER A 24 5.03 -0.93 13.44
CA SER A 24 4.04 -0.84 12.37
C SER A 24 3.95 -2.18 11.64
N THR A 25 2.95 -2.26 10.76
CA THR A 25 2.73 -3.48 10.00
C THR A 25 2.97 -3.22 8.51
N PHE A 26 3.15 -4.30 7.77
CA PHE A 26 3.38 -4.20 6.34
C PHE A 26 2.15 -3.67 5.62
N GLN A 27 1.10 -4.48 5.60
CA GLN A 27 -0.14 -4.11 4.96
C GLN A 27 -0.53 -2.67 5.35
N LEU A 28 -0.08 -2.28 6.53
CA LEU A 28 -0.37 -0.94 7.02
C LEU A 28 0.42 0.09 6.21
N CYS A 29 -0.27 1.16 5.84
CA CYS A 29 0.35 2.23 5.06
C CYS A 29 1.41 2.96 5.88
N LYS A 30 2.56 3.20 5.27
CA LYS A 30 3.64 3.89 5.95
C LYS A 30 3.54 5.39 5.67
N ILE A 31 2.31 5.86 5.56
CA ILE A 31 2.07 7.27 5.30
C ILE A 31 1.41 7.91 6.52
N CYS A 32 0.25 7.38 6.87
CA CYS A 32 -0.49 7.89 8.01
C CYS A 32 -0.42 6.85 9.13
N ALA A 33 -0.09 5.63 8.74
CA ALA A 33 0.00 4.53 9.69
C ALA A 33 -1.29 4.45 10.50
N GLU A 34 -2.40 4.39 9.78
CA GLU A 34 -3.71 4.31 10.42
C GLU A 34 -4.57 3.24 9.73
N ASN A 35 -4.62 3.34 8.42
CA ASN A 35 -5.41 2.40 7.63
C ASN A 35 -4.47 1.52 6.81
N ASP A 36 -5.03 0.44 6.29
CA ASP A 36 -4.25 -0.50 5.48
C ASP A 36 -4.11 0.07 4.06
N LYS A 37 -3.15 -0.50 3.34
CA LYS A 37 -2.92 -0.06 1.97
C LYS A 37 -4.07 -0.52 1.08
N ASP A 38 -4.23 -1.83 0.99
CA ASP A 38 -5.30 -2.41 0.19
C ASP A 38 -5.11 -1.98 -1.27
N VAL A 39 -3.87 -1.65 -1.59
CA VAL A 39 -3.55 -1.22 -2.94
C VAL A 39 -2.07 -1.53 -3.24
N LYS A 40 -1.68 -1.27 -4.47
CA LYS A 40 -0.31 -1.51 -4.89
C LYS A 40 0.01 -0.64 -6.11
N ILE A 41 1.30 -0.36 -6.27
CA ILE A 41 1.75 0.46 -7.38
C ILE A 41 2.77 -0.34 -8.21
N GLU A 42 2.69 -0.15 -9.52
CA GLU A 42 3.59 -0.83 -10.43
C GLU A 42 4.10 0.13 -11.50
N PRO A 43 5.20 -0.29 -12.18
CA PRO A 43 5.83 -1.57 -11.87
C PRO A 43 6.61 -1.48 -10.56
N CYS A 44 6.82 -0.25 -10.10
CA CYS A 44 7.55 0.00 -8.86
C CYS A 44 7.25 -1.09 -7.83
N GLY A 45 6.05 -1.06 -7.29
CA GLY A 45 5.66 -2.04 -6.29
C GLY A 45 5.35 -1.37 -4.95
N HIS A 46 5.16 -0.06 -5.00
CA HIS A 46 4.87 0.70 -3.81
C HIS A 46 3.43 0.42 -3.37
N LEU A 47 3.24 0.42 -2.06
CA LEU A 47 1.92 0.17 -1.50
C LEU A 47 1.46 1.41 -0.71
N MET A 48 0.16 1.52 -0.57
CA MET A 48 -0.42 2.64 0.15
C MET A 48 -1.93 2.47 0.32
N CYS A 49 -2.52 3.40 1.07
CA CYS A 49 -3.95 3.36 1.31
C CYS A 49 -4.64 4.20 0.24
N THR A 50 -5.75 3.66 -0.28
CA THR A 50 -6.50 4.35 -1.30
C THR A 50 -7.12 5.64 -0.74
N SER A 51 -7.43 5.60 0.54
CA SER A 51 -8.01 6.76 1.21
C SER A 51 -6.94 7.84 1.38
N CYS A 52 -5.89 7.47 2.09
CA CYS A 52 -4.80 8.41 2.35
C CYS A 52 -4.29 8.93 1.00
N LEU A 53 -4.17 8.03 0.05
CA LEU A 53 -3.70 8.38 -1.27
C LEU A 53 -4.42 9.66 -1.74
N THR A 54 -5.71 9.68 -1.50
CA THR A 54 -6.52 10.83 -1.88
C THR A 54 -5.94 12.12 -1.28
N ALA A 55 -5.46 11.99 -0.05
CA ALA A 55 -4.88 13.13 0.64
C ALA A 55 -3.76 13.72 -0.21
N TRP A 56 -3.17 12.86 -1.04
CA TRP A 56 -2.10 13.30 -1.91
C TRP A 56 -2.72 13.89 -3.17
N GLN A 57 -3.46 13.04 -3.88
CA GLN A 57 -4.10 13.47 -5.11
C GLN A 57 -5.01 14.68 -4.84
N GLU A 58 -5.25 14.92 -3.56
CA GLU A 58 -6.09 16.05 -3.17
C GLU A 58 -5.84 17.24 -4.08
N SER A 59 -4.62 17.74 -4.04
CA SER A 59 -4.25 18.88 -4.87
C SER A 59 -3.08 18.51 -5.78
N ASP A 60 -2.32 17.51 -5.35
CA ASP A 60 -1.18 17.05 -6.12
C ASP A 60 -1.66 16.07 -7.20
N GLY A 61 -1.61 14.79 -6.86
CA GLY A 61 -2.03 13.76 -7.79
C GLY A 61 -1.01 13.58 -8.92
N GLN A 62 0.24 13.86 -8.59
CA GLN A 62 1.32 13.74 -9.56
C GLN A 62 1.88 12.31 -9.56
N GLY A 63 1.04 11.38 -9.98
CA GLY A 63 1.43 9.98 -10.03
C GLY A 63 1.62 9.42 -8.62
N CYS A 64 2.36 8.32 -8.56
CA CYS A 64 2.63 7.67 -7.29
C CYS A 64 3.35 8.67 -6.38
N PRO A 65 2.84 8.78 -5.12
CA PRO A 65 3.43 9.69 -4.15
C PRO A 65 4.74 9.13 -3.60
N PHE A 66 5.10 7.96 -4.10
CA PHE A 66 6.33 7.30 -3.68
C PHE A 66 7.48 7.62 -4.63
N CYS A 67 7.16 7.57 -5.92
CA CYS A 67 8.16 7.84 -6.95
C CYS A 67 7.78 9.15 -7.64
N ARG A 68 6.80 9.82 -7.06
CA ARG A 68 6.33 11.09 -7.62
C ARG A 68 6.32 11.02 -9.14
N CYS A 69 6.10 9.82 -9.66
CA CYS A 69 6.05 9.61 -11.09
C CYS A 69 4.75 8.90 -11.44
N GLU A 70 4.22 9.24 -12.60
CA GLU A 70 2.98 8.63 -13.06
C GLU A 70 2.98 7.13 -12.77
N ILE A 71 1.78 6.60 -12.60
CA ILE A 71 1.63 5.17 -12.31
C ILE A 71 1.27 4.44 -13.60
N LYS A 72 1.71 3.20 -13.68
CA LYS A 72 1.44 2.37 -14.85
C LYS A 72 0.50 1.23 -14.46
N GLY A 73 0.84 0.57 -13.37
CA GLY A 73 0.03 -0.54 -12.88
C GLY A 73 -0.55 -0.23 -11.51
N THR A 74 -1.86 -0.42 -11.40
CA THR A 74 -2.55 -0.16 -10.15
C THR A 74 -3.80 -1.04 -10.04
N GLU A 75 -4.01 -1.56 -8.84
CA GLU A 75 -5.17 -2.41 -8.59
C GLU A 75 -5.36 -2.61 -7.09
N PRO A 76 -6.65 -2.82 -6.70
CA PRO A 76 -6.99 -3.04 -5.30
C PRO A 76 -6.58 -4.44 -4.85
N ILE A 77 -5.46 -4.50 -4.16
CA ILE A 77 -4.95 -5.76 -3.66
C ILE A 77 -5.19 -5.85 -2.15
N ILE A 78 -5.21 -7.08 -1.66
CA ILE A 78 -5.43 -7.31 -0.24
C ILE A 78 -4.17 -7.93 0.38
N VAL A 79 -3.45 -7.11 1.12
CA VAL A 79 -2.24 -7.57 1.76
C VAL A 79 -2.59 -8.43 2.97
N ASP A 80 -1.74 -9.42 3.22
CA ASP A 80 -1.95 -10.32 4.34
C ASP A 80 -0.68 -10.40 5.18
N PRO A 81 -0.87 -10.30 6.53
CA PRO A 81 0.25 -10.35 7.45
C PRO A 81 0.76 -11.78 7.59
N PHE A 82 1.91 -11.90 8.25
CA PHE A 82 2.52 -13.20 8.46
C PHE A 82 1.57 -14.13 9.22
ZN ZN B . -2.08 6.66 4.62
ZN ZN C . 5.07 4.20 -7.25
N GLY A 1 -15.98 -1.89 0.71
CA GLY A 1 -14.79 -2.66 0.36
C GLY A 1 -15.16 -4.11 0.05
N PRO A 2 -15.43 -4.37 -1.27
CA PRO A 2 -15.79 -5.70 -1.70
C PRO A 2 -14.57 -6.63 -1.73
N HIS A 3 -14.82 -7.88 -2.09
CA HIS A 3 -13.75 -8.86 -2.18
C HIS A 3 -13.74 -9.50 -3.56
N MET A 4 -13.36 -8.70 -4.54
CA MET A 4 -13.30 -9.18 -5.91
C MET A 4 -12.22 -8.45 -6.71
N GLY A 5 -11.77 -9.09 -7.78
CA GLY A 5 -10.74 -8.51 -8.62
C GLY A 5 -9.62 -7.88 -7.78
N SER A 6 -9.10 -8.68 -6.85
CA SER A 6 -8.04 -8.21 -5.98
C SER A 6 -7.05 -9.34 -5.70
N ASP A 7 -5.78 -8.97 -5.60
CA ASP A 7 -4.74 -9.94 -5.34
C ASP A 7 -4.65 -10.21 -3.83
N HIS A 8 -3.75 -11.11 -3.47
CA HIS A 8 -3.57 -11.47 -2.08
C HIS A 8 -2.08 -11.69 -1.80
N ILE A 9 -1.63 -11.11 -0.69
CA ILE A 9 -0.24 -11.24 -0.30
C ILE A 9 -0.16 -11.81 1.12
N LYS A 10 0.99 -12.38 1.44
CA LYS A 10 1.21 -12.96 2.75
C LYS A 10 2.44 -12.33 3.40
N VAL A 11 2.42 -12.28 4.72
CA VAL A 11 3.53 -11.70 5.46
C VAL A 11 4.29 -12.81 6.18
N THR A 12 5.59 -12.60 6.31
CA THR A 12 6.44 -13.58 6.96
C THR A 12 7.10 -12.96 8.21
N GLN A 13 8.00 -13.72 8.81
CA GLN A 13 8.69 -13.27 9.99
C GLN A 13 9.80 -12.27 9.61
N GLU A 14 10.40 -12.53 8.46
CA GLU A 14 11.47 -11.67 7.97
C GLU A 14 10.95 -10.24 7.77
N GLN A 15 9.67 -10.14 7.43
CA GLN A 15 9.05 -8.85 7.21
C GLN A 15 8.74 -8.19 8.55
N TYR A 16 7.86 -8.83 9.30
CA TYR A 16 7.46 -8.31 10.60
C TYR A 16 8.66 -7.70 11.33
N GLU A 17 9.78 -8.41 11.26
CA GLU A 17 10.99 -7.95 11.91
C GLU A 17 11.43 -6.60 11.33
N LEU A 18 11.56 -6.58 10.01
CA LEU A 18 11.97 -5.36 9.33
C LEU A 18 11.02 -4.22 9.69
N PTR A 19 9.73 -4.48 9.48
CA PTR A 19 8.70 -3.49 9.78
C PTR A 19 8.63 -3.22 11.28
O PTR A 19 8.10 -2.19 11.68
CB PTR A 19 7.35 -3.98 9.27
CG PTR A 19 7.15 -3.78 7.79
CD1 PTR A 19 6.00 -3.19 7.29
CD2 PTR A 19 8.12 -4.18 6.88
CE1 PTR A 19 5.81 -3.02 5.93
CE2 PTR A 19 7.95 -4.00 5.52
CZ PTR A 19 6.79 -3.42 5.05
OH PTR A 19 6.61 -3.23 3.63
P PTR A 19 7.29 -1.96 2.88
O1P PTR A 19 8.42 -2.54 2.04
O2P PTR A 19 7.79 -1.04 3.97
O3P PTR A 19 6.19 -1.34 2.04
H PTR A 19 9.47 -5.35 9.11
HA PTR A 19 8.96 -2.58 9.28
HB2 PTR A 19 7.24 -5.03 9.49
HB3 PTR A 19 6.56 -3.44 9.78
HD1 PTR A 19 5.22 -2.88 7.98
HD2 PTR A 19 9.03 -4.64 7.25
HE1 PTR A 19 4.90 -2.55 5.57
HE2 PTR A 19 8.72 -4.32 4.84
N CYS A 20 9.16 -4.15 12.07
CA CYS A 20 9.15 -4.00 13.51
C CYS A 20 9.92 -2.73 13.88
N GLU A 21 11.09 -2.60 13.28
CA GLU A 21 11.93 -1.44 13.52
C GLU A 21 11.11 -0.16 13.41
N MET A 22 10.64 0.11 12.21
CA MET A 22 9.84 1.29 11.95
C MET A 22 8.63 1.35 12.89
N GLY A 23 8.11 0.18 13.19
CA GLY A 23 6.95 0.07 14.08
C GLY A 23 5.65 0.16 13.28
N SER A 24 5.58 -0.66 12.24
CA SER A 24 4.40 -0.69 11.39
C SER A 24 4.16 -2.12 10.88
N THR A 25 3.09 -2.26 10.10
CA THR A 25 2.74 -3.55 9.55
C THR A 25 2.78 -3.51 8.02
N PHE A 26 2.86 -4.69 7.43
CA PHE A 26 2.91 -4.80 5.97
C PHE A 26 1.66 -4.19 5.35
N GLN A 27 0.52 -4.80 5.63
CA GLN A 27 -0.74 -4.32 5.10
C GLN A 27 -1.01 -2.90 5.57
N LEU A 28 -0.49 -2.58 6.74
CA LEU A 28 -0.66 -1.25 7.31
C LEU A 28 -0.04 -0.21 6.38
N CYS A 29 -0.78 0.86 6.17
CA CYS A 29 -0.33 1.95 5.30
C CYS A 29 0.70 2.83 6.01
N LYS A 30 1.76 3.17 5.30
CA LYS A 30 2.81 4.01 5.88
C LYS A 30 2.51 5.48 5.56
N ILE A 31 1.24 5.76 5.37
CA ILE A 31 0.81 7.11 5.05
C ILE A 31 0.11 7.71 6.28
N CYS A 32 -0.94 7.02 6.72
CA CYS A 32 -1.70 7.47 7.86
C CYS A 32 -1.40 6.54 9.04
N ALA A 33 -0.93 5.35 8.70
CA ALA A 33 -0.60 4.36 9.72
C ALA A 33 -1.84 4.08 10.58
N GLU A 34 -2.98 4.06 9.91
CA GLU A 34 -4.23 3.80 10.59
C GLU A 34 -5.02 2.69 9.88
N ASN A 35 -5.05 2.80 8.56
CA ASN A 35 -5.75 1.82 7.75
C ASN A 35 -4.73 0.96 6.99
N ASP A 36 -5.25 0.13 6.11
CA ASP A 36 -4.40 -0.76 5.33
C ASP A 36 -4.15 -0.12 3.96
N LYS A 37 -3.30 -0.79 3.18
CA LYS A 37 -2.97 -0.31 1.85
C LYS A 37 -4.11 -0.65 0.88
N ASP A 38 -4.50 -1.92 0.90
CA ASP A 38 -5.57 -2.38 0.04
C ASP A 38 -5.32 -1.88 -1.38
N VAL A 39 -4.05 -1.65 -1.68
CA VAL A 39 -3.67 -1.17 -3.00
C VAL A 39 -2.22 -1.56 -3.28
N LYS A 40 -1.77 -1.25 -4.49
CA LYS A 40 -0.41 -1.55 -4.89
C LYS A 40 -0.03 -0.68 -6.09
N ILE A 41 1.27 -0.51 -6.25
CA ILE A 41 1.78 0.30 -7.35
C ILE A 41 2.76 -0.54 -8.18
N GLU A 42 2.71 -0.31 -9.49
CA GLU A 42 3.58 -1.04 -10.40
C GLU A 42 4.15 -0.09 -11.46
N PRO A 43 5.25 -0.56 -12.12
CA PRO A 43 5.80 -1.87 -11.82
C PRO A 43 6.56 -1.85 -10.49
N CYS A 44 6.82 -0.64 -10.01
CA CYS A 44 7.54 -0.46 -8.75
C CYS A 44 7.17 -1.54 -7.75
N GLY A 45 5.96 -1.47 -7.22
CA GLY A 45 5.51 -2.46 -6.25
C GLY A 45 5.22 -1.80 -4.90
N HIS A 46 5.11 -0.49 -4.93
CA HIS A 46 4.84 0.26 -3.71
C HIS A 46 3.39 0.06 -3.28
N LEU A 47 3.18 0.08 -1.98
CA LEU A 47 1.85 -0.09 -1.44
C LEU A 47 1.45 1.15 -0.64
N MET A 48 0.14 1.32 -0.48
CA MET A 48 -0.38 2.46 0.25
C MET A 48 -1.89 2.36 0.41
N CYS A 49 -2.43 3.28 1.20
CA CYS A 49 -3.87 3.30 1.45
C CYS A 49 -4.53 4.18 0.38
N THR A 50 -5.39 3.55 -0.40
CA THR A 50 -6.10 4.26 -1.45
C THR A 50 -6.79 5.51 -0.89
N SER A 51 -7.43 5.34 0.24
CA SER A 51 -8.13 6.44 0.89
C SER A 51 -7.16 7.59 1.14
N CYS A 52 -5.90 7.24 1.32
CA CYS A 52 -4.86 8.23 1.56
C CYS A 52 -4.44 8.82 0.22
N LEU A 53 -4.20 7.93 -0.74
CA LEU A 53 -3.78 8.36 -2.06
C LEU A 53 -4.61 9.57 -2.48
N THR A 54 -5.87 9.57 -2.08
CA THR A 54 -6.77 10.66 -2.41
C THR A 54 -6.26 11.97 -1.81
N ALA A 55 -5.98 11.94 -0.51
CA ALA A 55 -5.48 13.10 0.19
C ALA A 55 -4.27 13.67 -0.57
N TRP A 56 -3.64 12.79 -1.34
CA TRP A 56 -2.48 13.19 -2.12
C TRP A 56 -2.98 13.80 -3.43
N GLN A 57 -3.62 12.97 -4.23
CA GLN A 57 -4.14 13.42 -5.51
C GLN A 57 -5.01 14.67 -5.32
N GLU A 58 -5.41 14.88 -4.08
CA GLU A 58 -6.25 16.03 -3.75
C GLU A 58 -5.82 17.25 -4.58
N SER A 59 -4.59 17.68 -4.35
CA SER A 59 -4.05 18.82 -5.06
C SER A 59 -2.80 18.42 -5.84
N ASP A 60 -2.16 17.36 -5.37
CA ASP A 60 -0.96 16.86 -6.01
C ASP A 60 -1.35 15.98 -7.19
N GLY A 61 -1.41 14.68 -6.93
CA GLY A 61 -1.76 13.71 -7.97
C GLY A 61 -0.65 13.58 -9.00
N GLN A 62 0.57 13.82 -8.54
CA GLN A 62 1.74 13.74 -9.41
C GLN A 62 2.31 12.32 -9.39
N GLY A 63 1.53 11.39 -9.95
CA GLY A 63 1.95 10.00 -10.00
C GLY A 63 2.04 9.41 -8.60
N CYS A 64 2.72 8.27 -8.51
CA CYS A 64 2.89 7.59 -7.24
C CYS A 64 3.58 8.55 -6.27
N PRO A 65 2.97 8.68 -5.06
CA PRO A 65 3.52 9.56 -4.04
C PRO A 65 4.74 8.94 -3.39
N PHE A 66 5.04 7.72 -3.80
CA PHE A 66 6.20 7.01 -3.25
C PHE A 66 7.43 7.22 -4.13
N CYS A 67 7.21 7.20 -5.44
CA CYS A 67 8.30 7.39 -6.38
C CYS A 67 8.09 8.73 -7.08
N ARG A 68 7.13 9.49 -6.57
CA ARG A 68 6.81 10.79 -7.14
C ARG A 68 6.92 10.74 -8.66
N CYS A 69 6.64 9.57 -9.21
CA CYS A 69 6.70 9.37 -10.65
C CYS A 69 5.35 8.81 -11.12
N GLU A 70 5.13 8.92 -12.42
CA GLU A 70 3.89 8.43 -13.00
C GLU A 70 3.72 6.94 -12.73
N ILE A 71 2.47 6.54 -12.57
CA ILE A 71 2.16 5.14 -12.29
C ILE A 71 1.88 4.42 -13.62
N LYS A 72 2.13 3.12 -13.61
CA LYS A 72 1.90 2.30 -14.79
C LYS A 72 0.77 1.31 -14.52
N GLY A 73 0.85 0.67 -13.36
CA GLY A 73 -0.16 -0.30 -12.97
C GLY A 73 -0.65 -0.03 -11.55
N THR A 74 -1.94 -0.29 -11.35
CA THR A 74 -2.54 -0.09 -10.04
C THR A 74 -3.81 -0.94 -9.90
N GLU A 75 -3.75 -1.86 -8.96
CA GLU A 75 -4.89 -2.74 -8.72
C GLU A 75 -5.13 -2.89 -7.21
N PRO A 76 -6.42 -3.10 -6.86
CA PRO A 76 -6.80 -3.26 -5.46
C PRO A 76 -6.40 -4.64 -4.94
N ILE A 77 -5.31 -4.66 -4.19
CA ILE A 77 -4.81 -5.91 -3.63
C ILE A 77 -5.17 -5.97 -2.14
N ILE A 78 -5.18 -7.19 -1.61
CA ILE A 78 -5.50 -7.40 -0.21
C ILE A 78 -4.29 -8.03 0.49
N VAL A 79 -3.60 -7.21 1.27
CA VAL A 79 -2.44 -7.67 2.00
C VAL A 79 -2.90 -8.48 3.22
N ASP A 80 -2.06 -9.45 3.59
CA ASP A 80 -2.37 -10.30 4.72
C ASP A 80 -1.18 -10.31 5.68
N PRO A 81 -1.50 -10.35 7.00
CA PRO A 81 -0.47 -10.35 8.02
C PRO A 81 0.19 -11.73 8.12
N PHE A 82 1.16 -11.83 9.02
CA PHE A 82 1.88 -13.07 9.21
C PHE A 82 0.95 -14.17 9.71
ZN ZN B . -2.68 6.28 5.39
ZN ZN C . 5.14 3.70 -6.93
N GLY A 1 -14.07 -15.71 3.76
CA GLY A 1 -15.52 -15.54 3.70
C GLY A 1 -15.93 -14.73 2.47
N PRO A 2 -15.36 -13.51 2.37
CA PRO A 2 -15.67 -12.63 1.26
C PRO A 2 -14.96 -13.10 -0.02
N HIS A 3 -15.21 -12.36 -1.09
CA HIS A 3 -14.61 -12.69 -2.37
C HIS A 3 -14.68 -11.48 -3.30
N MET A 4 -13.52 -11.08 -3.80
CA MET A 4 -13.45 -9.94 -4.69
C MET A 4 -12.34 -10.14 -5.74
N GLY A 5 -12.38 -9.30 -6.76
CA GLY A 5 -11.39 -9.37 -7.83
C GLY A 5 -10.02 -8.91 -7.34
N SER A 6 -10.04 -7.99 -6.37
CA SER A 6 -8.81 -7.48 -5.81
C SER A 6 -7.80 -8.61 -5.63
N ASP A 7 -6.52 -8.25 -5.70
CA ASP A 7 -5.46 -9.21 -5.53
C ASP A 7 -5.25 -9.49 -4.04
N HIS A 8 -4.36 -10.44 -3.77
CA HIS A 8 -4.06 -10.80 -2.39
C HIS A 8 -2.55 -10.97 -2.23
N ILE A 9 -2.05 -10.47 -1.11
CA ILE A 9 -0.63 -10.56 -0.82
C ILE A 9 -0.42 -11.31 0.49
N LYS A 10 0.78 -11.84 0.67
CA LYS A 10 1.12 -12.58 1.86
C LYS A 10 2.34 -11.94 2.53
N VAL A 11 2.29 -11.87 3.85
CA VAL A 11 3.38 -11.30 4.61
C VAL A 11 4.26 -12.41 5.17
N THR A 12 5.55 -12.14 5.21
CA THR A 12 6.51 -13.11 5.72
C THR A 12 7.08 -12.65 7.06
N GLN A 13 7.48 -13.62 7.87
CA GLN A 13 8.05 -13.33 9.17
C GLN A 13 9.03 -12.14 9.07
N GLU A 14 9.96 -12.27 8.14
CA GLU A 14 10.96 -11.23 7.93
C GLU A 14 10.30 -9.86 7.95
N GLN A 15 9.23 -9.73 7.19
CA GLN A 15 8.50 -8.48 7.11
C GLN A 15 7.98 -8.08 8.49
N TYR A 16 7.65 -9.10 9.27
CA TYR A 16 7.14 -8.87 10.62
C TYR A 16 8.24 -8.37 11.55
N GLU A 17 9.26 -9.20 11.72
CA GLU A 17 10.38 -8.85 12.58
C GLU A 17 10.96 -7.50 12.16
N LEU A 18 11.30 -7.41 10.89
CA LEU A 18 11.87 -6.19 10.34
C LEU A 18 10.98 -5.00 10.71
N PTR A 19 9.68 -5.27 10.75
CA PTR A 19 8.69 -4.25 11.08
C PTR A 19 8.51 -4.15 12.59
O PTR A 19 8.03 -3.13 13.07
CB PTR A 19 7.36 -4.55 10.41
CG PTR A 19 7.29 -4.14 8.96
CD1 PTR A 19 8.30 -4.49 8.07
CD2 PTR A 19 6.23 -3.38 8.48
CE1 PTR A 19 8.26 -4.11 6.74
CE2 PTR A 19 6.17 -3.01 7.14
CZ PTR A 19 7.19 -3.37 6.29
OH PTR A 19 7.13 -2.97 4.91
P PTR A 19 7.65 -1.49 4.45
O1P PTR A 19 8.84 -1.74 3.54
O2P PTR A 19 8.03 -0.77 5.73
O3P PTR A 19 6.48 -0.85 3.74
H PTR A 19 9.36 -6.18 10.53
HA PTR A 19 9.06 -3.30 10.72
HB2 PTR A 19 7.17 -5.62 10.45
HB3 PTR A 19 6.57 -4.03 10.94
HD1 PTR A 19 9.14 -5.08 8.44
HD2 PTR A 19 5.44 -3.10 9.15
HE1 PTR A 19 9.05 -4.40 6.07
HE2 PTR A 19 5.34 -2.42 6.79
N CYS A 20 8.89 -5.21 13.30
CA CYS A 20 8.76 -5.22 14.74
C CYS A 20 9.69 -4.15 15.32
N GLU A 21 10.68 -3.78 14.53
CA GLU A 21 11.63 -2.76 14.96
C GLU A 21 10.99 -1.38 14.91
N MET A 22 9.84 -1.32 14.25
CA MET A 22 9.12 -0.06 14.13
C MET A 22 7.71 -0.18 14.71
N GLY A 23 7.40 -1.38 15.19
CA GLY A 23 6.10 -1.63 15.78
C GLY A 23 4.98 -1.32 14.79
N SER A 24 5.19 -1.76 13.56
CA SER A 24 4.20 -1.54 12.51
C SER A 24 3.96 -2.83 11.74
N THR A 25 2.98 -2.77 10.84
CA THR A 25 2.65 -3.92 10.03
C THR A 25 2.89 -3.63 8.54
N PHE A 26 2.99 -4.71 7.78
CA PHE A 26 3.23 -4.59 6.35
C PHE A 26 2.07 -3.88 5.65
N GLN A 27 0.93 -4.56 5.62
CA GLN A 27 -0.25 -4.00 4.98
C GLN A 27 -0.44 -2.54 5.40
N LEU A 28 -0.09 -2.26 6.65
CA LEU A 28 -0.21 -0.92 7.18
C LEU A 28 0.45 0.07 6.22
N CYS A 29 -0.18 1.22 6.07
CA CYS A 29 0.33 2.27 5.19
C CYS A 29 1.35 3.15 5.91
N LYS A 30 2.33 3.63 5.18
CA LYS A 30 3.36 4.48 5.77
C LYS A 30 3.03 5.94 5.46
N ILE A 31 1.78 6.18 5.09
CA ILE A 31 1.34 7.53 4.78
C ILE A 31 0.70 8.15 6.02
N CYS A 32 -0.37 7.52 6.48
CA CYS A 32 -1.07 8.01 7.66
C CYS A 32 -0.69 7.12 8.85
N ALA A 33 -0.28 5.90 8.53
CA ALA A 33 0.12 4.95 9.56
C ALA A 33 -1.08 4.64 10.45
N GLU A 34 -2.21 4.39 9.80
CA GLU A 34 -3.43 4.08 10.53
C GLU A 34 -4.19 2.95 9.83
N ASN A 35 -4.37 3.12 8.53
CA ASN A 35 -5.07 2.12 7.74
C ASN A 35 -4.06 1.33 6.90
N ASP A 36 -4.58 0.31 6.23
CA ASP A 36 -3.73 -0.53 5.40
C ASP A 36 -3.59 0.10 4.01
N LYS A 37 -2.74 -0.50 3.21
CA LYS A 37 -2.50 -0.01 1.86
C LYS A 37 -3.64 -0.47 0.94
N ASP A 38 -3.84 -1.78 0.94
CA ASP A 38 -4.89 -2.37 0.11
C ASP A 38 -4.74 -1.87 -1.33
N VAL A 39 -3.51 -1.52 -1.68
CA VAL A 39 -3.22 -1.04 -3.01
C VAL A 39 -1.74 -1.29 -3.33
N LYS A 40 -1.38 -0.97 -4.57
CA LYS A 40 0.00 -1.15 -5.01
C LYS A 40 0.26 -0.25 -6.22
N ILE A 41 1.53 0.14 -6.36
CA ILE A 41 1.92 1.00 -7.46
C ILE A 41 2.88 0.23 -8.37
N GLU A 42 2.61 0.33 -9.67
CA GLU A 42 3.45 -0.34 -10.66
C GLU A 42 3.71 0.58 -11.86
N PRO A 43 4.76 0.23 -12.63
CA PRO A 43 5.57 -0.94 -12.31
C PRO A 43 6.49 -0.67 -11.13
N CYS A 44 6.46 0.58 -10.67
CA CYS A 44 7.28 0.99 -9.54
C CYS A 44 7.35 -0.11 -8.48
N GLY A 45 6.29 -0.21 -7.68
CA GLY A 45 6.25 -1.22 -6.64
C GLY A 45 6.10 -0.57 -5.26
N HIS A 46 5.34 0.51 -5.22
CA HIS A 46 5.11 1.23 -3.98
C HIS A 46 3.68 1.00 -3.52
N LEU A 47 3.55 0.66 -2.24
CA LEU A 47 2.24 0.42 -1.65
C LEU A 47 1.79 1.66 -0.88
N MET A 48 0.49 1.76 -0.68
CA MET A 48 -0.08 2.87 0.04
C MET A 48 -1.58 2.67 0.30
N CYS A 49 -2.15 3.59 1.05
CA CYS A 49 -3.56 3.52 1.38
C CYS A 49 -4.33 4.43 0.40
N THR A 50 -5.17 3.80 -0.40
CA THR A 50 -5.96 4.53 -1.38
C THR A 50 -6.56 5.78 -0.73
N SER A 51 -7.35 5.56 0.30
CA SER A 51 -7.99 6.66 1.01
C SER A 51 -7.01 7.82 1.16
N CYS A 52 -5.75 7.47 1.38
CA CYS A 52 -4.71 8.48 1.55
C CYS A 52 -4.36 9.03 0.16
N LEU A 53 -4.10 8.13 -0.76
CA LEU A 53 -3.75 8.51 -2.11
C LEU A 53 -4.67 9.64 -2.57
N THR A 54 -5.91 9.57 -2.12
CA THR A 54 -6.90 10.58 -2.48
C THR A 54 -6.48 11.94 -1.93
N ALA A 55 -6.06 11.94 -0.67
CA ALA A 55 -5.63 13.16 -0.01
C ALA A 55 -4.50 13.79 -0.81
N TRP A 56 -3.84 12.96 -1.60
CA TRP A 56 -2.73 13.41 -2.42
C TRP A 56 -3.31 13.96 -3.74
N GLN A 57 -3.91 13.05 -4.50
CA GLN A 57 -4.49 13.42 -5.78
C GLN A 57 -5.40 14.65 -5.60
N GLU A 58 -5.81 14.88 -4.37
CA GLU A 58 -6.67 16.01 -4.06
C GLU A 58 -6.26 17.23 -4.90
N SER A 59 -5.04 17.69 -4.65
CA SER A 59 -4.52 18.84 -5.36
C SER A 59 -3.22 18.47 -6.09
N ASP A 60 -2.57 17.44 -5.56
CA ASP A 60 -1.31 16.98 -6.13
C ASP A 60 -1.61 16.04 -7.30
N GLY A 61 -1.64 14.76 -7.00
CA GLY A 61 -1.91 13.75 -8.02
C GLY A 61 -0.78 13.69 -9.04
N GLN A 62 0.38 14.17 -8.62
CA GLN A 62 1.55 14.17 -9.49
C GLN A 62 2.22 12.80 -9.49
N GLY A 63 1.46 11.81 -9.96
CA GLY A 63 1.96 10.45 -10.02
C GLY A 63 2.16 9.87 -8.62
N CYS A 64 2.91 8.79 -8.55
CA CYS A 64 3.18 8.14 -7.28
C CYS A 64 3.78 9.17 -6.33
N PRO A 65 3.09 9.36 -5.17
CA PRO A 65 3.55 10.31 -4.17
C PRO A 65 4.74 9.76 -3.39
N PHE A 66 5.14 8.55 -3.77
CA PHE A 66 6.27 7.90 -3.12
C PHE A 66 7.57 8.20 -3.86
N CYS A 67 7.47 8.23 -5.18
CA CYS A 67 8.64 8.50 -6.01
C CYS A 67 8.30 9.66 -6.94
N ARG A 68 7.25 10.39 -6.58
CA ARG A 68 6.82 11.53 -7.37
C ARG A 68 6.97 11.23 -8.86
N CYS A 69 6.81 9.96 -9.20
CA CYS A 69 6.92 9.52 -10.58
C CYS A 69 5.57 9.00 -11.03
N GLU A 70 5.21 9.36 -12.26
CA GLU A 70 3.94 8.93 -12.83
C GLU A 70 3.71 7.44 -12.55
N ILE A 71 2.45 7.04 -12.62
CA ILE A 71 2.09 5.66 -12.39
C ILE A 71 1.53 5.05 -13.68
N LYS A 72 1.60 3.74 -13.76
CA LYS A 72 1.11 3.03 -14.92
C LYS A 72 0.17 1.91 -14.47
N GLY A 73 0.62 1.14 -13.50
CA GLY A 73 -0.17 0.05 -12.97
C GLY A 73 -0.70 0.36 -11.57
N THR A 74 -2.00 0.21 -11.41
CA THR A 74 -2.64 0.48 -10.14
C THR A 74 -3.97 -0.29 -10.04
N GLU A 75 -4.02 -1.19 -9.08
CA GLU A 75 -5.21 -1.99 -8.86
C GLU A 75 -5.47 -2.17 -7.36
N PRO A 76 -6.78 -2.33 -7.01
CA PRO A 76 -7.16 -2.51 -5.63
C PRO A 76 -6.83 -3.92 -5.15
N ILE A 77 -5.74 -4.03 -4.41
CA ILE A 77 -5.30 -5.31 -3.88
C ILE A 77 -5.60 -5.37 -2.38
N ILE A 78 -5.49 -6.57 -1.83
CA ILE A 78 -5.74 -6.78 -0.42
C ILE A 78 -4.54 -7.47 0.21
N VAL A 79 -3.78 -6.71 0.98
CA VAL A 79 -2.60 -7.23 1.65
C VAL A 79 -3.03 -8.01 2.90
N ASP A 80 -2.29 -9.06 3.18
CA ASP A 80 -2.58 -9.90 4.33
C ASP A 80 -1.31 -10.07 5.17
N PRO A 81 -1.51 -10.10 6.52
CA PRO A 81 -0.40 -10.25 7.43
C PRO A 81 0.11 -11.69 7.44
N PHE A 82 1.19 -11.90 8.19
CA PHE A 82 1.78 -13.23 8.28
C PHE A 82 0.90 -14.17 9.11
ZN ZN B . -1.89 6.67 4.79
ZN ZN C . 6.05 4.78 -6.29
#